data_7Q9R
# 
_entry.id   7Q9R 
# 
_audit_conform.dict_name       mmcif_pdbx.dic 
_audit_conform.dict_version    5.384 
_audit_conform.dict_location   http://mmcif.pdb.org/dictionaries/ascii/mmcif_pdbx.dic 
# 
loop_
_database_2.database_id 
_database_2.database_code 
_database_2.pdbx_database_accession 
_database_2.pdbx_DOI 
PDB   7Q9R         pdb_00007q9r 10.2210/pdb7q9r/pdb 
WWPDB D_1292105745 ?            ?                   
# 
loop_
_pdbx_audit_revision_history.ordinal 
_pdbx_audit_revision_history.data_content_type 
_pdbx_audit_revision_history.major_revision 
_pdbx_audit_revision_history.minor_revision 
_pdbx_audit_revision_history.revision_date 
1 'Structure model' 1 0 2022-01-19 
2 'Structure model' 1 1 2022-06-01 
3 'Structure model' 1 2 2024-01-31 
# 
_pdbx_audit_revision_details.ordinal             1 
_pdbx_audit_revision_details.revision_ordinal    1 
_pdbx_audit_revision_details.data_content_type   'Structure model' 
_pdbx_audit_revision_details.provider            repository 
_pdbx_audit_revision_details.type                'Initial release' 
_pdbx_audit_revision_details.description         ? 
_pdbx_audit_revision_details.details             ? 
# 
loop_
_pdbx_audit_revision_group.ordinal 
_pdbx_audit_revision_group.revision_ordinal 
_pdbx_audit_revision_group.data_content_type 
_pdbx_audit_revision_group.group 
1 2 'Structure model' 'Database references'    
2 3 'Structure model' 'Data collection'        
3 3 'Structure model' 'Derived calculations'   
4 3 'Structure model' 'Refinement description' 
# 
loop_
_pdbx_audit_revision_category.ordinal 
_pdbx_audit_revision_category.revision_ordinal 
_pdbx_audit_revision_category.data_content_type 
_pdbx_audit_revision_category.category 
1 2 'Structure model' citation                      
2 2 'Structure model' citation_author               
3 3 'Structure model' atom_type                     
4 3 'Structure model' chem_comp_atom                
5 3 'Structure model' chem_comp_bond                
6 3 'Structure model' pdbx_initial_refinement_model 
# 
loop_
_pdbx_audit_revision_item.ordinal 
_pdbx_audit_revision_item.revision_ordinal 
_pdbx_audit_revision_item.data_content_type 
_pdbx_audit_revision_item.item 
1  2 'Structure model' '_citation.country'                 
2  2 'Structure model' '_citation.journal_abbrev'          
3  2 'Structure model' '_citation.journal_id_ASTM'         
4  2 'Structure model' '_citation.journal_id_CSD'          
5  2 'Structure model' '_citation.journal_id_ISSN'         
6  2 'Structure model' '_citation.journal_volume'          
7  2 'Structure model' '_citation.page_first'              
8  2 'Structure model' '_citation.page_last'               
9  2 'Structure model' '_citation.pdbx_database_id_DOI'    
10 2 'Structure model' '_citation.pdbx_database_id_PubMed' 
11 2 'Structure model' '_citation.title'                   
12 2 'Structure model' '_citation.year'                    
13 3 'Structure model' '_atom_type.pdbx_N_electrons'       
14 3 'Structure model' '_atom_type.pdbx_scat_Z'            
# 
_pdbx_database_status.status_code                     REL 
_pdbx_database_status.status_code_sf                  REL 
_pdbx_database_status.status_code_mr                  ? 
_pdbx_database_status.entry_id                        7Q9R 
_pdbx_database_status.recvd_initial_deposition_date   2021-11-14 
_pdbx_database_status.SG_entry                        N 
_pdbx_database_status.deposit_site                    PDBE 
_pdbx_database_status.process_site                    PDBE 
_pdbx_database_status.status_code_cs                  ? 
_pdbx_database_status.status_code_nmr_data            ? 
_pdbx_database_status.methods_development_category    ? 
_pdbx_database_status.pdb_format_compatible           N 
# 
loop_
_audit_author.name 
_audit_author.pdbx_ordinal 
_audit_author.identifier_ORCID 
'Yelland, T.' 1 ? 
'Ismail, S.'  2 ? 
# 
_citation.abstract                  ? 
_citation.abstract_id_CAS           ? 
_citation.book_id_ISBN              ? 
_citation.book_publisher            ? 
_citation.book_publisher_city       ? 
_citation.book_title                ? 
_citation.coordinate_linkage        ? 
_citation.country                   US 
_citation.database_id_Medline       ? 
_citation.details                   ? 
_citation.id                        primary 
_citation.journal_abbrev            J.Med.Chem. 
_citation.journal_id_ASTM           JMCMAR 
_citation.journal_id_CSD            0151 
_citation.journal_id_ISSN           0022-2623 
_citation.journal_full              ? 
_citation.journal_issue             ? 
_citation.journal_volume            65 
_citation.language                  ? 
_citation.page_first                1898 
_citation.page_last                 1914 
_citation.title                     'Stabilization of the RAS:PDE6D Complex Is a Novel Strategy to Inhibit RAS Signaling.' 
_citation.year                      2022 
_citation.database_id_CSD           ? 
_citation.pdbx_database_id_DOI      10.1021/acs.jmedchem.1c01265 
_citation.pdbx_database_id_PubMed   35104933 
_citation.pdbx_database_id_patent   ? 
_citation.unpublished_flag          ? 
# 
loop_
_citation_author.citation_id 
_citation_author.name 
_citation_author.ordinal 
_citation_author.identifier_ORCID 
primary 'Yelland, T.'    1  ?                   
primary 'Garcia, E.'     2  ?                   
primary 'Parry, C.'      3  ?                   
primary 'Kowalczyk, D.'  4  ?                   
primary 'Wojnowska, M.'  5  ?                   
primary 'Gohlke, A.'     6  0000-0002-5447-5453 
primary 'Zalar, M.'      7  ?                   
primary 'Cameron, K.'    8  ?                   
primary 'Goodwin, G.'    9  ?                   
primary 'Yu, Q.'         10 ?                   
primary 'Zhu, P.C.'      11 ?                   
primary 'ElMaghloob, Y.' 12 ?                   
primary 'Pugliese, A.'   13 ?                   
primary 'Archibald, L.'  14 ?                   
primary 'Jamieson, A.'   15 0000-0003-1726-7353 
primary 'Chen, Y.X.'     16 0000-0003-3518-0139 
primary 'McArthur, D.'   17 ?                   
primary 'Bower, J.'      18 ?                   
primary 'Ismail, S.'     19 0000-0002-4150-1077 
# 
loop_
_entity.id 
_entity.type 
_entity.src_method 
_entity.pdbx_description 
_entity.formula_weight 
_entity.pdbx_number_of_molecules 
_entity.pdbx_ec 
_entity.pdbx_mutation 
_entity.pdbx_fragment 
_entity.details 
1 polymer     man 
;Retinal rod rhodopsin-sensitive cGMP 3',5'-cyclic phosphodiesterase subunit delta
;
17440.990 1  ? ? ? ? 
2 non-polymer syn FARNESYL                                                                            206.367   1  ? ? ? ? 
3 non-polymer syn 1,2-ETHANEDIOL                                                                      62.068    4  ? ? ? ? 
4 non-polymer syn 'SULFATE ION'                                                                       96.063    3  ? ? ? ? 
5 water       nat water                                                                               18.015    59 ? ? ? ? 
# 
_entity_name_com.entity_id   1 
_entity_name_com.name        'GMP-PDE delta,Protein p17' 
# 
_entity_poly.entity_id                      1 
_entity_poly.type                           'polypeptide(L)' 
_entity_poly.nstd_linkage                   no 
_entity_poly.nstd_monomer                   no 
_entity_poly.pdbx_seq_one_letter_code       
;MSAKDERAREILRGFKLNWMNLRDAETGKILWQGTEDLSVPGVEHEARVPKKILKCKAVSRELNFSSTEQMEKFRLEQKV
YFKGQCLEEWFFEFGFVIPNSTNTWQSLIEAAPESQMMPASVLTGNVIIETKFFDDDLLVSTSRVRLFYV
;
_entity_poly.pdbx_seq_one_letter_code_can   
;MSAKDERAREILRGFKLNWMNLRDAETGKILWQGTEDLSVPGVEHEARVPKKILKCKAVSRELNFSSTEQMEKFRLEQKV
YFKGQCLEEWFFEFGFVIPNSTNTWQSLIEAAPESQMMPASVLTGNVIIETKFFDDDLLVSTSRVRLFYV
;
_entity_poly.pdbx_strand_id                 BBB 
_entity_poly.pdbx_target_identifier         ? 
# 
loop_
_pdbx_entity_nonpoly.entity_id 
_pdbx_entity_nonpoly.name 
_pdbx_entity_nonpoly.comp_id 
2 FARNESYL       FAR 
3 1,2-ETHANEDIOL EDO 
4 'SULFATE ION'  SO4 
5 water          HOH 
# 
loop_
_entity_poly_seq.entity_id 
_entity_poly_seq.num 
_entity_poly_seq.mon_id 
_entity_poly_seq.hetero 
1 1   MET n 
1 2   SER n 
1 3   ALA n 
1 4   LYS n 
1 5   ASP n 
1 6   GLU n 
1 7   ARG n 
1 8   ALA n 
1 9   ARG n 
1 10  GLU n 
1 11  ILE n 
1 12  LEU n 
1 13  ARG n 
1 14  GLY n 
1 15  PHE n 
1 16  LYS n 
1 17  LEU n 
1 18  ASN n 
1 19  TRP n 
1 20  MET n 
1 21  ASN n 
1 22  LEU n 
1 23  ARG n 
1 24  ASP n 
1 25  ALA n 
1 26  GLU n 
1 27  THR n 
1 28  GLY n 
1 29  LYS n 
1 30  ILE n 
1 31  LEU n 
1 32  TRP n 
1 33  GLN n 
1 34  GLY n 
1 35  THR n 
1 36  GLU n 
1 37  ASP n 
1 38  LEU n 
1 39  SER n 
1 40  VAL n 
1 41  PRO n 
1 42  GLY n 
1 43  VAL n 
1 44  GLU n 
1 45  HIS n 
1 46  GLU n 
1 47  ALA n 
1 48  ARG n 
1 49  VAL n 
1 50  PRO n 
1 51  LYS n 
1 52  LYS n 
1 53  ILE n 
1 54  LEU n 
1 55  LYS n 
1 56  CYS n 
1 57  LYS n 
1 58  ALA n 
1 59  VAL n 
1 60  SER n 
1 61  ARG n 
1 62  GLU n 
1 63  LEU n 
1 64  ASN n 
1 65  PHE n 
1 66  SER n 
1 67  SER n 
1 68  THR n 
1 69  GLU n 
1 70  GLN n 
1 71  MET n 
1 72  GLU n 
1 73  LYS n 
1 74  PHE n 
1 75  ARG n 
1 76  LEU n 
1 77  GLU n 
1 78  GLN n 
1 79  LYS n 
1 80  VAL n 
1 81  TYR n 
1 82  PHE n 
1 83  LYS n 
1 84  GLY n 
1 85  GLN n 
1 86  CYS n 
1 87  LEU n 
1 88  GLU n 
1 89  GLU n 
1 90  TRP n 
1 91  PHE n 
1 92  PHE n 
1 93  GLU n 
1 94  PHE n 
1 95  GLY n 
1 96  PHE n 
1 97  VAL n 
1 98  ILE n 
1 99  PRO n 
1 100 ASN n 
1 101 SER n 
1 102 THR n 
1 103 ASN n 
1 104 THR n 
1 105 TRP n 
1 106 GLN n 
1 107 SER n 
1 108 LEU n 
1 109 ILE n 
1 110 GLU n 
1 111 ALA n 
1 112 ALA n 
1 113 PRO n 
1 114 GLU n 
1 115 SER n 
1 116 GLN n 
1 117 MET n 
1 118 MET n 
1 119 PRO n 
1 120 ALA n 
1 121 SER n 
1 122 VAL n 
1 123 LEU n 
1 124 THR n 
1 125 GLY n 
1 126 ASN n 
1 127 VAL n 
1 128 ILE n 
1 129 ILE n 
1 130 GLU n 
1 131 THR n 
1 132 LYS n 
1 133 PHE n 
1 134 PHE n 
1 135 ASP n 
1 136 ASP n 
1 137 ASP n 
1 138 LEU n 
1 139 LEU n 
1 140 VAL n 
1 141 SER n 
1 142 THR n 
1 143 SER n 
1 144 ARG n 
1 145 VAL n 
1 146 ARG n 
1 147 LEU n 
1 148 PHE n 
1 149 TYR n 
1 150 VAL n 
# 
_entity_src_gen.entity_id                          1 
_entity_src_gen.pdbx_src_id                        1 
_entity_src_gen.pdbx_alt_source_flag               sample 
_entity_src_gen.pdbx_seq_type                      'Biological sequence' 
_entity_src_gen.pdbx_beg_seq_num                   1 
_entity_src_gen.pdbx_end_seq_num                   150 
_entity_src_gen.gene_src_common_name               Human 
_entity_src_gen.gene_src_genus                     ? 
_entity_src_gen.pdbx_gene_src_gene                 'PDE6D, PDED' 
_entity_src_gen.gene_src_species                   ? 
_entity_src_gen.gene_src_strain                    ? 
_entity_src_gen.gene_src_tissue                    ? 
_entity_src_gen.gene_src_tissue_fraction           ? 
_entity_src_gen.gene_src_details                   ? 
_entity_src_gen.pdbx_gene_src_fragment             ? 
_entity_src_gen.pdbx_gene_src_scientific_name      'Homo sapiens' 
_entity_src_gen.pdbx_gene_src_ncbi_taxonomy_id     9606 
_entity_src_gen.pdbx_gene_src_variant              ? 
_entity_src_gen.pdbx_gene_src_cell_line            ? 
_entity_src_gen.pdbx_gene_src_atcc                 ? 
_entity_src_gen.pdbx_gene_src_organ                ? 
_entity_src_gen.pdbx_gene_src_organelle            ? 
_entity_src_gen.pdbx_gene_src_cell                 ? 
_entity_src_gen.pdbx_gene_src_cellular_location    ? 
_entity_src_gen.host_org_common_name               ? 
_entity_src_gen.pdbx_host_org_scientific_name      'Escherichia coli' 
_entity_src_gen.pdbx_host_org_ncbi_taxonomy_id     562 
_entity_src_gen.host_org_genus                     ? 
_entity_src_gen.pdbx_host_org_gene                 ? 
_entity_src_gen.pdbx_host_org_organ                ? 
_entity_src_gen.host_org_species                   ? 
_entity_src_gen.pdbx_host_org_tissue               ? 
_entity_src_gen.pdbx_host_org_tissue_fraction      ? 
_entity_src_gen.pdbx_host_org_strain               ? 
_entity_src_gen.pdbx_host_org_variant              ? 
_entity_src_gen.pdbx_host_org_cell_line            ? 
_entity_src_gen.pdbx_host_org_atcc                 ? 
_entity_src_gen.pdbx_host_org_culture_collection   ? 
_entity_src_gen.pdbx_host_org_cell                 ? 
_entity_src_gen.pdbx_host_org_organelle            ? 
_entity_src_gen.pdbx_host_org_cellular_location    ? 
_entity_src_gen.pdbx_host_org_vector_type          ? 
_entity_src_gen.pdbx_host_org_vector               ? 
_entity_src_gen.host_org_details                   ? 
_entity_src_gen.expression_system_id               ? 
_entity_src_gen.plasmid_name                       ? 
_entity_src_gen.plasmid_details                    ? 
_entity_src_gen.pdbx_description                   ? 
# 
loop_
_chem_comp.id 
_chem_comp.type 
_chem_comp.mon_nstd_flag 
_chem_comp.name 
_chem_comp.pdbx_synonyms 
_chem_comp.formula 
_chem_comp.formula_weight 
ALA 'L-peptide linking' y ALANINE         ?                 'C3 H7 N O2'     89.093  
ARG 'L-peptide linking' y ARGININE        ?                 'C6 H15 N4 O2 1' 175.209 
ASN 'L-peptide linking' y ASPARAGINE      ?                 'C4 H8 N2 O3'    132.118 
ASP 'L-peptide linking' y 'ASPARTIC ACID' ?                 'C4 H7 N O4'     133.103 
CYS 'L-peptide linking' y CYSTEINE        ?                 'C3 H7 N O2 S'   121.158 
EDO non-polymer         . 1,2-ETHANEDIOL  'ETHYLENE GLYCOL' 'C2 H6 O2'       62.068  
FAR non-polymer         . FARNESYL        ?                 'C15 H26'        206.367 
GLN 'L-peptide linking' y GLUTAMINE       ?                 'C5 H10 N2 O3'   146.144 
GLU 'L-peptide linking' y 'GLUTAMIC ACID' ?                 'C5 H9 N O4'     147.129 
GLY 'peptide linking'   y GLYCINE         ?                 'C2 H5 N O2'     75.067  
HIS 'L-peptide linking' y HISTIDINE       ?                 'C6 H10 N3 O2 1' 156.162 
HOH non-polymer         . WATER           ?                 'H2 O'           18.015  
ILE 'L-peptide linking' y ISOLEUCINE      ?                 'C6 H13 N O2'    131.173 
LEU 'L-peptide linking' y LEUCINE         ?                 'C6 H13 N O2'    131.173 
LYS 'L-peptide linking' y LYSINE          ?                 'C6 H15 N2 O2 1' 147.195 
MET 'L-peptide linking' y METHIONINE      ?                 'C5 H11 N O2 S'  149.211 
PHE 'L-peptide linking' y PHENYLALANINE   ?                 'C9 H11 N O2'    165.189 
PRO 'L-peptide linking' y PROLINE         ?                 'C5 H9 N O2'     115.130 
SER 'L-peptide linking' y SERINE          ?                 'C3 H7 N O3'     105.093 
SO4 non-polymer         . 'SULFATE ION'   ?                 'O4 S -2'        96.063  
THR 'L-peptide linking' y THREONINE       ?                 'C4 H9 N O3'     119.119 
TRP 'L-peptide linking' y TRYPTOPHAN      ?                 'C11 H12 N2 O2'  204.225 
TYR 'L-peptide linking' y TYROSINE        ?                 'C9 H11 N O3'    181.189 
VAL 'L-peptide linking' y VALINE          ?                 'C5 H11 N O2'    117.146 
# 
loop_
_pdbx_poly_seq_scheme.asym_id 
_pdbx_poly_seq_scheme.entity_id 
_pdbx_poly_seq_scheme.seq_id 
_pdbx_poly_seq_scheme.mon_id 
_pdbx_poly_seq_scheme.ndb_seq_num 
_pdbx_poly_seq_scheme.pdb_seq_num 
_pdbx_poly_seq_scheme.auth_seq_num 
_pdbx_poly_seq_scheme.pdb_mon_id 
_pdbx_poly_seq_scheme.auth_mon_id 
_pdbx_poly_seq_scheme.pdb_strand_id 
_pdbx_poly_seq_scheme.pdb_ins_code 
_pdbx_poly_seq_scheme.hetero 
A 1 1   MET 1   1   1   MET MET BBB . n 
A 1 2   SER 2   2   2   SER SER BBB . n 
A 1 3   ALA 3   3   3   ALA ALA BBB . n 
A 1 4   LYS 4   4   4   LYS LYS BBB . n 
A 1 5   ASP 5   5   5   ASP ASP BBB . n 
A 1 6   GLU 6   6   6   GLU GLU BBB . n 
A 1 7   ARG 7   7   7   ARG ARG BBB . n 
A 1 8   ALA 8   8   8   ALA ALA BBB . n 
A 1 9   ARG 9   9   9   ARG ARG BBB . n 
A 1 10  GLU 10  10  10  GLU GLU BBB . n 
A 1 11  ILE 11  11  11  ILE ILE BBB . n 
A 1 12  LEU 12  12  12  LEU LEU BBB . n 
A 1 13  ARG 13  13  13  ARG ARG BBB . n 
A 1 14  GLY 14  14  14  GLY GLY BBB . n 
A 1 15  PHE 15  15  15  PHE PHE BBB . n 
A 1 16  LYS 16  16  16  LYS LYS BBB . n 
A 1 17  LEU 17  17  17  LEU LEU BBB . n 
A 1 18  ASN 18  18  18  ASN ASN BBB . n 
A 1 19  TRP 19  19  19  TRP TRP BBB . n 
A 1 20  MET 20  20  20  MET MET BBB . n 
A 1 21  ASN 21  21  21  ASN ASN BBB . n 
A 1 22  LEU 22  22  22  LEU LEU BBB . n 
A 1 23  ARG 23  23  23  ARG ARG BBB . n 
A 1 24  ASP 24  24  24  ASP ASP BBB . n 
A 1 25  ALA 25  25  25  ALA ALA BBB . n 
A 1 26  GLU 26  26  26  GLU GLU BBB . n 
A 1 27  THR 27  27  27  THR THR BBB . n 
A 1 28  GLY 28  28  28  GLY GLY BBB . n 
A 1 29  LYS 29  29  29  LYS LYS BBB . n 
A 1 30  ILE 30  30  30  ILE ILE BBB . n 
A 1 31  LEU 31  31  31  LEU LEU BBB . n 
A 1 32  TRP 32  32  32  TRP TRP BBB . n 
A 1 33  GLN 33  33  33  GLN GLN BBB . n 
A 1 34  GLY 34  34  34  GLY GLY BBB . n 
A 1 35  THR 35  35  35  THR THR BBB . n 
A 1 36  GLU 36  36  36  GLU GLU BBB . n 
A 1 37  ASP 37  37  37  ASP ASP BBB . n 
A 1 38  LEU 38  38  38  LEU LEU BBB . n 
A 1 39  SER 39  39  39  SER SER BBB . n 
A 1 40  VAL 40  40  40  VAL VAL BBB . n 
A 1 41  PRO 41  41  41  PRO PRO BBB . n 
A 1 42  GLY 42  42  42  GLY GLY BBB . n 
A 1 43  VAL 43  43  43  VAL VAL BBB . n 
A 1 44  GLU 44  44  44  GLU GLU BBB . n 
A 1 45  HIS 45  45  45  HIS HIS BBB . n 
A 1 46  GLU 46  46  46  GLU GLU BBB . n 
A 1 47  ALA 47  47  47  ALA ALA BBB . n 
A 1 48  ARG 48  48  48  ARG ARG BBB . n 
A 1 49  VAL 49  49  49  VAL VAL BBB . n 
A 1 50  PRO 50  50  50  PRO PRO BBB . n 
A 1 51  LYS 51  51  51  LYS LYS BBB . n 
A 1 52  LYS 52  52  52  LYS LYS BBB . n 
A 1 53  ILE 53  53  53  ILE ILE BBB . n 
A 1 54  LEU 54  54  54  LEU LEU BBB . n 
A 1 55  LYS 55  55  55  LYS LYS BBB . n 
A 1 56  CYS 56  56  56  CYS CYS BBB . n 
A 1 57  LYS 57  57  57  LYS LYS BBB . n 
A 1 58  ALA 58  58  58  ALA ALA BBB . n 
A 1 59  VAL 59  59  59  VAL VAL BBB . n 
A 1 60  SER 60  60  60  SER SER BBB . n 
A 1 61  ARG 61  61  61  ARG ARG BBB . n 
A 1 62  GLU 62  62  62  GLU GLU BBB . n 
A 1 63  LEU 63  63  63  LEU LEU BBB . n 
A 1 64  ASN 64  64  64  ASN ASN BBB . n 
A 1 65  PHE 65  65  65  PHE PHE BBB . n 
A 1 66  SER 66  66  66  SER SER BBB . n 
A 1 67  SER 67  67  67  SER SER BBB . n 
A 1 68  THR 68  68  68  THR THR BBB . n 
A 1 69  GLU 69  69  69  GLU GLU BBB . n 
A 1 70  GLN 70  70  70  GLN GLN BBB . n 
A 1 71  MET 71  71  71  MET MET BBB . n 
A 1 72  GLU 72  72  72  GLU GLU BBB . n 
A 1 73  LYS 73  73  73  LYS LYS BBB . n 
A 1 74  PHE 74  74  74  PHE PHE BBB . n 
A 1 75  ARG 75  75  75  ARG ARG BBB . n 
A 1 76  LEU 76  76  76  LEU LEU BBB . n 
A 1 77  GLU 77  77  77  GLU GLU BBB . n 
A 1 78  GLN 78  78  78  GLN GLN BBB . n 
A 1 79  LYS 79  79  79  LYS LYS BBB . n 
A 1 80  VAL 80  80  80  VAL VAL BBB . n 
A 1 81  TYR 81  81  81  TYR TYR BBB . n 
A 1 82  PHE 82  82  82  PHE PHE BBB . n 
A 1 83  LYS 83  83  83  LYS LYS BBB . n 
A 1 84  GLY 84  84  84  GLY GLY BBB . n 
A 1 85  GLN 85  85  85  GLN GLN BBB . n 
A 1 86  CYS 86  86  86  CYS CYS BBB . n 
A 1 87  LEU 87  87  87  LEU LEU BBB . n 
A 1 88  GLU 88  88  88  GLU GLU BBB . n 
A 1 89  GLU 89  89  89  GLU GLU BBB . n 
A 1 90  TRP 90  90  90  TRP TRP BBB . n 
A 1 91  PHE 91  91  91  PHE PHE BBB . n 
A 1 92  PHE 92  92  92  PHE PHE BBB . n 
A 1 93  GLU 93  93  93  GLU GLU BBB . n 
A 1 94  PHE 94  94  94  PHE PHE BBB . n 
A 1 95  GLY 95  95  95  GLY GLY BBB . n 
A 1 96  PHE 96  96  96  PHE PHE BBB . n 
A 1 97  VAL 97  97  97  VAL VAL BBB . n 
A 1 98  ILE 98  98  98  ILE ILE BBB . n 
A 1 99  PRO 99  99  99  PRO PRO BBB . n 
A 1 100 ASN 100 100 100 ASN ASN BBB . n 
A 1 101 SER 101 101 101 SER SER BBB . n 
A 1 102 THR 102 102 102 THR THR BBB . n 
A 1 103 ASN 103 103 103 ASN ASN BBB . n 
A 1 104 THR 104 104 104 THR THR BBB . n 
A 1 105 TRP 105 105 105 TRP TRP BBB . n 
A 1 106 GLN 106 106 106 GLN GLN BBB . n 
A 1 107 SER 107 107 107 SER SER BBB . n 
A 1 108 LEU 108 108 108 LEU LEU BBB . n 
A 1 109 ILE 109 109 109 ILE ILE BBB . n 
A 1 110 GLU 110 110 110 GLU GLU BBB . n 
A 1 111 ALA 111 111 111 ALA ALA BBB . n 
A 1 112 ALA 112 112 112 ALA ALA BBB . n 
A 1 113 PRO 113 113 113 PRO PRO BBB . n 
A 1 114 GLU 114 114 ?   ?   ?   BBB . n 
A 1 115 SER 115 115 ?   ?   ?   BBB . n 
A 1 116 GLN 116 116 ?   ?   ?   BBB . n 
A 1 117 MET 117 117 117 MET MET BBB . n 
A 1 118 MET 118 118 118 MET MET BBB . n 
A 1 119 PRO 119 119 119 PRO PRO BBB . n 
A 1 120 ALA 120 120 120 ALA ALA BBB . n 
A 1 121 SER 121 121 121 SER SER BBB . n 
A 1 122 VAL 122 122 122 VAL VAL BBB . n 
A 1 123 LEU 123 123 123 LEU LEU BBB . n 
A 1 124 THR 124 124 124 THR THR BBB . n 
A 1 125 GLY 125 125 125 GLY GLY BBB . n 
A 1 126 ASN 126 126 126 ASN ASN BBB . n 
A 1 127 VAL 127 127 127 VAL VAL BBB . n 
A 1 128 ILE 128 128 128 ILE ILE BBB . n 
A 1 129 ILE 129 129 129 ILE ILE BBB . n 
A 1 130 GLU 130 130 130 GLU GLU BBB . n 
A 1 131 THR 131 131 131 THR THR BBB . n 
A 1 132 LYS 132 132 132 LYS LYS BBB . n 
A 1 133 PHE 133 133 133 PHE PHE BBB . n 
A 1 134 PHE 134 134 134 PHE PHE BBB . n 
A 1 135 ASP 135 135 135 ASP ASP BBB . n 
A 1 136 ASP 136 136 136 ASP ASP BBB . n 
A 1 137 ASP 137 137 137 ASP ASP BBB . n 
A 1 138 LEU 138 138 138 LEU LEU BBB . n 
A 1 139 LEU 139 139 139 LEU LEU BBB . n 
A 1 140 VAL 140 140 140 VAL VAL BBB . n 
A 1 141 SER 141 141 141 SER SER BBB . n 
A 1 142 THR 142 142 142 THR THR BBB . n 
A 1 143 SER 143 143 143 SER SER BBB . n 
A 1 144 ARG 144 144 144 ARG ARG BBB . n 
A 1 145 VAL 145 145 145 VAL VAL BBB . n 
A 1 146 ARG 146 146 146 ARG ARG BBB . n 
A 1 147 LEU 147 147 147 LEU LEU BBB . n 
A 1 148 PHE 148 148 148 PHE PHE BBB . n 
A 1 149 TYR 149 149 149 TYR TYR BBB . n 
A 1 150 VAL 150 150 150 VAL VAL BBB . n 
# 
loop_
_pdbx_nonpoly_scheme.asym_id 
_pdbx_nonpoly_scheme.entity_id 
_pdbx_nonpoly_scheme.mon_id 
_pdbx_nonpoly_scheme.ndb_seq_num 
_pdbx_nonpoly_scheme.pdb_seq_num 
_pdbx_nonpoly_scheme.auth_seq_num 
_pdbx_nonpoly_scheme.pdb_mon_id 
_pdbx_nonpoly_scheme.auth_mon_id 
_pdbx_nonpoly_scheme.pdb_strand_id 
_pdbx_nonpoly_scheme.pdb_ins_code 
B 2 FAR 1  201 201 FAR FAR BBB . 
C 3 EDO 1  202 401 EDO EDO BBB . 
D 3 EDO 1  203 501 EDO EDO BBB . 
E 3 EDO 1  204 601 EDO EDO BBB . 
F 3 EDO 1  205 801 EDO EDO BBB . 
G 4 SO4 1  206 1   SO4 SO4 BBB . 
H 4 SO4 1  207 2   SO4 SO4 BBB . 
I 4 SO4 1  208 3   SO4 SO4 BBB . 
J 5 HOH 1  301 36  HOH HOH BBB . 
J 5 HOH 2  302 53  HOH HOH BBB . 
J 5 HOH 3  303 42  HOH HOH BBB . 
J 5 HOH 4  304 19  HOH HOH BBB . 
J 5 HOH 5  305 57  HOH HOH BBB . 
J 5 HOH 6  306 15  HOH HOH BBB . 
J 5 HOH 7  307 30  HOH HOH BBB . 
J 5 HOH 8  308 58  HOH HOH BBB . 
J 5 HOH 9  309 25  HOH HOH BBB . 
J 5 HOH 10 310 51  HOH HOH BBB . 
J 5 HOH 11 311 4   HOH HOH BBB . 
J 5 HOH 12 312 62  HOH HOH BBB . 
J 5 HOH 13 313 43  HOH HOH BBB . 
J 5 HOH 14 314 8   HOH HOH BBB . 
J 5 HOH 15 315 12  HOH HOH BBB . 
J 5 HOH 16 316 49  HOH HOH BBB . 
J 5 HOH 17 317 10  HOH HOH BBB . 
J 5 HOH 18 318 60  HOH HOH BBB . 
J 5 HOH 19 319 34  HOH HOH BBB . 
J 5 HOH 20 320 7   HOH HOH BBB . 
J 5 HOH 21 321 64  HOH HOH BBB . 
J 5 HOH 22 322 3   HOH HOH BBB . 
J 5 HOH 23 323 55  HOH HOH BBB . 
J 5 HOH 24 324 38  HOH HOH BBB . 
J 5 HOH 25 325 48  HOH HOH BBB . 
J 5 HOH 26 326 16  HOH HOH BBB . 
J 5 HOH 27 327 22  HOH HOH BBB . 
J 5 HOH 28 328 56  HOH HOH BBB . 
J 5 HOH 29 329 32  HOH HOH BBB . 
J 5 HOH 30 330 11  HOH HOH BBB . 
J 5 HOH 31 331 20  HOH HOH BBB . 
J 5 HOH 32 332 14  HOH HOH BBB . 
J 5 HOH 33 333 61  HOH HOH BBB . 
J 5 HOH 34 334 52  HOH HOH BBB . 
J 5 HOH 35 335 23  HOH HOH BBB . 
J 5 HOH 36 336 21  HOH HOH BBB . 
J 5 HOH 37 337 31  HOH HOH BBB . 
J 5 HOH 38 338 24  HOH HOH BBB . 
J 5 HOH 39 339 17  HOH HOH BBB . 
J 5 HOH 40 340 47  HOH HOH BBB . 
J 5 HOH 41 341 6   HOH HOH BBB . 
J 5 HOH 42 342 33  HOH HOH BBB . 
J 5 HOH 43 343 40  HOH HOH BBB . 
J 5 HOH 44 344 37  HOH HOH BBB . 
J 5 HOH 45 345 27  HOH HOH BBB . 
J 5 HOH 46 346 28  HOH HOH BBB . 
J 5 HOH 47 347 13  HOH HOH BBB . 
J 5 HOH 48 348 44  HOH HOH BBB . 
J 5 HOH 49 349 65  HOH HOH BBB . 
J 5 HOH 50 350 54  HOH HOH BBB . 
J 5 HOH 51 351 5   HOH HOH BBB . 
J 5 HOH 52 352 35  HOH HOH BBB . 
J 5 HOH 53 353 45  HOH HOH BBB . 
J 5 HOH 54 354 39  HOH HOH BBB . 
J 5 HOH 55 355 9   HOH HOH BBB . 
J 5 HOH 56 356 46  HOH HOH BBB . 
J 5 HOH 57 357 59  HOH HOH BBB . 
J 5 HOH 58 358 63  HOH HOH BBB . 
J 5 HOH 59 359 50  HOH HOH BBB . 
# 
loop_
_pdbx_unobs_or_zero_occ_atoms.id 
_pdbx_unobs_or_zero_occ_atoms.PDB_model_num 
_pdbx_unobs_or_zero_occ_atoms.polymer_flag 
_pdbx_unobs_or_zero_occ_atoms.occupancy_flag 
_pdbx_unobs_or_zero_occ_atoms.auth_asym_id 
_pdbx_unobs_or_zero_occ_atoms.auth_comp_id 
_pdbx_unobs_or_zero_occ_atoms.auth_seq_id 
_pdbx_unobs_or_zero_occ_atoms.PDB_ins_code 
_pdbx_unobs_or_zero_occ_atoms.auth_atom_id 
_pdbx_unobs_or_zero_occ_atoms.label_alt_id 
_pdbx_unobs_or_zero_occ_atoms.label_asym_id 
_pdbx_unobs_or_zero_occ_atoms.label_comp_id 
_pdbx_unobs_or_zero_occ_atoms.label_seq_id 
_pdbx_unobs_or_zero_occ_atoms.label_atom_id 
1 1 Y 1 BBB GLU 10 ? CG  ? A GLU 10 CG  
2 1 Y 1 BBB GLU 10 ? CD  ? A GLU 10 CD  
3 1 Y 1 BBB GLU 10 ? OE1 ? A GLU 10 OE1 
4 1 Y 1 BBB GLU 10 ? OE2 ? A GLU 10 OE2 
# 
loop_
_software.citation_id 
_software.classification 
_software.compiler_name 
_software.compiler_version 
_software.contact_author 
_software.contact_author_email 
_software.date 
_software.description 
_software.dependencies 
_software.hardware 
_software.language 
_software.location 
_software.mods 
_software.name 
_software.os 
_software.os_version 
_software.type 
_software.version 
_software.pdbx_ordinal 
? refinement       ? ? ? ? ? ? ? ? ? ? ? REFMAC ? ? ? 5.8.0258 1 
? 'data reduction' ? ? ? ? ? ? ? ? ? ? ? xia2   ? ? ? .        2 
? 'data scaling'   ? ? ? ? ? ? ? ? ? ? ? xia2   ? ? ? .        3 
? phasing          ? ? ? ? ? ? ? ? ? ? ? PHASER ? ? ? .        4 
# 
_cell.angle_alpha                  90.000 
_cell.angle_alpha_esd              ? 
_cell.angle_beta                   90.000 
_cell.angle_beta_esd               ? 
_cell.angle_gamma                  120.000 
_cell.angle_gamma_esd              ? 
_cell.entry_id                     7Q9R 
_cell.details                      ? 
_cell.formula_units_Z              ? 
_cell.length_a                     55.788 
_cell.length_a_esd                 ? 
_cell.length_b                     55.788 
_cell.length_b_esd                 ? 
_cell.length_c                     114.842 
_cell.length_c_esd                 ? 
_cell.volume                       ? 
_cell.volume_esd                   ? 
_cell.Z_PDB                        6 
_cell.reciprocal_angle_alpha       ? 
_cell.reciprocal_angle_beta        ? 
_cell.reciprocal_angle_gamma       ? 
_cell.reciprocal_angle_alpha_esd   ? 
_cell.reciprocal_angle_beta_esd    ? 
_cell.reciprocal_angle_gamma_esd   ? 
_cell.reciprocal_length_a          ? 
_cell.reciprocal_length_b          ? 
_cell.reciprocal_length_c          ? 
_cell.reciprocal_length_a_esd      ? 
_cell.reciprocal_length_b_esd      ? 
_cell.reciprocal_length_c_esd      ? 
_cell.pdbx_unique_axis             ? 
# 
_symmetry.entry_id                         7Q9R 
_symmetry.cell_setting                     ? 
_symmetry.Int_Tables_number                154 
_symmetry.space_group_name_Hall            ? 
_symmetry.space_group_name_H-M             'P 32 2 1' 
_symmetry.pdbx_full_space_group_name_H-M   ? 
# 
_exptl.absorpt_coefficient_mu     ? 
_exptl.absorpt_correction_T_max   ? 
_exptl.absorpt_correction_T_min   ? 
_exptl.absorpt_correction_type    ? 
_exptl.absorpt_process_details    ? 
_exptl.entry_id                   7Q9R 
_exptl.crystals_number            1 
_exptl.details                    ? 
_exptl.method                     'X-RAY DIFFRACTION' 
_exptl.method_details             ? 
# 
_exptl_crystal.colour                      ? 
_exptl_crystal.density_diffrn              ? 
_exptl_crystal.density_Matthews            3.02 
_exptl_crystal.density_method              ? 
_exptl_crystal.density_percent_sol         59.24 
_exptl_crystal.description                 ? 
_exptl_crystal.F_000                       ? 
_exptl_crystal.id                          1 
_exptl_crystal.preparation                 ? 
_exptl_crystal.size_max                    ? 
_exptl_crystal.size_mid                    ? 
_exptl_crystal.size_min                    ? 
_exptl_crystal.size_rad                    ? 
_exptl_crystal.colour_lustre               ? 
_exptl_crystal.colour_modifier             ? 
_exptl_crystal.colour_primary              ? 
_exptl_crystal.density_meas                ? 
_exptl_crystal.density_meas_esd            ? 
_exptl_crystal.density_meas_gt             ? 
_exptl_crystal.density_meas_lt             ? 
_exptl_crystal.density_meas_temp           ? 
_exptl_crystal.density_meas_temp_esd       ? 
_exptl_crystal.density_meas_temp_gt        ? 
_exptl_crystal.density_meas_temp_lt        ? 
_exptl_crystal.pdbx_crystal_image_url      ? 
_exptl_crystal.pdbx_crystal_image_format   ? 
_exptl_crystal.pdbx_mosaicity              ? 
_exptl_crystal.pdbx_mosaicity_esd          ? 
# 
_exptl_crystal_grow.apparatus       ? 
_exptl_crystal_grow.atmosphere      ? 
_exptl_crystal_grow.crystal_id      1 
_exptl_crystal_grow.details         ? 
_exptl_crystal_grow.method          'VAPOR DIFFUSION, SITTING DROP' 
_exptl_crystal_grow.method_ref      ? 
_exptl_crystal_grow.pH              ? 
_exptl_crystal_grow.pressure        ? 
_exptl_crystal_grow.pressure_esd    ? 
_exptl_crystal_grow.seeding         ? 
_exptl_crystal_grow.seeding_ref     ? 
_exptl_crystal_grow.temp            279 
_exptl_crystal_grow.temp_details    ? 
_exptl_crystal_grow.temp_esd        ? 
_exptl_crystal_grow.time            ? 
_exptl_crystal_grow.pdbx_details    '0.1 M citric acid pH 4.0 and 3.2 M AmSO4' 
_exptl_crystal_grow.pdbx_pH_range   ? 
# 
_diffrn.ambient_environment              ? 
_diffrn.ambient_temp                     100 
_diffrn.ambient_temp_details             ? 
_diffrn.ambient_temp_esd                 ? 
_diffrn.crystal_id                       1 
_diffrn.crystal_support                  ? 
_diffrn.crystal_treatment                ? 
_diffrn.details                          ? 
_diffrn.id                               1 
_diffrn.ambient_pressure                 ? 
_diffrn.ambient_pressure_esd             ? 
_diffrn.ambient_pressure_gt              ? 
_diffrn.ambient_pressure_lt              ? 
_diffrn.ambient_temp_gt                  ? 
_diffrn.ambient_temp_lt                  ? 
_diffrn.pdbx_serial_crystal_experiment   N 
# 
_diffrn_detector.details                      ? 
_diffrn_detector.detector                     PIXEL 
_diffrn_detector.diffrn_id                    1 
_diffrn_detector.type                         'DECTRIS EIGER X 16M' 
_diffrn_detector.area_resol_mean              ? 
_diffrn_detector.dtime                        ? 
_diffrn_detector.pdbx_frames_total            ? 
_diffrn_detector.pdbx_collection_time_total   ? 
_diffrn_detector.pdbx_collection_date         2019-05-04 
_diffrn_detector.pdbx_frequency               ? 
# 
_diffrn_radiation.collimation                      ? 
_diffrn_radiation.diffrn_id                        1 
_diffrn_radiation.filter_edge                      ? 
_diffrn_radiation.inhomogeneity                    ? 
_diffrn_radiation.monochromator                    ? 
_diffrn_radiation.polarisn_norm                    ? 
_diffrn_radiation.polarisn_ratio                   ? 
_diffrn_radiation.probe                            ? 
_diffrn_radiation.type                             ? 
_diffrn_radiation.xray_symbol                      ? 
_diffrn_radiation.wavelength_id                    1 
_diffrn_radiation.pdbx_monochromatic_or_laue_m_l   M 
_diffrn_radiation.pdbx_wavelength_list             ? 
_diffrn_radiation.pdbx_wavelength                  ? 
_diffrn_radiation.pdbx_diffrn_protocol             'SINGLE WAVELENGTH' 
_diffrn_radiation.pdbx_analyzer                    ? 
_diffrn_radiation.pdbx_scattering_type             x-ray 
# 
_diffrn_radiation_wavelength.id           1 
_diffrn_radiation_wavelength.wavelength   0.91587 
_diffrn_radiation_wavelength.wt           1.0 
# 
_diffrn_source.current                     ? 
_diffrn_source.details                     ? 
_diffrn_source.diffrn_id                   1 
_diffrn_source.power                       ? 
_diffrn_source.size                        ? 
_diffrn_source.source                      SYNCHROTRON 
_diffrn_source.target                      ? 
_diffrn_source.type                        'DIAMOND BEAMLINE I04-1' 
_diffrn_source.voltage                     ? 
_diffrn_source.take-off_angle              ? 
_diffrn_source.pdbx_wavelength_list        0.91587 
_diffrn_source.pdbx_wavelength             ? 
_diffrn_source.pdbx_synchrotron_beamline   I04-1 
_diffrn_source.pdbx_synchrotron_site       Diamond 
# 
_reflns.B_iso_Wilson_estimate                          ? 
_reflns.entry_id                                       7Q9R 
_reflns.data_reduction_details                         ? 
_reflns.data_reduction_method                          ? 
_reflns.d_resolution_high                              2.50 
_reflns.d_resolution_low                               114.87 
_reflns.details                                        ? 
_reflns.limit_h_max                                    ? 
_reflns.limit_h_min                                    ? 
_reflns.limit_k_max                                    ? 
_reflns.limit_k_min                                    ? 
_reflns.limit_l_max                                    ? 
_reflns.limit_l_min                                    ? 
_reflns.number_all                                     ? 
_reflns.number_obs                                     7634 
_reflns.observed_criterion                             ? 
_reflns.observed_criterion_F_max                       ? 
_reflns.observed_criterion_F_min                       ? 
_reflns.observed_criterion_I_max                       ? 
_reflns.observed_criterion_I_min                       ? 
_reflns.observed_criterion_sigma_F                     ? 
_reflns.observed_criterion_sigma_I                     ? 
_reflns.percent_possible_obs                           100 
_reflns.R_free_details                                 ? 
_reflns.Rmerge_F_all                                   ? 
_reflns.Rmerge_F_obs                                   ? 
_reflns.Friedel_coverage                               ? 
_reflns.number_gt                                      ? 
_reflns.threshold_expression                           ? 
_reflns.pdbx_redundancy                                9.5 
_reflns.pdbx_Rmerge_I_obs                              ? 
_reflns.pdbx_Rmerge_I_all                              ? 
_reflns.pdbx_Rsym_value                                ? 
_reflns.pdbx_netI_over_av_sigmaI                       ? 
_reflns.pdbx_netI_over_sigmaI                          10.5 
_reflns.pdbx_res_netI_over_av_sigmaI_2                 ? 
_reflns.pdbx_res_netI_over_sigmaI_2                    ? 
_reflns.pdbx_chi_squared                               ? 
_reflns.pdbx_scaling_rejects                           ? 
_reflns.pdbx_d_res_high_opt                            ? 
_reflns.pdbx_d_res_low_opt                             ? 
_reflns.pdbx_d_res_opt_method                          ? 
_reflns.phase_calculation_details                      ? 
_reflns.pdbx_Rrim_I_all                                ? 
_reflns.pdbx_Rpim_I_all                                ? 
_reflns.pdbx_d_opt                                     ? 
_reflns.pdbx_number_measured_all                       ? 
_reflns.pdbx_diffrn_id                                 1 
_reflns.pdbx_ordinal                                   1 
_reflns.pdbx_CC_half                                   0.995 
_reflns.pdbx_CC_star                                   ? 
_reflns.pdbx_R_split                                   ? 
_reflns.pdbx_aniso_diffraction_limit_axis_1_ortho[1]   ? 
_reflns.pdbx_aniso_diffraction_limit_axis_1_ortho[2]   ? 
_reflns.pdbx_aniso_diffraction_limit_axis_1_ortho[3]   ? 
_reflns.pdbx_aniso_diffraction_limit_axis_2_ortho[1]   ? 
_reflns.pdbx_aniso_diffraction_limit_axis_2_ortho[2]   ? 
_reflns.pdbx_aniso_diffraction_limit_axis_2_ortho[3]   ? 
_reflns.pdbx_aniso_diffraction_limit_axis_3_ortho[1]   ? 
_reflns.pdbx_aniso_diffraction_limit_axis_3_ortho[2]   ? 
_reflns.pdbx_aniso_diffraction_limit_axis_3_ortho[3]   ? 
_reflns.pdbx_aniso_diffraction_limit_1                 ? 
_reflns.pdbx_aniso_diffraction_limit_2                 ? 
_reflns.pdbx_aniso_diffraction_limit_3                 ? 
_reflns.pdbx_aniso_B_tensor_eigenvector_1_ortho[1]     ? 
_reflns.pdbx_aniso_B_tensor_eigenvector_1_ortho[2]     ? 
_reflns.pdbx_aniso_B_tensor_eigenvector_1_ortho[3]     ? 
_reflns.pdbx_aniso_B_tensor_eigenvector_2_ortho[1]     ? 
_reflns.pdbx_aniso_B_tensor_eigenvector_2_ortho[2]     ? 
_reflns.pdbx_aniso_B_tensor_eigenvector_2_ortho[3]     ? 
_reflns.pdbx_aniso_B_tensor_eigenvector_3_ortho[1]     ? 
_reflns.pdbx_aniso_B_tensor_eigenvector_3_ortho[2]     ? 
_reflns.pdbx_aniso_B_tensor_eigenvector_3_ortho[3]     ? 
_reflns.pdbx_aniso_B_tensor_eigenvalue_1               ? 
_reflns.pdbx_aniso_B_tensor_eigenvalue_2               ? 
_reflns.pdbx_aniso_B_tensor_eigenvalue_3               ? 
_reflns.pdbx_orthogonalization_convention              ? 
_reflns.pdbx_percent_possible_ellipsoidal              ? 
_reflns.pdbx_percent_possible_spherical                ? 
_reflns.pdbx_percent_possible_ellipsoidal_anomalous    ? 
_reflns.pdbx_percent_possible_spherical_anomalous      ? 
_reflns.pdbx_redundancy_anomalous                      ? 
_reflns.pdbx_CC_half_anomalous                         ? 
_reflns.pdbx_absDiff_over_sigma_anomalous              ? 
_reflns.pdbx_percent_possible_anomalous                ? 
_reflns.pdbx_observed_signal_threshold                 ? 
_reflns.pdbx_signal_type                               ? 
_reflns.pdbx_signal_details                            ? 
_reflns.pdbx_signal_software_id                        ? 
# 
_reflns_shell.d_res_high                                    2.5 
_reflns_shell.d_res_low                                     2.56 
_reflns_shell.meanI_over_sigI_all                           ? 
_reflns_shell.meanI_over_sigI_obs                           ? 
_reflns_shell.number_measured_all                           ? 
_reflns_shell.number_measured_obs                           ? 
_reflns_shell.number_possible                               ? 
_reflns_shell.number_unique_all                             ? 
_reflns_shell.number_unique_obs                             547 
_reflns_shell.percent_possible_all                          ? 
_reflns_shell.percent_possible_obs                          ? 
_reflns_shell.Rmerge_F_all                                  ? 
_reflns_shell.Rmerge_F_obs                                  ? 
_reflns_shell.Rmerge_I_all                                  ? 
_reflns_shell.Rmerge_I_obs                                  ? 
_reflns_shell.meanI_over_sigI_gt                            ? 
_reflns_shell.meanI_over_uI_all                             ? 
_reflns_shell.meanI_over_uI_gt                              ? 
_reflns_shell.number_measured_gt                            ? 
_reflns_shell.number_unique_gt                              ? 
_reflns_shell.percent_possible_gt                           ? 
_reflns_shell.Rmerge_F_gt                                   ? 
_reflns_shell.Rmerge_I_gt                                   ? 
_reflns_shell.pdbx_redundancy                               ? 
_reflns_shell.pdbx_Rsym_value                               ? 
_reflns_shell.pdbx_chi_squared                              ? 
_reflns_shell.pdbx_netI_over_sigmaI_all                     ? 
_reflns_shell.pdbx_netI_over_sigmaI_obs                     ? 
_reflns_shell.pdbx_Rrim_I_all                               ? 
_reflns_shell.pdbx_Rpim_I_all                               ? 
_reflns_shell.pdbx_rejects                                  ? 
_reflns_shell.pdbx_ordinal                                  1 
_reflns_shell.pdbx_diffrn_id                                1 
_reflns_shell.pdbx_CC_half                                  0.859 
_reflns_shell.pdbx_CC_star                                  ? 
_reflns_shell.pdbx_R_split                                  ? 
_reflns_shell.pdbx_percent_possible_ellipsoidal             ? 
_reflns_shell.pdbx_percent_possible_spherical               ? 
_reflns_shell.pdbx_percent_possible_ellipsoidal_anomalous   ? 
_reflns_shell.pdbx_percent_possible_spherical_anomalous     ? 
_reflns_shell.pdbx_redundancy_anomalous                     ? 
_reflns_shell.pdbx_CC_half_anomalous                        ? 
_reflns_shell.pdbx_absDiff_over_sigma_anomalous             ? 
_reflns_shell.pdbx_percent_possible_anomalous               ? 
# 
_refine.aniso_B[1][1]                            0.731 
_refine.aniso_B[1][2]                            0.366 
_refine.aniso_B[1][3]                            0.000 
_refine.aniso_B[2][2]                            0.731 
_refine.aniso_B[2][3]                            0.000 
_refine.aniso_B[3][3]                            -2.373 
_refine.B_iso_max                                ? 
_refine.B_iso_mean                               28.585 
_refine.B_iso_min                                ? 
_refine.correlation_coeff_Fo_to_Fc               0.908 
_refine.correlation_coeff_Fo_to_Fc_free          0.878 
_refine.details                                  'Hydrogens have been added in their riding positions' 
_refine.diff_density_max                         ? 
_refine.diff_density_max_esd                     ? 
_refine.diff_density_min                         ? 
_refine.diff_density_min_esd                     ? 
_refine.diff_density_rms                         ? 
_refine.diff_density_rms_esd                     ? 
_refine.entry_id                                 7Q9R 
_refine.pdbx_refine_id                           'X-RAY DIFFRACTION' 
_refine.ls_abs_structure_details                 ? 
_refine.ls_abs_structure_Flack                   ? 
_refine.ls_abs_structure_Flack_esd               ? 
_refine.ls_abs_structure_Rogers                  ? 
_refine.ls_abs_structure_Rogers_esd              ? 
_refine.ls_d_res_high                            2.500 
_refine.ls_d_res_low                             48.360 
_refine.ls_extinction_coef                       ? 
_refine.ls_extinction_coef_esd                   ? 
_refine.ls_extinction_expression                 ? 
_refine.ls_extinction_method                     ? 
_refine.ls_goodness_of_fit_all                   ? 
_refine.ls_goodness_of_fit_all_esd               ? 
_refine.ls_goodness_of_fit_obs                   ? 
_refine.ls_goodness_of_fit_obs_esd               ? 
_refine.ls_hydrogen_treatment                    ? 
_refine.ls_matrix_type                           ? 
_refine.ls_number_constraints                    ? 
_refine.ls_number_parameters                     ? 
_refine.ls_number_reflns_all                     ? 
_refine.ls_number_reflns_obs                     7602 
_refine.ls_number_reflns_R_free                  346 
_refine.ls_number_reflns_R_work                  7256 
_refine.ls_number_restraints                     ? 
_refine.ls_percent_reflns_obs                    99.974 
_refine.ls_percent_reflns_R_free                 4.551 
_refine.ls_R_factor_all                          0.235 
_refine.ls_R_factor_obs                          ? 
_refine.ls_R_factor_R_free                       0.2759 
_refine.ls_R_factor_R_free_error                 ? 
_refine.ls_R_factor_R_free_error_details         ? 
_refine.ls_R_factor_R_work                       0.2335 
_refine.ls_R_Fsqd_factor_obs                     ? 
_refine.ls_R_I_factor_obs                        ? 
_refine.ls_redundancy_reflns_all                 ? 
_refine.ls_redundancy_reflns_obs                 ? 
_refine.ls_restrained_S_all                      ? 
_refine.ls_restrained_S_obs                      ? 
_refine.ls_shift_over_esd_max                    ? 
_refine.ls_shift_over_esd_mean                   ? 
_refine.ls_structure_factor_coef                 ? 
_refine.ls_weighting_details                     ? 
_refine.ls_weighting_scheme                      ? 
_refine.ls_wR_factor_all                         ? 
_refine.ls_wR_factor_obs                         ? 
_refine.ls_wR_factor_R_free                      ? 
_refine.ls_wR_factor_R_work                      ? 
_refine.occupancy_max                            ? 
_refine.occupancy_min                            ? 
_refine.solvent_model_details                    'MASK BULK SOLVENT' 
_refine.solvent_model_param_bsol                 ? 
_refine.solvent_model_param_ksol                 ? 
_refine.pdbx_R_complete                          ? 
_refine.ls_R_factor_gt                           ? 
_refine.ls_goodness_of_fit_gt                    ? 
_refine.ls_goodness_of_fit_ref                   ? 
_refine.ls_shift_over_su_max                     ? 
_refine.ls_shift_over_su_max_lt                  ? 
_refine.ls_shift_over_su_mean                    ? 
_refine.ls_shift_over_su_mean_lt                 ? 
_refine.pdbx_ls_sigma_I                          ? 
_refine.pdbx_ls_sigma_F                          ? 
_refine.pdbx_ls_sigma_Fsqd                       ? 
_refine.pdbx_data_cutoff_high_absF               ? 
_refine.pdbx_data_cutoff_high_rms_absF           ? 
_refine.pdbx_data_cutoff_low_absF                ? 
_refine.pdbx_isotropic_thermal_model             ? 
_refine.pdbx_ls_cross_valid_method               'FREE R-VALUE' 
_refine.pdbx_method_to_determine_struct          'MOLECULAR REPLACEMENT' 
_refine.pdbx_starting_model                      5TB5 
_refine.pdbx_stereochemistry_target_values       ? 
_refine.pdbx_R_Free_selection_details            ? 
_refine.pdbx_stereochem_target_val_spec_case     ? 
_refine.pdbx_overall_ESU_R                       0.483 
_refine.pdbx_overall_ESU_R_Free                  0.299 
_refine.pdbx_solvent_vdw_probe_radii             1.200 
_refine.pdbx_solvent_ion_probe_radii             0.800 
_refine.pdbx_solvent_shrinkage_radii             0.800 
_refine.pdbx_real_space_R                        ? 
_refine.pdbx_density_correlation                 ? 
_refine.pdbx_pd_number_of_powder_patterns        ? 
_refine.pdbx_pd_number_of_points                 ? 
_refine.pdbx_pd_meas_number_of_points            ? 
_refine.pdbx_pd_proc_ls_prof_R_factor            ? 
_refine.pdbx_pd_proc_ls_prof_wR_factor           ? 
_refine.pdbx_pd_Marquardt_correlation_coeff      ? 
_refine.pdbx_pd_Fsqrd_R_factor                   ? 
_refine.pdbx_pd_ls_matrix_band_width             ? 
_refine.pdbx_overall_phase_error                 ? 
_refine.pdbx_overall_SU_R_free_Cruickshank_DPI   ? 
_refine.pdbx_overall_SU_R_free_Blow_DPI          ? 
_refine.pdbx_overall_SU_R_Blow_DPI               ? 
_refine.pdbx_TLS_residual_ADP_flag               ? 
_refine.pdbx_diffrn_id                           1 
_refine.overall_SU_B                             10.312 
_refine.overall_SU_ML                            0.228 
_refine.overall_SU_R_Cruickshank_DPI             ? 
_refine.overall_SU_R_free                        ? 
_refine.overall_FOM_free_R_set                   ? 
_refine.overall_FOM_work_R_set                   ? 
_refine.pdbx_average_fsc_overall                 ? 
_refine.pdbx_average_fsc_work                    ? 
_refine.pdbx_average_fsc_free                    ? 
# 
_refine_hist.pdbx_refine_id                   'X-RAY DIFFRACTION' 
_refine_hist.cycle_id                         LAST 
_refine_hist.details                          ? 
_refine_hist.d_res_high                       2.500 
_refine_hist.d_res_low                        48.360 
_refine_hist.number_atoms_solvent             59 
_refine_hist.number_atoms_total               1302 
_refine_hist.number_reflns_all                ? 
_refine_hist.number_reflns_obs                ? 
_refine_hist.number_reflns_R_free             ? 
_refine_hist.number_reflns_R_work             ? 
_refine_hist.R_factor_all                     ? 
_refine_hist.R_factor_obs                     ? 
_refine_hist.R_factor_R_free                  ? 
_refine_hist.R_factor_R_work                  ? 
_refine_hist.pdbx_number_residues_total       ? 
_refine_hist.pdbx_B_iso_mean_ligand           ? 
_refine_hist.pdbx_B_iso_mean_solvent          ? 
_refine_hist.pdbx_number_atoms_protein        1197 
_refine_hist.pdbx_number_atoms_nucleic_acid   0 
_refine_hist.pdbx_number_atoms_ligand         46 
_refine_hist.pdbx_number_atoms_lipid          ? 
_refine_hist.pdbx_number_atoms_carb           ? 
_refine_hist.pdbx_pseudo_atom_details         ? 
# 
loop_
_refine_ls_restr.pdbx_refine_id 
_refine_ls_restr.criterion 
_refine_ls_restr.dev_ideal 
_refine_ls_restr.dev_ideal_target 
_refine_ls_restr.number 
_refine_ls_restr.rejects 
_refine_ls_restr.type 
_refine_ls_restr.weight 
_refine_ls_restr.pdbx_restraint_function 
'X-RAY DIFFRACTION' ? 0.001  0.013  1278 ? r_bond_refined_d               ? ? 
'X-RAY DIFFRACTION' ? 0.000  0.017  1226 ? r_bond_other_d                 ? ? 
'X-RAY DIFFRACTION' ? 1.016  1.649  1714 ? r_angle_refined_deg            ? ? 
'X-RAY DIFFRACTION' ? 0.997  1.576  2832 ? r_angle_other_deg              ? ? 
'X-RAY DIFFRACTION' ? 6.695  5.000  149  ? r_dihedral_angle_1_deg         ? ? 
'X-RAY DIFFRACTION' ? 35.145 21.111 72   ? r_dihedral_angle_2_deg         ? ? 
'X-RAY DIFFRACTION' ? 15.165 15.000 232  ? r_dihedral_angle_3_deg         ? ? 
'X-RAY DIFFRACTION' ? 17.789 15.000 10   ? r_dihedral_angle_4_deg         ? ? 
'X-RAY DIFFRACTION' ? 0.019  0.200  158  ? r_chiral_restr                 ? ? 
'X-RAY DIFFRACTION' ? 0.002  0.020  1385 ? r_gen_planes_refined           ? ? 
'X-RAY DIFFRACTION' ? 0.001  0.020  285  ? r_gen_planes_other             ? ? 
'X-RAY DIFFRACTION' ? 0.201  0.200  213  ? r_nbd_refined                  ? ? 
'X-RAY DIFFRACTION' ? 0.223  0.200  1096 ? r_symmetry_nbd_other           ? ? 
'X-RAY DIFFRACTION' ? 0.160  0.200  541  ? r_nbtor_refined                ? ? 
'X-RAY DIFFRACTION' ? 0.070  0.200  617  ? r_symmetry_nbtor_other         ? ? 
'X-RAY DIFFRACTION' ? 0.190  0.200  60   ? r_xyhbond_nbd_refined          ? ? 
'X-RAY DIFFRACTION' ? 0.081  0.200  1    ? r_symmetry_xyhbond_nbd_other   ? ? 
'X-RAY DIFFRACTION' ? 0.202  0.200  11   ? r_symmetry_nbd_refined         ? ? 
'X-RAY DIFFRACTION' ? 0.285  0.200  42   ? r_nbd_other                    ? ? 
'X-RAY DIFFRACTION' ? 0.096  0.200  10   ? r_symmetry_xyhbond_nbd_refined ? ? 
'X-RAY DIFFRACTION' ? 0.618  3.018  593  ? r_mcbond_it                    ? ? 
'X-RAY DIFFRACTION' ? 0.618  3.019  592  ? r_mcbond_other                 ? ? 
'X-RAY DIFFRACTION' ? 1.169  4.517  740  ? r_mcangle_it                   ? ? 
'X-RAY DIFFRACTION' ? 1.168  4.516  741  ? r_mcangle_other                ? ? 
'X-RAY DIFFRACTION' ? 0.327  3.105  685  ? r_scbond_it                    ? ? 
'X-RAY DIFFRACTION' ? 0.325  3.075  674  ? r_scbond_other                 ? ? 
'X-RAY DIFFRACTION' ? 0.668  4.629  973  ? r_scangle_it                   ? ? 
'X-RAY DIFFRACTION' ? 0.668  4.581  956  ? r_scangle_other                ? ? 
'X-RAY DIFFRACTION' ? 2.696  33.209 1323 ? r_lrange_it                    ? ? 
'X-RAY DIFFRACTION' ? 2.687  33.203 1321 ? r_lrange_other                 ? ? 
# 
loop_
_refine_ls_shell.pdbx_refine_id 
_refine_ls_shell.d_res_high 
_refine_ls_shell.d_res_low 
_refine_ls_shell.number_reflns_all 
_refine_ls_shell.number_reflns_obs 
_refine_ls_shell.number_reflns_R_free 
_refine_ls_shell.number_reflns_R_work 
_refine_ls_shell.percent_reflns_obs 
_refine_ls_shell.percent_reflns_R_free 
_refine_ls_shell.R_factor_all 
_refine_ls_shell.R_factor_obs 
_refine_ls_shell.R_factor_R_free 
_refine_ls_shell.R_factor_R_free_error 
_refine_ls_shell.R_factor_R_work 
_refine_ls_shell.redundancy_reflns_all 
_refine_ls_shell.redundancy_reflns_obs 
_refine_ls_shell.wR_factor_all 
_refine_ls_shell.wR_factor_obs 
_refine_ls_shell.wR_factor_R_free 
_refine_ls_shell.wR_factor_R_work 
_refine_ls_shell.pdbx_R_complete 
_refine_ls_shell.pdbx_total_number_of_bins_used 
_refine_ls_shell.pdbx_phase_error 
_refine_ls_shell.pdbx_fsc_work 
_refine_ls_shell.pdbx_fsc_free 
'X-RAY DIFFRACTION' 2.500  2.565  . . 29 518 100.0000 . . . 0.306 . 0.287 . . . . . . . . . . . 
'X-RAY DIFFRACTION' 2.565  2.635  . . 19 525 100.0000 . . . 0.341 . 0.282 . . . . . . . . . . . 
'X-RAY DIFFRACTION' 2.635  2.711  . . 21 491 100.0000 . . . 0.341 . 0.273 . . . . . . . . . . . 
'X-RAY DIFFRACTION' 2.711  2.795  . . 17 480 99.5992  . . . 0.267 . 0.255 . . . . . . . . . . . 
'X-RAY DIFFRACTION' 2.795  2.886  . . 21 474 100.0000 . . . 0.385 . 0.258 . . . . . . . . . . . 
'X-RAY DIFFRACTION' 2.886  2.988  . . 19 452 100.0000 . . . 0.274 . 0.252 . . . . . . . . . . . 
'X-RAY DIFFRACTION' 2.988  3.100  . . 27 438 100.0000 . . . 0.282 . 0.257 . . . . . . . . . . . 
'X-RAY DIFFRACTION' 3.100  3.227  . . 29 414 100.0000 . . . 0.387 . 0.264 . . . . . . . . . . . 
'X-RAY DIFFRACTION' 3.227  3.370  . . 18 406 100.0000 . . . 0.298 . 0.215 . . . . . . . . . . . 
'X-RAY DIFFRACTION' 3.370  3.535  . . 12 396 100.0000 . . . 0.278 . 0.223 . . . . . . . . . . . 
'X-RAY DIFFRACTION' 3.535  3.725  . . 17 395 100.0000 . . . 0.273 . 0.222 . . . . . . . . . . . 
'X-RAY DIFFRACTION' 3.725  3.951  . . 18 348 100.0000 . . . 0.182 . 0.186 . . . . . . . . . . . 
'X-RAY DIFFRACTION' 3.951  4.224  . . 17 324 100.0000 . . . 0.235 . 0.187 . . . . . . . . . . . 
'X-RAY DIFFRACTION' 4.224  4.562  . . 17 320 100.0000 . . . 0.205 . 0.171 . . . . . . . . . . . 
'X-RAY DIFFRACTION' 4.562  4.996  . . 17 290 100.0000 . . . 0.201 . 0.184 . . . . . . . . . . . 
'X-RAY DIFFRACTION' 4.996  5.585  . . 19 260 100.0000 . . . 0.297 . 0.242 . . . . . . . . . . . 
'X-RAY DIFFRACTION' 5.585  6.446  . . 9  242 100.0000 . . . 0.263 . 0.296 . . . . . . . . . . . 
'X-RAY DIFFRACTION' 6.446  7.888  . . 4  213 100.0000 . . . 0.167 . 0.293 . . . . . . . . . . . 
'X-RAY DIFFRACTION' 7.888  11.130 . . 12 162 100.0000 . . . 0.249 . 0.216 . . . . . . . . . . . 
'X-RAY DIFFRACTION' 11.130 48.36  . . 4  108 100.0000 . . . 0.747 . 0.331 . . . . . . . . . . . 
# 
_struct.entry_id                     7Q9R 
_struct.title                        'Cocrystal structure of PDE6D bound to NRAS peptide' 
_struct.pdbx_model_details           ? 
_struct.pdbx_formula_weight          ? 
_struct.pdbx_formula_weight_method   ? 
_struct.pdbx_model_type_details      ? 
_struct.pdbx_CASP_flag               N 
# 
_struct_keywords.entry_id        7Q9R 
_struct_keywords.text            'Complex, TRANSPORT PROTEIN' 
_struct_keywords.pdbx_keywords   'TRANSPORT PROTEIN' 
# 
loop_
_struct_asym.id 
_struct_asym.pdbx_blank_PDB_chainid_flag 
_struct_asym.pdbx_modified 
_struct_asym.entity_id 
_struct_asym.details 
A N N 1 ? 
B N N 2 ? 
C N N 3 ? 
D N N 3 ? 
E N N 3 ? 
F N N 3 ? 
G N N 4 ? 
H N N 4 ? 
I N N 4 ? 
J N N 5 ? 
# 
_struct_ref.id                         1 
_struct_ref.db_name                    UNP 
_struct_ref.db_code                    PDE6D_HUMAN 
_struct_ref.pdbx_db_accession          O43924 
_struct_ref.pdbx_db_isoform            ? 
_struct_ref.entity_id                  1 
_struct_ref.pdbx_seq_one_letter_code   
;MSAKDERAREILRGFKLNWMNLRDAETGKILWQGTEDLSVPGVEHEARVPKKILKCKAVSRELNFSSTEQMEKFRLEQKV
YFKGQCLEEWFFEFGFVIPNSTNTWQSLIEAAPESQMMPASVLTGNVIIETKFFDDDLLVSTSRVRLFYV
;
_struct_ref.pdbx_align_begin           1 
# 
_struct_ref_seq.align_id                      1 
_struct_ref_seq.ref_id                        1 
_struct_ref_seq.pdbx_PDB_id_code              7Q9R 
_struct_ref_seq.pdbx_strand_id                BBB 
_struct_ref_seq.seq_align_beg                 1 
_struct_ref_seq.pdbx_seq_align_beg_ins_code   ? 
_struct_ref_seq.seq_align_end                 150 
_struct_ref_seq.pdbx_seq_align_end_ins_code   ? 
_struct_ref_seq.pdbx_db_accession             O43924 
_struct_ref_seq.db_align_beg                  1 
_struct_ref_seq.pdbx_db_align_beg_ins_code    ? 
_struct_ref_seq.db_align_end                  150 
_struct_ref_seq.pdbx_db_align_end_ins_code    ? 
_struct_ref_seq.pdbx_auth_seq_align_beg       1 
_struct_ref_seq.pdbx_auth_seq_align_end       150 
# 
_pdbx_struct_assembly.id                   1 
_pdbx_struct_assembly.details              author_defined_assembly 
_pdbx_struct_assembly.method_details       ? 
_pdbx_struct_assembly.oligomeric_details   monomeric 
_pdbx_struct_assembly.oligomeric_count     1 
# 
_pdbx_struct_assembly_gen.assembly_id       1 
_pdbx_struct_assembly_gen.oper_expression   1 
_pdbx_struct_assembly_gen.asym_id_list      A,B,C,D,E,F,G,H,I,J 
# 
_pdbx_struct_assembly_auth_evidence.id                     1 
_pdbx_struct_assembly_auth_evidence.assembly_id            1 
_pdbx_struct_assembly_auth_evidence.experimental_support   'isothermal titration calorimetry' 
_pdbx_struct_assembly_auth_evidence.details                ? 
# 
_pdbx_struct_oper_list.id                   1 
_pdbx_struct_oper_list.type                 'identity operation' 
_pdbx_struct_oper_list.name                 1_555 
_pdbx_struct_oper_list.symmetry_operation   x,y,z 
_pdbx_struct_oper_list.matrix[1][1]         1.0000000000 
_pdbx_struct_oper_list.matrix[1][2]         0.0000000000 
_pdbx_struct_oper_list.matrix[1][3]         0.0000000000 
_pdbx_struct_oper_list.vector[1]            0.0000000000 
_pdbx_struct_oper_list.matrix[2][1]         0.0000000000 
_pdbx_struct_oper_list.matrix[2][2]         1.0000000000 
_pdbx_struct_oper_list.matrix[2][3]         0.0000000000 
_pdbx_struct_oper_list.vector[2]            0.0000000000 
_pdbx_struct_oper_list.matrix[3][1]         0.0000000000 
_pdbx_struct_oper_list.matrix[3][2]         0.0000000000 
_pdbx_struct_oper_list.matrix[3][3]         1.0000000000 
_pdbx_struct_oper_list.vector[3]            0.0000000000 
# 
loop_
_struct_conf.conf_type_id 
_struct_conf.id 
_struct_conf.pdbx_PDB_helix_id 
_struct_conf.beg_label_comp_id 
_struct_conf.beg_label_asym_id 
_struct_conf.beg_label_seq_id 
_struct_conf.pdbx_beg_PDB_ins_code 
_struct_conf.end_label_comp_id 
_struct_conf.end_label_asym_id 
_struct_conf.end_label_seq_id 
_struct_conf.pdbx_end_PDB_ins_code 
_struct_conf.beg_auth_comp_id 
_struct_conf.beg_auth_asym_id 
_struct_conf.beg_auth_seq_id 
_struct_conf.end_auth_comp_id 
_struct_conf.end_auth_asym_id 
_struct_conf.end_auth_seq_id 
_struct_conf.pdbx_PDB_helix_class 
_struct_conf.details 
_struct_conf.pdbx_PDB_helix_length 
HELX_P HELX_P1 AA1 SER A 2   ? GLY A 14  ? SER BBB 2   GLY BBB 14  1 ? 13 
HELX_P HELX_P2 AA2 LYS A 52  ? LYS A 55  ? LYS BBB 52  LYS BBB 55  5 ? 4  
HELX_P HELX_P3 AA3 PRO A 119 ? THR A 124 ? PRO BBB 119 THR BBB 124 1 ? 6  
# 
_struct_conf_type.id          HELX_P 
_struct_conf_type.criteria    ? 
_struct_conf_type.reference   ? 
# 
loop_
_struct_sheet.id 
_struct_sheet.type 
_struct_sheet.number_strands 
_struct_sheet.details 
AA1 ? 4 ? 
AA2 ? 5 ? 
# 
loop_
_struct_sheet_order.sheet_id 
_struct_sheet_order.range_id_1 
_struct_sheet_order.range_id_2 
_struct_sheet_order.offset 
_struct_sheet_order.sense 
AA1 1 2 ? anti-parallel 
AA1 2 3 ? anti-parallel 
AA1 3 4 ? anti-parallel 
AA2 1 2 ? parallel      
AA2 2 3 ? anti-parallel 
AA2 3 4 ? anti-parallel 
AA2 4 5 ? anti-parallel 
# 
loop_
_struct_sheet_range.sheet_id 
_struct_sheet_range.id 
_struct_sheet_range.beg_label_comp_id 
_struct_sheet_range.beg_label_asym_id 
_struct_sheet_range.beg_label_seq_id 
_struct_sheet_range.pdbx_beg_PDB_ins_code 
_struct_sheet_range.end_label_comp_id 
_struct_sheet_range.end_label_asym_id 
_struct_sheet_range.end_label_seq_id 
_struct_sheet_range.pdbx_end_PDB_ins_code 
_struct_sheet_range.beg_auth_comp_id 
_struct_sheet_range.beg_auth_asym_id 
_struct_sheet_range.beg_auth_seq_id 
_struct_sheet_range.end_auth_comp_id 
_struct_sheet_range.end_auth_asym_id 
_struct_sheet_range.end_auth_seq_id 
AA1 1 ILE A 30  ? GLY A 34  ? ILE BBB 30  GLY BBB 34  
AA1 2 PHE A 15  ? ASP A 24  ? PHE BBB 15  ASP BBB 24  
AA1 3 ALA A 58  ? SER A 67  ? ALA BBB 58  SER BBB 67  
AA1 4 SER A 101 ? GLU A 110 ? SER BBB 101 GLU BBB 110 
AA2 1 GLU A 44  ? PRO A 50  ? GLU BBB 44  PRO BBB 50  
AA2 2 LEU A 138 ? VAL A 150 ? LEU BBB 138 VAL BBB 150 
AA2 3 VAL A 127 ? ASP A 135 ? VAL BBB 127 ASP BBB 135 
AA2 4 MET A 71  ? PHE A 82  ? MET BBB 71  PHE BBB 82  
AA2 5 GLN A 85  ? VAL A 97  ? GLN BBB 85  VAL BBB 97  
# 
loop_
_pdbx_struct_sheet_hbond.sheet_id 
_pdbx_struct_sheet_hbond.range_id_1 
_pdbx_struct_sheet_hbond.range_id_2 
_pdbx_struct_sheet_hbond.range_1_label_atom_id 
_pdbx_struct_sheet_hbond.range_1_label_comp_id 
_pdbx_struct_sheet_hbond.range_1_label_asym_id 
_pdbx_struct_sheet_hbond.range_1_label_seq_id 
_pdbx_struct_sheet_hbond.range_1_PDB_ins_code 
_pdbx_struct_sheet_hbond.range_1_auth_atom_id 
_pdbx_struct_sheet_hbond.range_1_auth_comp_id 
_pdbx_struct_sheet_hbond.range_1_auth_asym_id 
_pdbx_struct_sheet_hbond.range_1_auth_seq_id 
_pdbx_struct_sheet_hbond.range_2_label_atom_id 
_pdbx_struct_sheet_hbond.range_2_label_comp_id 
_pdbx_struct_sheet_hbond.range_2_label_asym_id 
_pdbx_struct_sheet_hbond.range_2_label_seq_id 
_pdbx_struct_sheet_hbond.range_2_PDB_ins_code 
_pdbx_struct_sheet_hbond.range_2_auth_atom_id 
_pdbx_struct_sheet_hbond.range_2_auth_comp_id 
_pdbx_struct_sheet_hbond.range_2_auth_asym_id 
_pdbx_struct_sheet_hbond.range_2_auth_seq_id 
AA1 1 2 O TRP A 32  ? O TRP BBB 32  N LEU A 22  ? N LEU BBB 22  
AA1 2 3 N LYS A 16  ? N LYS BBB 16  O SER A 66  ? O SER BBB 66  
AA1 3 4 N ARG A 61  ? N ARG BBB 61  O SER A 107 ? O SER BBB 107 
AA2 1 2 N HIS A 45  ? N HIS BBB 45  O ARG A 146 ? O ARG BBB 146 
AA2 2 3 O VAL A 140 ? O VAL BBB 140 N PHE A 133 ? N PHE BBB 133 
AA2 3 4 O ILE A 128 ? O ILE BBB 128 N TYR A 81  ? N TYR BBB 81  
AA2 4 5 N LEU A 76  ? N LEU BBB 76  O PHE A 92  ? O PHE BBB 92  
# 
loop_
_pdbx_validate_torsion.id 
_pdbx_validate_torsion.PDB_model_num 
_pdbx_validate_torsion.auth_comp_id 
_pdbx_validate_torsion.auth_asym_id 
_pdbx_validate_torsion.auth_seq_id 
_pdbx_validate_torsion.PDB_ins_code 
_pdbx_validate_torsion.label_alt_id 
_pdbx_validate_torsion.phi 
_pdbx_validate_torsion.psi 
1 1 ASP BBB 24  ? ? -55.43 109.05  
2 1 ASN BBB 100 ? ? 70.29  32.11   
3 1 ASP BBB 136 ? ? 55.30  -113.69 
# 
_pdbx_entry_details.entry_id                 7Q9R 
_pdbx_entry_details.has_ligand_of_interest   Y 
_pdbx_entry_details.compound_details         ? 
_pdbx_entry_details.source_details           ? 
_pdbx_entry_details.nonpolymer_details       ? 
_pdbx_entry_details.sequence_details         ? 
# 
loop_
_pdbx_unobs_or_zero_occ_residues.id 
_pdbx_unobs_or_zero_occ_residues.PDB_model_num 
_pdbx_unobs_or_zero_occ_residues.polymer_flag 
_pdbx_unobs_or_zero_occ_residues.occupancy_flag 
_pdbx_unobs_or_zero_occ_residues.auth_asym_id 
_pdbx_unobs_or_zero_occ_residues.auth_comp_id 
_pdbx_unobs_or_zero_occ_residues.auth_seq_id 
_pdbx_unobs_or_zero_occ_residues.PDB_ins_code 
_pdbx_unobs_or_zero_occ_residues.label_asym_id 
_pdbx_unobs_or_zero_occ_residues.label_comp_id 
_pdbx_unobs_or_zero_occ_residues.label_seq_id 
1 1 Y 1 BBB GLU 114 ? A GLU 114 
2 1 Y 1 BBB SER 115 ? A SER 115 
3 1 Y 1 BBB GLN 116 ? A GLN 116 
# 
loop_
_chem_comp_atom.comp_id 
_chem_comp_atom.atom_id 
_chem_comp_atom.type_symbol 
_chem_comp_atom.pdbx_aromatic_flag 
_chem_comp_atom.pdbx_stereo_config 
_chem_comp_atom.pdbx_ordinal 
ALA N    N N N 1   
ALA CA   C N S 2   
ALA C    C N N 3   
ALA O    O N N 4   
ALA CB   C N N 5   
ALA OXT  O N N 6   
ALA H    H N N 7   
ALA H2   H N N 8   
ALA HA   H N N 9   
ALA HB1  H N N 10  
ALA HB2  H N N 11  
ALA HB3  H N N 12  
ALA HXT  H N N 13  
ARG N    N N N 14  
ARG CA   C N S 15  
ARG C    C N N 16  
ARG O    O N N 17  
ARG CB   C N N 18  
ARG CG   C N N 19  
ARG CD   C N N 20  
ARG NE   N N N 21  
ARG CZ   C N N 22  
ARG NH1  N N N 23  
ARG NH2  N N N 24  
ARG OXT  O N N 25  
ARG H    H N N 26  
ARG H2   H N N 27  
ARG HA   H N N 28  
ARG HB2  H N N 29  
ARG HB3  H N N 30  
ARG HG2  H N N 31  
ARG HG3  H N N 32  
ARG HD2  H N N 33  
ARG HD3  H N N 34  
ARG HE   H N N 35  
ARG HH11 H N N 36  
ARG HH12 H N N 37  
ARG HH21 H N N 38  
ARG HH22 H N N 39  
ARG HXT  H N N 40  
ASN N    N N N 41  
ASN CA   C N S 42  
ASN C    C N N 43  
ASN O    O N N 44  
ASN CB   C N N 45  
ASN CG   C N N 46  
ASN OD1  O N N 47  
ASN ND2  N N N 48  
ASN OXT  O N N 49  
ASN H    H N N 50  
ASN H2   H N N 51  
ASN HA   H N N 52  
ASN HB2  H N N 53  
ASN HB3  H N N 54  
ASN HD21 H N N 55  
ASN HD22 H N N 56  
ASN HXT  H N N 57  
ASP N    N N N 58  
ASP CA   C N S 59  
ASP C    C N N 60  
ASP O    O N N 61  
ASP CB   C N N 62  
ASP CG   C N N 63  
ASP OD1  O N N 64  
ASP OD2  O N N 65  
ASP OXT  O N N 66  
ASP H    H N N 67  
ASP H2   H N N 68  
ASP HA   H N N 69  
ASP HB2  H N N 70  
ASP HB3  H N N 71  
ASP HD2  H N N 72  
ASP HXT  H N N 73  
CYS N    N N N 74  
CYS CA   C N R 75  
CYS C    C N N 76  
CYS O    O N N 77  
CYS CB   C N N 78  
CYS SG   S N N 79  
CYS OXT  O N N 80  
CYS H    H N N 81  
CYS H2   H N N 82  
CYS HA   H N N 83  
CYS HB2  H N N 84  
CYS HB3  H N N 85  
CYS HG   H N N 86  
CYS HXT  H N N 87  
EDO C1   C N N 88  
EDO O1   O N N 89  
EDO C2   C N N 90  
EDO O2   O N N 91  
EDO H11  H N N 92  
EDO H12  H N N 93  
EDO HO1  H N N 94  
EDO H21  H N N 95  
EDO H22  H N N 96  
EDO HO2  H N N 97  
FAR C1   C N N 98  
FAR C2   C N N 99  
FAR C3   C N N 100 
FAR C5   C N N 101 
FAR C6   C N N 102 
FAR C7   C N N 103 
FAR C8   C N N 104 
FAR C9   C N N 105 
FAR C11  C N N 106 
FAR C12  C N N 107 
FAR C13  C N N 108 
FAR C14  C N N 109 
FAR C15  C N N 110 
FAR C4   C N N 111 
FAR C10  C N N 112 
FAR H11  H N N 113 
FAR H12A H N N 114 
FAR H13  H N N 115 
FAR H2   H N N 116 
FAR H51  H N N 117 
FAR H52  H N N 118 
FAR H61  H N N 119 
FAR H62  H N N 120 
FAR H7   H N N 121 
FAR H91  H N N 122 
FAR H92  H N N 123 
FAR H111 H N N 124 
FAR H112 H N N 125 
FAR H12  H N N 126 
FAR H141 H N N 127 
FAR H142 H N N 128 
FAR H143 H N N 129 
FAR H151 H N N 130 
FAR H152 H N N 131 
FAR H153 H N N 132 
FAR H41  H N N 133 
FAR H42  H N N 134 
FAR H43  H N N 135 
FAR H101 H N N 136 
FAR H102 H N N 137 
FAR H103 H N N 138 
GLN N    N N N 139 
GLN CA   C N S 140 
GLN C    C N N 141 
GLN O    O N N 142 
GLN CB   C N N 143 
GLN CG   C N N 144 
GLN CD   C N N 145 
GLN OE1  O N N 146 
GLN NE2  N N N 147 
GLN OXT  O N N 148 
GLN H    H N N 149 
GLN H2   H N N 150 
GLN HA   H N N 151 
GLN HB2  H N N 152 
GLN HB3  H N N 153 
GLN HG2  H N N 154 
GLN HG3  H N N 155 
GLN HE21 H N N 156 
GLN HE22 H N N 157 
GLN HXT  H N N 158 
GLU N    N N N 159 
GLU CA   C N S 160 
GLU C    C N N 161 
GLU O    O N N 162 
GLU CB   C N N 163 
GLU CG   C N N 164 
GLU CD   C N N 165 
GLU OE1  O N N 166 
GLU OE2  O N N 167 
GLU OXT  O N N 168 
GLU H    H N N 169 
GLU H2   H N N 170 
GLU HA   H N N 171 
GLU HB2  H N N 172 
GLU HB3  H N N 173 
GLU HG2  H N N 174 
GLU HG3  H N N 175 
GLU HE2  H N N 176 
GLU HXT  H N N 177 
GLY N    N N N 178 
GLY CA   C N N 179 
GLY C    C N N 180 
GLY O    O N N 181 
GLY OXT  O N N 182 
GLY H    H N N 183 
GLY H2   H N N 184 
GLY HA2  H N N 185 
GLY HA3  H N N 186 
GLY HXT  H N N 187 
HIS N    N N N 188 
HIS CA   C N S 189 
HIS C    C N N 190 
HIS O    O N N 191 
HIS CB   C N N 192 
HIS CG   C Y N 193 
HIS ND1  N Y N 194 
HIS CD2  C Y N 195 
HIS CE1  C Y N 196 
HIS NE2  N Y N 197 
HIS OXT  O N N 198 
HIS H    H N N 199 
HIS H2   H N N 200 
HIS HA   H N N 201 
HIS HB2  H N N 202 
HIS HB3  H N N 203 
HIS HD1  H N N 204 
HIS HD2  H N N 205 
HIS HE1  H N N 206 
HIS HE2  H N N 207 
HIS HXT  H N N 208 
HOH O    O N N 209 
HOH H1   H N N 210 
HOH H2   H N N 211 
ILE N    N N N 212 
ILE CA   C N S 213 
ILE C    C N N 214 
ILE O    O N N 215 
ILE CB   C N S 216 
ILE CG1  C N N 217 
ILE CG2  C N N 218 
ILE CD1  C N N 219 
ILE OXT  O N N 220 
ILE H    H N N 221 
ILE H2   H N N 222 
ILE HA   H N N 223 
ILE HB   H N N 224 
ILE HG12 H N N 225 
ILE HG13 H N N 226 
ILE HG21 H N N 227 
ILE HG22 H N N 228 
ILE HG23 H N N 229 
ILE HD11 H N N 230 
ILE HD12 H N N 231 
ILE HD13 H N N 232 
ILE HXT  H N N 233 
LEU N    N N N 234 
LEU CA   C N S 235 
LEU C    C N N 236 
LEU O    O N N 237 
LEU CB   C N N 238 
LEU CG   C N N 239 
LEU CD1  C N N 240 
LEU CD2  C N N 241 
LEU OXT  O N N 242 
LEU H    H N N 243 
LEU H2   H N N 244 
LEU HA   H N N 245 
LEU HB2  H N N 246 
LEU HB3  H N N 247 
LEU HG   H N N 248 
LEU HD11 H N N 249 
LEU HD12 H N N 250 
LEU HD13 H N N 251 
LEU HD21 H N N 252 
LEU HD22 H N N 253 
LEU HD23 H N N 254 
LEU HXT  H N N 255 
LYS N    N N N 256 
LYS CA   C N S 257 
LYS C    C N N 258 
LYS O    O N N 259 
LYS CB   C N N 260 
LYS CG   C N N 261 
LYS CD   C N N 262 
LYS CE   C N N 263 
LYS NZ   N N N 264 
LYS OXT  O N N 265 
LYS H    H N N 266 
LYS H2   H N N 267 
LYS HA   H N N 268 
LYS HB2  H N N 269 
LYS HB3  H N N 270 
LYS HG2  H N N 271 
LYS HG3  H N N 272 
LYS HD2  H N N 273 
LYS HD3  H N N 274 
LYS HE2  H N N 275 
LYS HE3  H N N 276 
LYS HZ1  H N N 277 
LYS HZ2  H N N 278 
LYS HZ3  H N N 279 
LYS HXT  H N N 280 
MET N    N N N 281 
MET CA   C N S 282 
MET C    C N N 283 
MET O    O N N 284 
MET CB   C N N 285 
MET CG   C N N 286 
MET SD   S N N 287 
MET CE   C N N 288 
MET OXT  O N N 289 
MET H    H N N 290 
MET H2   H N N 291 
MET HA   H N N 292 
MET HB2  H N N 293 
MET HB3  H N N 294 
MET HG2  H N N 295 
MET HG3  H N N 296 
MET HE1  H N N 297 
MET HE2  H N N 298 
MET HE3  H N N 299 
MET HXT  H N N 300 
PHE N    N N N 301 
PHE CA   C N S 302 
PHE C    C N N 303 
PHE O    O N N 304 
PHE CB   C N N 305 
PHE CG   C Y N 306 
PHE CD1  C Y N 307 
PHE CD2  C Y N 308 
PHE CE1  C Y N 309 
PHE CE2  C Y N 310 
PHE CZ   C Y N 311 
PHE OXT  O N N 312 
PHE H    H N N 313 
PHE H2   H N N 314 
PHE HA   H N N 315 
PHE HB2  H N N 316 
PHE HB3  H N N 317 
PHE HD1  H N N 318 
PHE HD2  H N N 319 
PHE HE1  H N N 320 
PHE HE2  H N N 321 
PHE HZ   H N N 322 
PHE HXT  H N N 323 
PRO N    N N N 324 
PRO CA   C N S 325 
PRO C    C N N 326 
PRO O    O N N 327 
PRO CB   C N N 328 
PRO CG   C N N 329 
PRO CD   C N N 330 
PRO OXT  O N N 331 
PRO H    H N N 332 
PRO HA   H N N 333 
PRO HB2  H N N 334 
PRO HB3  H N N 335 
PRO HG2  H N N 336 
PRO HG3  H N N 337 
PRO HD2  H N N 338 
PRO HD3  H N N 339 
PRO HXT  H N N 340 
SER N    N N N 341 
SER CA   C N S 342 
SER C    C N N 343 
SER O    O N N 344 
SER CB   C N N 345 
SER OG   O N N 346 
SER OXT  O N N 347 
SER H    H N N 348 
SER H2   H N N 349 
SER HA   H N N 350 
SER HB2  H N N 351 
SER HB3  H N N 352 
SER HG   H N N 353 
SER HXT  H N N 354 
SO4 S    S N N 355 
SO4 O1   O N N 356 
SO4 O2   O N N 357 
SO4 O3   O N N 358 
SO4 O4   O N N 359 
THR N    N N N 360 
THR CA   C N S 361 
THR C    C N N 362 
THR O    O N N 363 
THR CB   C N R 364 
THR OG1  O N N 365 
THR CG2  C N N 366 
THR OXT  O N N 367 
THR H    H N N 368 
THR H2   H N N 369 
THR HA   H N N 370 
THR HB   H N N 371 
THR HG1  H N N 372 
THR HG21 H N N 373 
THR HG22 H N N 374 
THR HG23 H N N 375 
THR HXT  H N N 376 
TRP N    N N N 377 
TRP CA   C N S 378 
TRP C    C N N 379 
TRP O    O N N 380 
TRP CB   C N N 381 
TRP CG   C Y N 382 
TRP CD1  C Y N 383 
TRP CD2  C Y N 384 
TRP NE1  N Y N 385 
TRP CE2  C Y N 386 
TRP CE3  C Y N 387 
TRP CZ2  C Y N 388 
TRP CZ3  C Y N 389 
TRP CH2  C Y N 390 
TRP OXT  O N N 391 
TRP H    H N N 392 
TRP H2   H N N 393 
TRP HA   H N N 394 
TRP HB2  H N N 395 
TRP HB3  H N N 396 
TRP HD1  H N N 397 
TRP HE1  H N N 398 
TRP HE3  H N N 399 
TRP HZ2  H N N 400 
TRP HZ3  H N N 401 
TRP HH2  H N N 402 
TRP HXT  H N N 403 
TYR N    N N N 404 
TYR CA   C N S 405 
TYR C    C N N 406 
TYR O    O N N 407 
TYR CB   C N N 408 
TYR CG   C Y N 409 
TYR CD1  C Y N 410 
TYR CD2  C Y N 411 
TYR CE1  C Y N 412 
TYR CE2  C Y N 413 
TYR CZ   C Y N 414 
TYR OH   O N N 415 
TYR OXT  O N N 416 
TYR H    H N N 417 
TYR H2   H N N 418 
TYR HA   H N N 419 
TYR HB2  H N N 420 
TYR HB3  H N N 421 
TYR HD1  H N N 422 
TYR HD2  H N N 423 
TYR HE1  H N N 424 
TYR HE2  H N N 425 
TYR HH   H N N 426 
TYR HXT  H N N 427 
VAL N    N N N 428 
VAL CA   C N S 429 
VAL C    C N N 430 
VAL O    O N N 431 
VAL CB   C N N 432 
VAL CG1  C N N 433 
VAL CG2  C N N 434 
VAL OXT  O N N 435 
VAL H    H N N 436 
VAL H2   H N N 437 
VAL HA   H N N 438 
VAL HB   H N N 439 
VAL HG11 H N N 440 
VAL HG12 H N N 441 
VAL HG13 H N N 442 
VAL HG21 H N N 443 
VAL HG22 H N N 444 
VAL HG23 H N N 445 
VAL HXT  H N N 446 
# 
loop_
_chem_comp_bond.comp_id 
_chem_comp_bond.atom_id_1 
_chem_comp_bond.atom_id_2 
_chem_comp_bond.value_order 
_chem_comp_bond.pdbx_aromatic_flag 
_chem_comp_bond.pdbx_stereo_config 
_chem_comp_bond.pdbx_ordinal 
ALA N   CA   sing N N 1   
ALA N   H    sing N N 2   
ALA N   H2   sing N N 3   
ALA CA  C    sing N N 4   
ALA CA  CB   sing N N 5   
ALA CA  HA   sing N N 6   
ALA C   O    doub N N 7   
ALA C   OXT  sing N N 8   
ALA CB  HB1  sing N N 9   
ALA CB  HB2  sing N N 10  
ALA CB  HB3  sing N N 11  
ALA OXT HXT  sing N N 12  
ARG N   CA   sing N N 13  
ARG N   H    sing N N 14  
ARG N   H2   sing N N 15  
ARG CA  C    sing N N 16  
ARG CA  CB   sing N N 17  
ARG CA  HA   sing N N 18  
ARG C   O    doub N N 19  
ARG C   OXT  sing N N 20  
ARG CB  CG   sing N N 21  
ARG CB  HB2  sing N N 22  
ARG CB  HB3  sing N N 23  
ARG CG  CD   sing N N 24  
ARG CG  HG2  sing N N 25  
ARG CG  HG3  sing N N 26  
ARG CD  NE   sing N N 27  
ARG CD  HD2  sing N N 28  
ARG CD  HD3  sing N N 29  
ARG NE  CZ   sing N N 30  
ARG NE  HE   sing N N 31  
ARG CZ  NH1  sing N N 32  
ARG CZ  NH2  doub N N 33  
ARG NH1 HH11 sing N N 34  
ARG NH1 HH12 sing N N 35  
ARG NH2 HH21 sing N N 36  
ARG NH2 HH22 sing N N 37  
ARG OXT HXT  sing N N 38  
ASN N   CA   sing N N 39  
ASN N   H    sing N N 40  
ASN N   H2   sing N N 41  
ASN CA  C    sing N N 42  
ASN CA  CB   sing N N 43  
ASN CA  HA   sing N N 44  
ASN C   O    doub N N 45  
ASN C   OXT  sing N N 46  
ASN CB  CG   sing N N 47  
ASN CB  HB2  sing N N 48  
ASN CB  HB3  sing N N 49  
ASN CG  OD1  doub N N 50  
ASN CG  ND2  sing N N 51  
ASN ND2 HD21 sing N N 52  
ASN ND2 HD22 sing N N 53  
ASN OXT HXT  sing N N 54  
ASP N   CA   sing N N 55  
ASP N   H    sing N N 56  
ASP N   H2   sing N N 57  
ASP CA  C    sing N N 58  
ASP CA  CB   sing N N 59  
ASP CA  HA   sing N N 60  
ASP C   O    doub N N 61  
ASP C   OXT  sing N N 62  
ASP CB  CG   sing N N 63  
ASP CB  HB2  sing N N 64  
ASP CB  HB3  sing N N 65  
ASP CG  OD1  doub N N 66  
ASP CG  OD2  sing N N 67  
ASP OD2 HD2  sing N N 68  
ASP OXT HXT  sing N N 69  
CYS N   CA   sing N N 70  
CYS N   H    sing N N 71  
CYS N   H2   sing N N 72  
CYS CA  C    sing N N 73  
CYS CA  CB   sing N N 74  
CYS CA  HA   sing N N 75  
CYS C   O    doub N N 76  
CYS C   OXT  sing N N 77  
CYS CB  SG   sing N N 78  
CYS CB  HB2  sing N N 79  
CYS CB  HB3  sing N N 80  
CYS SG  HG   sing N N 81  
CYS OXT HXT  sing N N 82  
EDO C1  O1   sing N N 83  
EDO C1  C2   sing N N 84  
EDO C1  H11  sing N N 85  
EDO C1  H12  sing N N 86  
EDO O1  HO1  sing N N 87  
EDO C2  O2   sing N N 88  
EDO C2  H21  sing N N 89  
EDO C2  H22  sing N N 90  
EDO O2  HO2  sing N N 91  
FAR C1  C2   sing N N 92  
FAR C1  H11  sing N N 93  
FAR C1  H12A sing N N 94  
FAR C1  H13  sing N N 95  
FAR C2  C3   doub N E 96  
FAR C2  H2   sing N N 97  
FAR C3  C5   sing N N 98  
FAR C3  C4   sing N N 99  
FAR C5  C6   sing N N 100 
FAR C5  H51  sing N N 101 
FAR C5  H52  sing N N 102 
FAR C6  C7   sing N N 103 
FAR C6  H61  sing N N 104 
FAR C6  H62  sing N N 105 
FAR C7  C8   doub N E 106 
FAR C7  H7   sing N N 107 
FAR C8  C9   sing N N 108 
FAR C8  C10  sing N N 109 
FAR C9  C11  sing N N 110 
FAR C9  H91  sing N N 111 
FAR C9  H92  sing N N 112 
FAR C11 C12  sing N N 113 
FAR C11 H111 sing N N 114 
FAR C11 H112 sing N N 115 
FAR C12 C13  doub N N 116 
FAR C12 H12  sing N N 117 
FAR C13 C14  sing N N 118 
FAR C13 C15  sing N N 119 
FAR C14 H141 sing N N 120 
FAR C14 H142 sing N N 121 
FAR C14 H143 sing N N 122 
FAR C15 H151 sing N N 123 
FAR C15 H152 sing N N 124 
FAR C15 H153 sing N N 125 
FAR C4  H41  sing N N 126 
FAR C4  H42  sing N N 127 
FAR C4  H43  sing N N 128 
FAR C10 H101 sing N N 129 
FAR C10 H102 sing N N 130 
FAR C10 H103 sing N N 131 
GLN N   CA   sing N N 132 
GLN N   H    sing N N 133 
GLN N   H2   sing N N 134 
GLN CA  C    sing N N 135 
GLN CA  CB   sing N N 136 
GLN CA  HA   sing N N 137 
GLN C   O    doub N N 138 
GLN C   OXT  sing N N 139 
GLN CB  CG   sing N N 140 
GLN CB  HB2  sing N N 141 
GLN CB  HB3  sing N N 142 
GLN CG  CD   sing N N 143 
GLN CG  HG2  sing N N 144 
GLN CG  HG3  sing N N 145 
GLN CD  OE1  doub N N 146 
GLN CD  NE2  sing N N 147 
GLN NE2 HE21 sing N N 148 
GLN NE2 HE22 sing N N 149 
GLN OXT HXT  sing N N 150 
GLU N   CA   sing N N 151 
GLU N   H    sing N N 152 
GLU N   H2   sing N N 153 
GLU CA  C    sing N N 154 
GLU CA  CB   sing N N 155 
GLU CA  HA   sing N N 156 
GLU C   O    doub N N 157 
GLU C   OXT  sing N N 158 
GLU CB  CG   sing N N 159 
GLU CB  HB2  sing N N 160 
GLU CB  HB3  sing N N 161 
GLU CG  CD   sing N N 162 
GLU CG  HG2  sing N N 163 
GLU CG  HG3  sing N N 164 
GLU CD  OE1  doub N N 165 
GLU CD  OE2  sing N N 166 
GLU OE2 HE2  sing N N 167 
GLU OXT HXT  sing N N 168 
GLY N   CA   sing N N 169 
GLY N   H    sing N N 170 
GLY N   H2   sing N N 171 
GLY CA  C    sing N N 172 
GLY CA  HA2  sing N N 173 
GLY CA  HA3  sing N N 174 
GLY C   O    doub N N 175 
GLY C   OXT  sing N N 176 
GLY OXT HXT  sing N N 177 
HIS N   CA   sing N N 178 
HIS N   H    sing N N 179 
HIS N   H2   sing N N 180 
HIS CA  C    sing N N 181 
HIS CA  CB   sing N N 182 
HIS CA  HA   sing N N 183 
HIS C   O    doub N N 184 
HIS C   OXT  sing N N 185 
HIS CB  CG   sing N N 186 
HIS CB  HB2  sing N N 187 
HIS CB  HB3  sing N N 188 
HIS CG  ND1  sing Y N 189 
HIS CG  CD2  doub Y N 190 
HIS ND1 CE1  doub Y N 191 
HIS ND1 HD1  sing N N 192 
HIS CD2 NE2  sing Y N 193 
HIS CD2 HD2  sing N N 194 
HIS CE1 NE2  sing Y N 195 
HIS CE1 HE1  sing N N 196 
HIS NE2 HE2  sing N N 197 
HIS OXT HXT  sing N N 198 
HOH O   H1   sing N N 199 
HOH O   H2   sing N N 200 
ILE N   CA   sing N N 201 
ILE N   H    sing N N 202 
ILE N   H2   sing N N 203 
ILE CA  C    sing N N 204 
ILE CA  CB   sing N N 205 
ILE CA  HA   sing N N 206 
ILE C   O    doub N N 207 
ILE C   OXT  sing N N 208 
ILE CB  CG1  sing N N 209 
ILE CB  CG2  sing N N 210 
ILE CB  HB   sing N N 211 
ILE CG1 CD1  sing N N 212 
ILE CG1 HG12 sing N N 213 
ILE CG1 HG13 sing N N 214 
ILE CG2 HG21 sing N N 215 
ILE CG2 HG22 sing N N 216 
ILE CG2 HG23 sing N N 217 
ILE CD1 HD11 sing N N 218 
ILE CD1 HD12 sing N N 219 
ILE CD1 HD13 sing N N 220 
ILE OXT HXT  sing N N 221 
LEU N   CA   sing N N 222 
LEU N   H    sing N N 223 
LEU N   H2   sing N N 224 
LEU CA  C    sing N N 225 
LEU CA  CB   sing N N 226 
LEU CA  HA   sing N N 227 
LEU C   O    doub N N 228 
LEU C   OXT  sing N N 229 
LEU CB  CG   sing N N 230 
LEU CB  HB2  sing N N 231 
LEU CB  HB3  sing N N 232 
LEU CG  CD1  sing N N 233 
LEU CG  CD2  sing N N 234 
LEU CG  HG   sing N N 235 
LEU CD1 HD11 sing N N 236 
LEU CD1 HD12 sing N N 237 
LEU CD1 HD13 sing N N 238 
LEU CD2 HD21 sing N N 239 
LEU CD2 HD22 sing N N 240 
LEU CD2 HD23 sing N N 241 
LEU OXT HXT  sing N N 242 
LYS N   CA   sing N N 243 
LYS N   H    sing N N 244 
LYS N   H2   sing N N 245 
LYS CA  C    sing N N 246 
LYS CA  CB   sing N N 247 
LYS CA  HA   sing N N 248 
LYS C   O    doub N N 249 
LYS C   OXT  sing N N 250 
LYS CB  CG   sing N N 251 
LYS CB  HB2  sing N N 252 
LYS CB  HB3  sing N N 253 
LYS CG  CD   sing N N 254 
LYS CG  HG2  sing N N 255 
LYS CG  HG3  sing N N 256 
LYS CD  CE   sing N N 257 
LYS CD  HD2  sing N N 258 
LYS CD  HD3  sing N N 259 
LYS CE  NZ   sing N N 260 
LYS CE  HE2  sing N N 261 
LYS CE  HE3  sing N N 262 
LYS NZ  HZ1  sing N N 263 
LYS NZ  HZ2  sing N N 264 
LYS NZ  HZ3  sing N N 265 
LYS OXT HXT  sing N N 266 
MET N   CA   sing N N 267 
MET N   H    sing N N 268 
MET N   H2   sing N N 269 
MET CA  C    sing N N 270 
MET CA  CB   sing N N 271 
MET CA  HA   sing N N 272 
MET C   O    doub N N 273 
MET C   OXT  sing N N 274 
MET CB  CG   sing N N 275 
MET CB  HB2  sing N N 276 
MET CB  HB3  sing N N 277 
MET CG  SD   sing N N 278 
MET CG  HG2  sing N N 279 
MET CG  HG3  sing N N 280 
MET SD  CE   sing N N 281 
MET CE  HE1  sing N N 282 
MET CE  HE2  sing N N 283 
MET CE  HE3  sing N N 284 
MET OXT HXT  sing N N 285 
PHE N   CA   sing N N 286 
PHE N   H    sing N N 287 
PHE N   H2   sing N N 288 
PHE CA  C    sing N N 289 
PHE CA  CB   sing N N 290 
PHE CA  HA   sing N N 291 
PHE C   O    doub N N 292 
PHE C   OXT  sing N N 293 
PHE CB  CG   sing N N 294 
PHE CB  HB2  sing N N 295 
PHE CB  HB3  sing N N 296 
PHE CG  CD1  doub Y N 297 
PHE CG  CD2  sing Y N 298 
PHE CD1 CE1  sing Y N 299 
PHE CD1 HD1  sing N N 300 
PHE CD2 CE2  doub Y N 301 
PHE CD2 HD2  sing N N 302 
PHE CE1 CZ   doub Y N 303 
PHE CE1 HE1  sing N N 304 
PHE CE2 CZ   sing Y N 305 
PHE CE2 HE2  sing N N 306 
PHE CZ  HZ   sing N N 307 
PHE OXT HXT  sing N N 308 
PRO N   CA   sing N N 309 
PRO N   CD   sing N N 310 
PRO N   H    sing N N 311 
PRO CA  C    sing N N 312 
PRO CA  CB   sing N N 313 
PRO CA  HA   sing N N 314 
PRO C   O    doub N N 315 
PRO C   OXT  sing N N 316 
PRO CB  CG   sing N N 317 
PRO CB  HB2  sing N N 318 
PRO CB  HB3  sing N N 319 
PRO CG  CD   sing N N 320 
PRO CG  HG2  sing N N 321 
PRO CG  HG3  sing N N 322 
PRO CD  HD2  sing N N 323 
PRO CD  HD3  sing N N 324 
PRO OXT HXT  sing N N 325 
SER N   CA   sing N N 326 
SER N   H    sing N N 327 
SER N   H2   sing N N 328 
SER CA  C    sing N N 329 
SER CA  CB   sing N N 330 
SER CA  HA   sing N N 331 
SER C   O    doub N N 332 
SER C   OXT  sing N N 333 
SER CB  OG   sing N N 334 
SER CB  HB2  sing N N 335 
SER CB  HB3  sing N N 336 
SER OG  HG   sing N N 337 
SER OXT HXT  sing N N 338 
SO4 S   O1   doub N N 339 
SO4 S   O2   doub N N 340 
SO4 S   O3   sing N N 341 
SO4 S   O4   sing N N 342 
THR N   CA   sing N N 343 
THR N   H    sing N N 344 
THR N   H2   sing N N 345 
THR CA  C    sing N N 346 
THR CA  CB   sing N N 347 
THR CA  HA   sing N N 348 
THR C   O    doub N N 349 
THR C   OXT  sing N N 350 
THR CB  OG1  sing N N 351 
THR CB  CG2  sing N N 352 
THR CB  HB   sing N N 353 
THR OG1 HG1  sing N N 354 
THR CG2 HG21 sing N N 355 
THR CG2 HG22 sing N N 356 
THR CG2 HG23 sing N N 357 
THR OXT HXT  sing N N 358 
TRP N   CA   sing N N 359 
TRP N   H    sing N N 360 
TRP N   H2   sing N N 361 
TRP CA  C    sing N N 362 
TRP CA  CB   sing N N 363 
TRP CA  HA   sing N N 364 
TRP C   O    doub N N 365 
TRP C   OXT  sing N N 366 
TRP CB  CG   sing N N 367 
TRP CB  HB2  sing N N 368 
TRP CB  HB3  sing N N 369 
TRP CG  CD1  doub Y N 370 
TRP CG  CD2  sing Y N 371 
TRP CD1 NE1  sing Y N 372 
TRP CD1 HD1  sing N N 373 
TRP CD2 CE2  doub Y N 374 
TRP CD2 CE3  sing Y N 375 
TRP NE1 CE2  sing Y N 376 
TRP NE1 HE1  sing N N 377 
TRP CE2 CZ2  sing Y N 378 
TRP CE3 CZ3  doub Y N 379 
TRP CE3 HE3  sing N N 380 
TRP CZ2 CH2  doub Y N 381 
TRP CZ2 HZ2  sing N N 382 
TRP CZ3 CH2  sing Y N 383 
TRP CZ3 HZ3  sing N N 384 
TRP CH2 HH2  sing N N 385 
TRP OXT HXT  sing N N 386 
TYR N   CA   sing N N 387 
TYR N   H    sing N N 388 
TYR N   H2   sing N N 389 
TYR CA  C    sing N N 390 
TYR CA  CB   sing N N 391 
TYR CA  HA   sing N N 392 
TYR C   O    doub N N 393 
TYR C   OXT  sing N N 394 
TYR CB  CG   sing N N 395 
TYR CB  HB2  sing N N 396 
TYR CB  HB3  sing N N 397 
TYR CG  CD1  doub Y N 398 
TYR CG  CD2  sing Y N 399 
TYR CD1 CE1  sing Y N 400 
TYR CD1 HD1  sing N N 401 
TYR CD2 CE2  doub Y N 402 
TYR CD2 HD2  sing N N 403 
TYR CE1 CZ   doub Y N 404 
TYR CE1 HE1  sing N N 405 
TYR CE2 CZ   sing Y N 406 
TYR CE2 HE2  sing N N 407 
TYR CZ  OH   sing N N 408 
TYR OH  HH   sing N N 409 
TYR OXT HXT  sing N N 410 
VAL N   CA   sing N N 411 
VAL N   H    sing N N 412 
VAL N   H2   sing N N 413 
VAL CA  C    sing N N 414 
VAL CA  CB   sing N N 415 
VAL CA  HA   sing N N 416 
VAL C   O    doub N N 417 
VAL C   OXT  sing N N 418 
VAL CB  CG1  sing N N 419 
VAL CB  CG2  sing N N 420 
VAL CB  HB   sing N N 421 
VAL CG1 HG11 sing N N 422 
VAL CG1 HG12 sing N N 423 
VAL CG1 HG13 sing N N 424 
VAL CG2 HG21 sing N N 425 
VAL CG2 HG22 sing N N 426 
VAL CG2 HG23 sing N N 427 
VAL OXT HXT  sing N N 428 
# 
_pdbx_audit_support.funding_organization   'Cancer Research UK' 
_pdbx_audit_support.country                'United Kingdom' 
_pdbx_audit_support.grant_number           ? 
_pdbx_audit_support.ordinal                1 
# 
_pdbx_entity_instance_feature.ordinal        1 
_pdbx_entity_instance_feature.comp_id        FAR 
_pdbx_entity_instance_feature.asym_id        ? 
_pdbx_entity_instance_feature.seq_num        ? 
_pdbx_entity_instance_feature.auth_comp_id   FAR 
_pdbx_entity_instance_feature.auth_asym_id   ? 
_pdbx_entity_instance_feature.auth_seq_num   ? 
_pdbx_entity_instance_feature.feature_type   'SUBJECT OF INVESTIGATION' 
_pdbx_entity_instance_feature.details        ? 
# 
_pdbx_initial_refinement_model.id               1 
_pdbx_initial_refinement_model.entity_id_list   ? 
_pdbx_initial_refinement_model.type             'experimental model' 
_pdbx_initial_refinement_model.source_name      PDB 
_pdbx_initial_refinement_model.accession_code   5TB5 
_pdbx_initial_refinement_model.details          ? 
# 
_atom_sites.entry_id                    7Q9R 
_atom_sites.Cartn_transf_matrix[1][1]   ? 
_atom_sites.Cartn_transf_matrix[1][2]   ? 
_atom_sites.Cartn_transf_matrix[1][3]   ? 
_atom_sites.Cartn_transf_matrix[2][1]   ? 
_atom_sites.Cartn_transf_matrix[2][2]   ? 
_atom_sites.Cartn_transf_matrix[2][3]   ? 
_atom_sites.Cartn_transf_matrix[3][1]   ? 
_atom_sites.Cartn_transf_matrix[3][2]   ? 
_atom_sites.Cartn_transf_matrix[3][3]   ? 
_atom_sites.Cartn_transf_vector[1]      ? 
_atom_sites.Cartn_transf_vector[2]      ? 
_atom_sites.Cartn_transf_vector[3]      ? 
_atom_sites.fract_transf_matrix[1][1]   -0.01114664 
_atom_sites.fract_transf_matrix[1][2]   -0.00881088 
_atom_sites.fract_transf_matrix[1][3]   0.01505085 
_atom_sites.fract_transf_matrix[2][1]   0.00175917 
_atom_sites.fract_transf_matrix[2][2]   -0.02029704 
_atom_sites.fract_transf_matrix[2][3]   0.00365279 
_atom_sites.fract_transf_matrix[3][1]   0.00641469 
_atom_sites.fract_transf_matrix[3][2]   0.00157709 
_atom_sites.fract_transf_matrix[3][3]   0.00567396 
_atom_sites.fract_transf_vector[1]      -0.429823 
_atom_sites.fract_transf_vector[2]      0.161069 
_atom_sites.fract_transf_vector[3]      -0.075533 
_atom_sites.solution_primary            ? 
_atom_sites.solution_secondary          ? 
_atom_sites.solution_hydrogens          ? 
_atom_sites.special_details             ? 
# 
loop_
_atom_type.symbol 
_atom_type.pdbx_scat_Z 
_atom_type.pdbx_N_electrons 
_atom_type.scat_Cromer_Mann_a1 
_atom_type.scat_Cromer_Mann_b1 
_atom_type.scat_Cromer_Mann_a2 
_atom_type.scat_Cromer_Mann_b2 
_atom_type.scat_Cromer_Mann_a3 
_atom_type.scat_Cromer_Mann_b3 
_atom_type.scat_Cromer_Mann_a4 
_atom_type.scat_Cromer_Mann_b4 
_atom_type.scat_Cromer_Mann_c 
C 6  6  2.310  20.844 1.020 10.208 1.589 0.569  0.865 51.651 0.216   
H 1  1  0.493  10.511 0.323 26.126 0.140 3.142  0.041 57.800 0.003   
N 7  7  12.222 0.006  3.135 9.893  2.014 28.997 1.167 0.583  -11.538 
O 8  8  3.049  13.277 2.287 5.701  1.546 0.324  0.867 32.909 0.251   
S 16 16 6.905  1.468  5.203 22.215 1.438 0.254  1.586 56.172 1.031   
# 
loop_
_atom_site.group_PDB 
_atom_site.id 
_atom_site.type_symbol 
_atom_site.label_atom_id 
_atom_site.label_alt_id 
_atom_site.label_comp_id 
_atom_site.label_asym_id 
_atom_site.label_entity_id 
_atom_site.label_seq_id 
_atom_site.pdbx_PDB_ins_code 
_atom_site.Cartn_x 
_atom_site.Cartn_y 
_atom_site.Cartn_z 
_atom_site.occupancy 
_atom_site.B_iso_or_equiv 
_atom_site.pdbx_formal_charge 
_atom_site.auth_seq_id 
_atom_site.auth_comp_id 
_atom_site.auth_asym_id 
_atom_site.auth_atom_id 
_atom_site.pdbx_PDB_model_num 
ATOM   1    N N   . MET A 1 1   ? -21.868 6.855   16.686  1.000 41.116 ? 1   MET BBB N   1 
ATOM   2    C CA  . MET A 1 1   ? -21.606 5.611   15.907  1.000 41.180 ? 1   MET BBB CA  1 
ATOM   3    C C   . MET A 1 1   ? -22.670 5.464   14.813  1.000 40.020 ? 1   MET BBB C   1 
ATOM   4    O O   . MET A 1 1   ? -23.818 5.113   15.149  1.000 39.857 ? 1   MET BBB O   1 
ATOM   5    C CB  . MET A 1 1   ? -21.636 4.379   16.816  1.000 42.173 ? 1   MET BBB CB  1 
ATOM   6    C CG  . MET A 1 1   ? -21.024 3.145   16.180  1.000 42.782 ? 1   MET BBB CG  1 
ATOM   7    S SD  . MET A 1 1   ? -19.346 3.451   15.571  1.000 44.046 ? 1   MET BBB SD  1 
ATOM   8    C CE  . MET A 1 1   ? -19.110 2.018   14.522  1.000 44.012 ? 1   MET BBB CE  1 
ATOM   9    N N   . SER A 1 2   ? -22.292 5.721   13.556  1.000 39.093 ? 2   SER BBB N   1 
ATOM   10   C CA  . SER A 1 2   ? -23.197 5.744   12.377  1.000 38.459 ? 2   SER BBB CA  1 
ATOM   11   C C   . SER A 1 2   ? -23.172 4.384   11.669  1.000 37.478 ? 2   SER BBB C   1 
ATOM   12   O O   . SER A 1 2   ? -22.277 3.572   11.977  1.000 37.098 ? 2   SER BBB O   1 
ATOM   13   C CB  . SER A 1 2   ? -22.824 6.856   11.432  1.000 38.673 ? 2   SER BBB CB  1 
ATOM   14   O OG  . SER A 1 2   ? -21.607 6.563   10.760  1.000 39.038 ? 2   SER BBB OG  1 
ATOM   15   N N   . ALA A 1 3   ? -24.119 4.161   10.753  1.000 36.593 ? 3   ALA BBB N   1 
ATOM   16   C CA  . ALA A 1 3   ? -24.278 2.915   9.969   1.000 36.269 ? 3   ALA BBB CA  1 
ATOM   17   C C   . ALA A 1 3   ? -23.034 2.689   9.102   1.000 35.723 ? 3   ALA BBB C   1 
ATOM   18   O O   . ALA A 1 3   ? -22.694 1.517   8.848   1.000 34.817 ? 3   ALA BBB O   1 
ATOM   19   C CB  . ALA A 1 3   ? -25.527 2.996   9.125   1.000 36.297 ? 3   ALA BBB CB  1 
ATOM   20   N N   . LYS A 1 4   ? -22.387 3.777   8.672   1.000 35.418 ? 4   LYS BBB N   1 
ATOM   21   C CA  . LYS A 1 4   ? -21.222 3.756   7.747   1.000 35.242 ? 4   LYS BBB CA  1 
ATOM   22   C C   . LYS A 1 4   ? -19.952 3.419   8.535   1.000 34.525 ? 4   LYS BBB C   1 
ATOM   23   O O   . LYS A 1 4   ? -19.135 2.628   8.022   1.000 34.191 ? 4   LYS BBB O   1 
ATOM   24   C CB  . LYS A 1 4   ? -21.099 5.097   7.016   1.000 35.781 ? 4   LYS BBB CB  1 
ATOM   25   C CG  . LYS A 1 4   ? -21.540 5.067   5.558   1.000 36.282 ? 4   LYS BBB CG  1 
ATOM   26   C CD  . LYS A 1 4   ? -22.200 6.345   5.087   1.000 36.632 ? 4   LYS BBB CD  1 
ATOM   27   C CE  . LYS A 1 4   ? -23.028 6.144   3.835   1.000 37.128 ? 4   LYS BBB CE  1 
ATOM   28   N NZ  . LYS A 1 4   ? -23.707 7.393   3.419   1.000 37.588 ? 4   LYS BBB NZ  1 
ATOM   29   N N   . ASP A 1 5   ? -19.801 3.988   9.735   1.000 33.843 ? 5   ASP BBB N   1 
ATOM   30   C CA  . ASP A 1 5   ? -18.738 3.619   10.708  1.000 33.306 ? 5   ASP BBB CA  1 
ATOM   31   C C   . ASP A 1 5   ? -18.801 2.107   10.953  1.000 32.136 ? 5   ASP BBB C   1 
ATOM   32   O O   . ASP A 1 5   ? -17.731 1.474   11.034  1.000 31.559 ? 5   ASP BBB O   1 
ATOM   33   C CB  . ASP A 1 5   ? -18.887 4.393   12.021  1.000 33.941 ? 5   ASP BBB CB  1 
ATOM   34   C CG  . ASP A 1 5   ? -18.700 5.893   11.875  1.000 34.716 ? 5   ASP BBB CG  1 
ATOM   35   O OD1 . ASP A 1 5   ? -17.869 6.303   11.040  1.000 35.290 ? 5   ASP BBB OD1 1 
ATOM   36   O OD2 . ASP A 1 5   ? -19.391 6.641   12.596  1.000 35.306 ? 5   ASP BBB OD2 1 
ATOM   37   N N   . GLU A 1 6   ? -20.018 1.560   11.047  1.000 31.214 ? 6   GLU BBB N   1 
ATOM   38   C CA  . GLU A 1 6   ? -20.286 0.127   11.345  1.000 30.622 ? 6   GLU BBB CA  1 
ATOM   39   C C   . GLU A 1 6   ? -19.877 -0.725  10.138  1.000 29.195 ? 6   GLU BBB C   1 
ATOM   40   O O   . GLU A 1 6   ? -19.221 -1.764  10.345  1.000 28.373 ? 6   GLU BBB O   1 
ATOM   41   C CB  . GLU A 1 6   ? -21.764 -0.076  11.686  1.000 31.384 ? 6   GLU BBB CB  1 
ATOM   42   C CG  . GLU A 1 6   ? -21.990 -0.771  13.016  1.000 32.149 ? 6   GLU BBB CG  1 
ATOM   43   C CD  . GLU A 1 6   ? -21.110 -1.987  13.254  1.000 33.019 ? 6   GLU BBB CD  1 
ATOM   44   O OE1 . GLU A 1 6   ? -21.183 -2.936  12.447  1.000 33.268 ? 6   GLU BBB OE1 1 
ATOM   45   O OE2 . GLU A 1 6   ? -20.347 -1.977  14.242  1.000 33.586 ? 6   GLU BBB OE2 1 
ATOM   46   N N   . ARG A 1 7   ? -20.257 -0.293  8.931   1.000 27.947 ? 7   ARG BBB N   1 
ATOM   47   C CA  . ARG A 1 7   ? -19.945 -0.982  7.650   1.000 27.188 ? 7   ARG BBB CA  1 
ATOM   48   C C   . ARG A 1 7   ? -18.427 -0.996  7.439   1.000 26.461 ? 7   ARG BBB C   1 
ATOM   49   O O   . ARG A 1 7   ? -17.888 -2.062  7.080   1.000 26.247 ? 7   ARG BBB O   1 
ATOM   50   C CB  . ARG A 1 7   ? -20.650 -0.288  6.479   1.000 27.226 ? 7   ARG BBB CB  1 
ATOM   51   C CG  . ARG A 1 7   ? -20.439 -0.973  5.137   1.000 27.280 ? 7   ARG BBB CG  1 
ATOM   52   C CD  . ARG A 1 7   ? -20.683 -2.467  5.220   1.000 27.515 ? 7   ARG BBB CD  1 
ATOM   53   N NE  . ARG A 1 7   ? -20.411 -3.153  3.965   1.000 27.619 ? 7   ARG BBB NE  1 
ATOM   54   C CZ  . ARG A 1 7   ? -20.212 -4.461  3.854   1.000 27.705 ? 7   ARG BBB CZ  1 
ATOM   55   N NH1 . ARG A 1 7   ? -20.246 -5.229  4.930   1.000 27.691 ? 7   ARG BBB NH1 1 
ATOM   56   N NH2 . ARG A 1 7   ? -19.975 -4.997  2.670   1.000 27.809 ? 7   ARG BBB NH2 1 
ATOM   57   N N   . ALA A 1 8   ? -17.774 0.154   7.647   1.000 25.479 ? 8   ALA BBB N   1 
ATOM   58   C CA  . ALA A 1 8   ? -16.308 0.343   7.532   1.000 24.923 ? 8   ALA BBB CA  1 
ATOM   59   C C   . ALA A 1 8   ? -15.587 -0.664  8.434   1.000 24.276 ? 8   ALA BBB C   1 
ATOM   60   O O   . ALA A 1 8   ? -14.555 -1.216  8.002   1.000 23.777 ? 8   ALA BBB O   1 
ATOM   61   C CB  . ALA A 1 8   ? -15.945 1.762   7.892   1.000 24.840 ? 8   ALA BBB CB  1 
ATOM   62   N N   . ARG A 1 9   ? -16.116 -0.888  9.641   1.000 23.824 ? 9   ARG BBB N   1 
ATOM   63   C CA  . ARG A 1 9   ? -15.494 -1.741  10.688  1.000 23.770 ? 9   ARG BBB CA  1 
ATOM   64   C C   . ARG A 1 9   ? -15.768 -3.217  10.380  1.000 23.118 ? 9   ARG BBB C   1 
ATOM   65   O O   . ARG A 1 9   ? -15.006 -4.071  10.872  1.000 23.084 ? 9   ARG BBB O   1 
ATOM   66   C CB  . ARG A 1 9   ? -16.017 -1.344  12.073  1.000 24.238 ? 9   ARG BBB CB  1 
ATOM   67   C CG  . ARG A 1 9   ? -15.035 -0.504  12.877  1.000 24.666 ? 9   ARG BBB CG  1 
ATOM   68   C CD  . ARG A 1 9   ? -15.682 0.689   13.555  1.000 24.998 ? 9   ARG BBB CD  1 
ATOM   69   N NE  . ARG A 1 9   ? -16.123 0.385   14.908  1.000 25.383 ? 9   ARG BBB NE  1 
ATOM   70   C CZ  . ARG A 1 9   ? -16.013 1.217   15.938  1.000 25.641 ? 9   ARG BBB CZ  1 
ATOM   71   N NH1 . ARG A 1 9   ? -16.445 0.852   17.132  1.000 25.755 ? 9   ARG BBB NH1 1 
ATOM   72   N NH2 . ARG A 1 9   ? -15.460 2.405   15.773  1.000 25.761 ? 9   ARG BBB NH2 1 
ATOM   73   N N   . GLU A 1 10  ? -16.799 -3.498  9.578   1.000 22.446 ? 10  GLU BBB N   1 
ATOM   74   C CA  . GLU A 1 10  ? -17.182 -4.873  9.160   1.000 22.021 ? 10  GLU BBB CA  1 
ATOM   75   C C   . GLU A 1 10  ? -16.276 -5.315  8.004   1.000 21.681 ? 10  GLU BBB C   1 
ATOM   76   O O   . GLU A 1 10  ? -15.938 -6.514  7.943   1.000 21.727 ? 10  GLU BBB O   1 
ATOM   77   C CB  . GLU A 1 10  ? -18.659 -4.918  8.764   1.000 21.976 ? 10  GLU BBB CB  1 
ATOM   78   N N   . ILE A 1 11  ? -15.888 -4.373  7.138   1.000 21.213 ? 11  ILE BBB N   1 
ATOM   79   C CA  . ILE A 1 11  ? -14.988 -4.615  5.971   1.000 20.954 ? 11  ILE BBB CA  1 
ATOM   80   C C   . ILE A 1 11  ? -13.563 -4.846  6.488   1.000 20.680 ? 11  ILE BBB C   1 
ATOM   81   O O   . ILE A 1 11  ? -12.930 -5.826  6.050   1.000 20.642 ? 11  ILE BBB O   1 
ATOM   82   C CB  . ILE A 1 11  ? -15.056 -3.447  4.967   1.000 21.015 ? 11  ILE BBB CB  1 
ATOM   83   C CG1 . ILE A 1 11  ? -16.415 -3.389  4.263   1.000 20.986 ? 11  ILE BBB CG1 1 
ATOM   84   C CG2 . ILE A 1 11  ? -13.909 -3.526  3.971   1.000 20.959 ? 11  ILE BBB CG2 1 
ATOM   85   C CD1 . ILE A 1 11  ? -16.694 -2.074  3.570   1.000 20.925 ? 11  ILE BBB CD1 1 
ATOM   86   N N   . LEU A 1 12  ? -13.086 -3.979  7.389   1.000 20.304 ? 12  LEU BBB N   1 
ATOM   87   C CA  . LEU A 1 12  ? -11.745 -4.089  8.024   1.000 20.088 ? 12  LEU BBB CA  1 
ATOM   88   C C   . LEU A 1 12  ? -11.622 -5.457  8.706   1.000 19.874 ? 12  LEU BBB C   1 
ATOM   89   O O   . LEU A 1 12  ? -10.629 -6.162  8.442   1.000 19.806 ? 12  LEU BBB O   1 
ATOM   90   C CB  . LEU A 1 12  ? -11.560 -2.953  9.034   1.000 20.008 ? 12  LEU BBB CB  1 
ATOM   91   C CG  . LEU A 1 12  ? -10.255 -2.997  9.830   1.000 20.025 ? 12  LEU BBB CG  1 
ATOM   92   C CD1 . LEU A 1 12  ? -9.052  -3.038  8.899   1.000 19.929 ? 12  LEU BBB CD1 1 
ATOM   93   C CD2 . LEU A 1 12  ? -10.154 -1.815  10.781  1.000 20.071 ? 12  LEU BBB CD2 1 
ATOM   94   N N   . ARG A 1 13  ? -12.602 -5.812  9.543   1.000 19.800 ? 13  ARG BBB N   1 
ATOM   95   C CA  . ARG A 1 13  ? -12.632 -7.087  10.309  1.000 19.886 ? 13  ARG BBB CA  1 
ATOM   96   C C   . ARG A 1 13  ? -12.502 -8.266  9.338   1.000 19.986 ? 13  ARG BBB C   1 
ATOM   97   O O   . ARG A 1 13  ? -11.802 -9.239  9.680   1.000 20.041 ? 13  ARG BBB O   1 
ATOM   98   C CB  . ARG A 1 13  ? -13.924 -7.201  11.124  1.000 19.754 ? 13  ARG BBB CB  1 
ATOM   99   C CG  . ARG A 1 13  ? -14.192 -8.603  11.651  1.000 19.655 ? 13  ARG BBB CG  1 
ATOM   100  C CD  . ARG A 1 13  ? -15.254 -8.643  12.731  1.000 19.552 ? 13  ARG BBB CD  1 
ATOM   101  N NE  . ARG A 1 13  ? -15.484 -10.004 13.195  1.000 19.549 ? 13  ARG BBB NE  1 
ATOM   102  C CZ  . ARG A 1 13  ? -14.737 -10.628 14.099  1.000 19.427 ? 13  ARG BBB CZ  1 
ATOM   103  N NH1 . ARG A 1 13  ? -13.709 -10.008 14.654  1.000 19.454 ? 13  ARG BBB NH1 1 
ATOM   104  N NH2 . ARG A 1 13  ? -15.021 -11.870 14.450  1.000 19.370 ? 13  ARG BBB NH2 1 
ATOM   105  N N   . GLY A 1 14  ? -13.151 -8.171  8.173   1.000 20.199 ? 14  GLY BBB N   1 
ATOM   106  C CA  . GLY A 1 14  ? -13.204 -9.244  7.162   1.000 20.370 ? 14  GLY BBB CA  1 
ATOM   107  C C   . GLY A 1 14  ? -12.012 -9.199  6.222   1.000 20.678 ? 14  GLY BBB C   1 
ATOM   108  O O   . GLY A 1 14  ? -11.852 -10.147 5.429   1.000 20.772 ? 14  GLY BBB O   1 
ATOM   109  N N   . PHE A 1 15  ? -11.198 -8.143  6.309   1.000 21.107 ? 15  PHE BBB N   1 
ATOM   110  C CA  . PHE A 1 15  ? -10.099 -7.844  5.353   1.000 21.490 ? 15  PHE BBB CA  1 
ATOM   111  C C   . PHE A 1 15  ? -8.764  -8.359  5.902   1.000 22.040 ? 15  PHE BBB C   1 
ATOM   112  O O   . PHE A 1 15  ? -8.534  -8.283  7.126   1.000 21.971 ? 15  PHE BBB O   1 
ATOM   113  C CB  . PHE A 1 15  ? -10.012 -6.344  5.064   1.000 21.321 ? 15  PHE BBB CB  1 
ATOM   114  C CG  . PHE A 1 15  ? -8.943  -5.978  4.065   1.000 21.178 ? 15  PHE BBB CG  1 
ATOM   115  C CD1 . PHE A 1 15  ? -9.196  -6.037  2.703   1.000 21.145 ? 15  PHE BBB CD1 1 
ATOM   116  C CD2 . PHE A 1 15  ? -7.673  -5.619  4.484   1.000 21.192 ? 15  PHE BBB CD2 1 
ATOM   117  C CE1 . PHE A 1 15  ? -8.209  -5.716  1.785   1.000 21.203 ? 15  PHE BBB CE1 1 
ATOM   118  C CE2 . PHE A 1 15  ? -6.686  -5.300  3.564   1.000 21.174 ? 15  PHE BBB CE2 1 
ATOM   119  C CZ  . PHE A 1 15  ? -6.955  -5.350  2.217   1.000 21.227 ? 15  PHE BBB CZ  1 
ATOM   120  N N   . LYS A 1 16  ? -7.900  -8.834  5.001   1.000 22.855 ? 16  LYS BBB N   1 
ATOM   121  C CA  . LYS A 1 16  ? -6.541  -9.349  5.312   1.000 23.494 ? 16  LYS BBB CA  1 
ATOM   122  C C   . LYS A 1 16  ? -5.673  -9.258  4.053   1.000 23.910 ? 16  LYS BBB C   1 
ATOM   123  O O   . LYS A 1 16  ? -6.105  -9.768  2.999   1.000 23.835 ? 16  LYS BBB O   1 
ATOM   124  C CB  . LYS A 1 16  ? -6.627  -10.791 5.820   1.000 23.837 ? 16  LYS BBB CB  1 
ATOM   125  C CG  . LYS A 1 16  ? -5.323  -11.376 6.345   1.000 24.150 ? 16  LYS BBB CG  1 
ATOM   126  C CD  . LYS A 1 16  ? -5.473  -12.773 6.910   1.000 24.439 ? 16  LYS BBB CD  1 
ATOM   127  C CE  . LYS A 1 16  ? -4.147  -13.426 7.234   1.000 24.662 ? 16  LYS BBB CE  1 
ATOM   128  N NZ  . LYS A 1 16  ? -3.268  -12.524 8.013   1.000 24.677 ? 16  LYS BBB NZ  1 
ATOM   129  N N   . LEU A 1 17  ? -4.513  -8.603  4.155   1.000 24.415 ? 17  LEU BBB N   1 
ATOM   130  C CA  . LEU A 1 17  ? -3.433  -8.644  3.132   1.000 24.790 ? 17  LEU BBB CA  1 
ATOM   131  C C   . LEU A 1 17  ? -2.517  -9.835  3.433   1.000 25.354 ? 17  LEU BBB C   1 
ATOM   132  O O   . LEU A 1 17  ? -1.830  -9.803  4.474   1.000 25.327 ? 17  LEU BBB O   1 
ATOM   133  C CB  . LEU A 1 17  ? -2.655  -7.324  3.156   1.000 24.828 ? 17  LEU BBB CB  1 
ATOM   134  C CG  . LEU A 1 17  ? -1.631  -7.150  2.035   1.000 24.925 ? 17  LEU BBB CG  1 
ATOM   135  C CD1 . LEU A 1 17  ? -2.319  -6.938  0.695   1.000 24.975 ? 17  LEU BBB CD1 1 
ATOM   136  C CD2 . LEU A 1 17  ? -0.684  -5.998  2.336   1.000 24.955 ? 17  LEU BBB CD2 1 
ATOM   137  N N   . ASN A 1 18  ? -2.535  -10.852 2.567   1.000 25.981 ? 18  ASN BBB N   1 
ATOM   138  C CA  . ASN A 1 18  ? -1.859  -12.159 2.786   1.000 26.619 ? 18  ASN BBB CA  1 
ATOM   139  C C   . ASN A 1 18  ? -0.363  -12.010 2.490   1.000 27.603 ? 18  ASN BBB C   1 
ATOM   140  O O   . ASN A 1 18  ? 0.448   -12.347 3.376   1.000 27.860 ? 18  ASN BBB O   1 
ATOM   141  C CB  . ASN A 1 18  ? -2.492  -13.267 1.940   1.000 26.468 ? 18  ASN BBB CB  1 
ATOM   142  C CG  . ASN A 1 18  ? -3.971  -13.435 2.211   1.000 26.195 ? 18  ASN BBB CG  1 
ATOM   143  O OD1 . ASN A 1 18  ? -4.386  -13.552 3.362   1.000 26.296 ? 18  ASN BBB OD1 1 
ATOM   144  N ND2 . ASN A 1 18  ? -4.774  -13.440 1.160   1.000 25.862 ? 18  ASN BBB ND2 1 
ATOM   145  N N   . TRP A 1 19  ? -0.017  -11.531 1.292   1.000 28.745 ? 19  TRP BBB N   1 
ATOM   146  C CA  . TRP A 1 19  ? 1.385   -11.265 0.869   1.000 29.750 ? 19  TRP BBB CA  1 
ATOM   147  C C   . TRP A 1 19  ? 1.430   -10.084 -0.106  1.000 31.034 ? 19  TRP BBB C   1 
ATOM   148  O O   . TRP A 1 19  ? 0.368   -9.708  -0.642  1.000 30.813 ? 19  TRP BBB O   1 
ATOM   149  C CB  . TRP A 1 19  ? 2.024   -12.524 0.266   1.000 29.490 ? 19  TRP BBB CB  1 
ATOM   150  C CG  . TRP A 1 19  ? 1.246   -13.145 -0.853  1.000 29.240 ? 19  TRP BBB CG  1 
ATOM   151  C CD1 . TRP A 1 19  ? 0.401   -14.214 -0.770  1.000 29.128 ? 19  TRP BBB CD1 1 
ATOM   152  C CD2 . TRP A 1 19  ? 1.271   -12.764 -2.240  1.000 29.215 ? 19  TRP BBB CD2 1 
ATOM   153  N NE1 . TRP A 1 19  ? -0.113  -14.513 -2.003  1.000 28.990 ? 19  TRP BBB NE1 1 
ATOM   154  C CE2 . TRP A 1 19  ? 0.403   -13.641 -2.925  1.000 29.222 ? 19  TRP BBB CE2 1 
ATOM   155  C CE3 . TRP A 1 19  ? 1.931   -11.767 -2.967  1.000 29.325 ? 19  TRP BBB CE3 1 
ATOM   156  C CZ2 . TRP A 1 19  ? 0.181   -13.547 -4.298  1.000 29.335 ? 19  TRP BBB CZ2 1 
ATOM   157  C CZ3 . TRP A 1 19  ? 1.710   -11.674 -4.324  1.000 29.396 ? 19  TRP BBB CZ3 1 
ATOM   158  C CH2 . TRP A 1 19  ? 0.845   -12.553 -4.978  1.000 29.344 ? 19  TRP BBB CH2 1 
ATOM   159  N N   . MET A 1 20  ? 2.627   -9.523  -0.302  1.000 32.741 ? 20  MET BBB N   1 
ATOM   160  C CA  . MET A 1 20  ? 2.904   -8.378  -1.208  1.000 34.283 ? 20  MET BBB CA  1 
ATOM   161  C C   . MET A 1 20  ? 4.361   -8.469  -1.673  1.000 35.015 ? 20  MET BBB C   1 
ATOM   162  O O   . MET A 1 20  ? 5.198   -8.963  -0.891  1.000 35.202 ? 20  MET BBB O   1 
ATOM   163  C CB  . MET A 1 20  ? 2.684   -7.043  -0.488  1.000 35.313 ? 20  MET BBB CB  1 
ATOM   164  C CG  . MET A 1 20  ? 2.834   -5.832  -1.389  1.000 36.180 ? 20  MET BBB CG  1 
ATOM   165  S SD  . MET A 1 20  ? 3.140   -4.305  -0.462  1.000 37.849 ? 20  MET BBB SD  1 
ATOM   166  C CE  . MET A 1 20  ? 4.912   -4.139  -0.678  1.000 37.860 ? 20  MET BBB CE  1 
ATOM   167  N N   . ASN A 1 21  ? 4.647   -8.022  -2.899  1.000 35.823 ? 21  ASN BBB N   1 
ATOM   168  C CA  . ASN A 1 21  ? 6.022   -7.974  -3.463  1.000 36.669 ? 21  ASN BBB CA  1 
ATOM   169  C C   . ASN A 1 21  ? 6.130   -6.805  -4.447  1.000 37.195 ? 21  ASN BBB C   1 
ATOM   170  O O   . ASN A 1 21  ? 5.095   -6.407  -5.017  1.000 37.126 ? 21  ASN BBB O   1 
ATOM   171  C CB  . ASN A 1 21  ? 6.415   -9.298  -4.121  1.000 37.004 ? 21  ASN BBB CB  1 
ATOM   172  C CG  . ASN A 1 21  ? 5.445   -9.740  -5.196  1.000 37.211 ? 21  ASN BBB CG  1 
ATOM   173  O OD1 . ASN A 1 21  ? 5.006   -8.935  -6.014  1.000 37.288 ? 21  ASN BBB OD1 1 
ATOM   174  N ND2 . ASN A 1 21  ? 5.114   -11.021 -5.210  1.000 37.496 ? 21  ASN BBB ND2 1 
ATOM   175  N N   . LEU A 1 22  ? 7.343   -6.266  -4.602  1.000 37.989 ? 22  LEU BBB N   1 
ATOM   176  C CA  . LEU A 1 22  ? 7.691   -5.220  -5.597  1.000 38.703 ? 22  LEU BBB CA  1 
ATOM   177  C C   . LEU A 1 22  ? 8.754   -5.780  -6.545  1.000 39.547 ? 22  LEU BBB C   1 
ATOM   178  O O   . LEU A 1 22  ? 9.746   -6.349  -6.050  1.000 39.469 ? 22  LEU BBB O   1 
ATOM   179  C CB  . LEU A 1 22  ? 8.214   -3.981  -4.866  1.000 38.694 ? 22  LEU BBB CB  1 
ATOM   180  C CG  . LEU A 1 22  ? 7.283   -3.402  -3.802  1.000 38.693 ? 22  LEU BBB CG  1 
ATOM   181  C CD1 . LEU A 1 22  ? 8.035   -2.446  -2.890  1.000 38.902 ? 22  LEU BBB CD1 1 
ATOM   182  C CD2 . LEU A 1 22  ? 6.093   -2.707  -4.443  1.000 38.687 ? 22  LEU BBB CD2 1 
ATOM   183  N N   . ARG A 1 23  ? 8.538   -5.638  -7.854  1.000 40.977 ? 23  ARG BBB N   1 
ATOM   184  C CA  . ARG A 1 23  ? 9.536   -5.974  -8.901  1.000 42.143 ? 23  ARG BBB CA  1 
ATOM   185  C C   . ARG A 1 23  ? 9.807   -4.725  -9.743  1.000 43.199 ? 23  ARG BBB C   1 
ATOM   186  O O   . ARG A 1 23  ? 8.865   -3.932  -9.944  1.000 42.822 ? 23  ARG BBB O   1 
ATOM   187  C CB  . ARG A 1 23  ? 9.029   -7.115  -9.788  1.000 42.407 ? 23  ARG BBB CB  1 
ATOM   188  C CG  . ARG A 1 23  ? 8.391   -8.275  -9.038  1.000 42.609 ? 23  ARG BBB CG  1 
ATOM   189  C CD  . ARG A 1 23  ? 7.583   -9.109  -10.014 1.000 42.960 ? 23  ARG BBB CD  1 
ATOM   190  N NE  . ARG A 1 23  ? 6.804   -10.179 -9.409  1.000 42.928 ? 23  ARG BBB NE  1 
ATOM   191  C CZ  . ARG A 1 23  ? 7.281   -11.384 -9.119  1.000 43.181 ? 23  ARG BBB CZ  1 
ATOM   192  N NH1 . ARG A 1 23  ? 8.557   -11.658 -9.331  1.000 43.513 ? 23  ARG BBB NH1 1 
ATOM   193  N NH2 . ARG A 1 23  ? 6.487   -12.304 -8.603  1.000 43.329 ? 23  ARG BBB NH2 1 
ATOM   194  N N   . ASP A 1 24  ? 11.049  -4.558  -10.204 1.000 44.752 ? 24  ASP BBB N   1 
ATOM   195  C CA  . ASP A 1 24  ? 11.421  -3.566  -11.247 1.000 45.620 ? 24  ASP BBB CA  1 
ATOM   196  C C   . ASP A 1 24  ? 10.546  -3.821  -12.479 1.000 45.919 ? 24  ASP BBB C   1 
ATOM   197  O O   . ASP A 1 24  ? 10.737  -4.868  -13.126 1.000 45.460 ? 24  ASP BBB O   1 
ATOM   198  C CB  . ASP A 1 24  ? 12.905  -3.663  -11.603 1.000 46.227 ? 24  ASP BBB CB  1 
ATOM   199  C CG  . ASP A 1 24  ? 13.407  -2.516  -12.464 1.000 46.796 ? 24  ASP BBB CG  1 
ATOM   200  O OD1 . ASP A 1 24  ? 12.564  -1.837  -13.085 1.000 47.180 ? 24  ASP BBB OD1 1 
ATOM   201  O OD2 . ASP A 1 24  ? 14.636  -2.311  -12.507 1.000 47.279 ? 24  ASP BBB OD2 1 
ATOM   202  N N   . ALA A 1 25  ? 9.597   -2.922  -12.760 1.000 46.656 ? 25  ALA BBB N   1 
ATOM   203  C CA  . ALA A 1 25  ? 8.663   -3.028  -13.904 1.000 47.218 ? 25  ALA BBB CA  1 
ATOM   204  C C   . ALA A 1 25  ? 9.457   -3.404  -15.160 1.000 47.977 ? 25  ALA BBB C   1 
ATOM   205  O O   . ALA A 1 25  ? 8.995   -4.279  -15.920 1.000 47.947 ? 25  ALA BBB O   1 
ATOM   206  C CB  . ALA A 1 25  ? 7.914   -1.732  -14.090 1.000 46.858 ? 25  ALA BBB CB  1 
ATOM   207  N N   . GLU A 1 26  ? 10.628  -2.785  -15.334 1.000 49.036 ? 26  GLU BBB N   1 
ATOM   208  C CA  . GLU A 1 26  ? 11.493  -2.902  -16.538 1.000 49.923 ? 26  GLU BBB CA  1 
ATOM   209  C C   . GLU A 1 26  ? 11.991  -4.347  -16.690 1.000 49.456 ? 26  GLU BBB C   1 
ATOM   210  O O   . GLU A 1 26  ? 11.784  -4.921  -17.776 1.000 49.225 ? 26  GLU BBB O   1 
ATOM   211  C CB  . GLU A 1 26  ? 12.658  -1.915  -16.440 1.000 51.249 ? 26  GLU BBB CB  1 
ATOM   212  C CG  . GLU A 1 26  ? 13.146  -1.416  -17.788 1.000 52.065 ? 26  GLU BBB CG  1 
ATOM   213  C CD  . GLU A 1 26  ? 12.283  -0.331  -18.411 1.000 52.988 ? 26  GLU BBB CD  1 
ATOM   214  O OE1 . GLU A 1 26  ? 12.782  0.373   -19.312 1.000 53.514 ? 26  GLU BBB OE1 1 
ATOM   215  O OE2 . GLU A 1 26  ? 11.115  -0.194  -17.996 1.000 53.398 ? 26  GLU BBB OE2 1 
ATOM   216  N N   . THR A 1 27  ? 12.632  -4.906  -15.655 1.000 48.931 ? 27  THR BBB N   1 
ATOM   217  C CA  . THR A 1 27  ? 13.291  -6.242  -15.699 1.000 48.883 ? 27  THR BBB CA  1 
ATOM   218  C C   . THR A 1 27  ? 12.316  -7.330  -15.231 1.000 48.725 ? 27  THR BBB C   1 
ATOM   219  O O   . THR A 1 27  ? 12.500  -8.495  -15.639 1.000 48.582 ? 27  THR BBB O   1 
ATOM   220  C CB  . THR A 1 27  ? 14.566  -6.283  -14.847 1.000 48.831 ? 27  THR BBB CB  1 
ATOM   221  O OG1 . THR A 1 27  ? 14.185  -6.353  -13.472 1.000 48.432 ? 27  THR BBB OG1 1 
ATOM   222  C CG2 . THR A 1 27  ? 15.469  -5.091  -15.070 1.000 48.898 ? 27  THR BBB CG2 1 
ATOM   223  N N   . GLY A 1 28  ? 11.339  -6.965  -14.396 1.000 48.585 ? 28  GLY BBB N   1 
ATOM   224  C CA  . GLY A 1 28  ? 10.431  -7.915  -13.723 1.000 48.123 ? 28  GLY BBB CA  1 
ATOM   225  C C   . GLY A 1 28  ? 11.125  -8.630  -12.577 1.000 47.653 ? 28  GLY BBB C   1 
ATOM   226  O O   . GLY A 1 28  ? 10.529  -9.576  -12.025 1.000 47.912 ? 28  GLY BBB O   1 
ATOM   227  N N   . LYS A 1 29  ? 12.346  -8.200  -12.239 1.000 46.978 ? 29  LYS BBB N   1 
ATOM   228  C CA  . LYS A 1 29  ? 13.142  -8.731  -11.100 1.000 46.591 ? 29  LYS BBB CA  1 
ATOM   229  C C   . LYS A 1 29  ? 12.435  -8.381  -9.786  1.000 45.317 ? 29  LYS BBB C   1 
ATOM   230  O O   . LYS A 1 29  ? 11.924  -7.248  -9.673  1.000 44.998 ? 29  LYS BBB O   1 
ATOM   231  C CB  . LYS A 1 29  ? 14.567  -8.168  -11.120 1.000 47.088 ? 29  LYS BBB CB  1 
ATOM   232  C CG  . LYS A 1 29  ? 15.623  -9.097  -11.707 1.000 47.475 ? 29  LYS BBB CG  1 
ATOM   233  C CD  . LYS A 1 29  ? 17.000  -8.902  -11.108 1.000 47.801 ? 29  LYS BBB CD  1 
ATOM   234  C CE  . LYS A 1 29  ? 18.076  -9.684  -11.831 1.000 47.926 ? 29  LYS BBB CE  1 
ATOM   235  N NZ  . LYS A 1 29  ? 18.065  -9.411  -13.288 1.000 47.983 ? 29  LYS BBB NZ  1 
ATOM   236  N N   . ILE A 1 30  ? 12.417  -9.321  -8.838  1.000 43.919 ? 30  ILE BBB N   1 
ATOM   237  C CA  . ILE A 1 30  ? 11.739  -9.185  -7.513  1.000 43.152 ? 30  ILE BBB CA  1 
ATOM   238  C C   . ILE A 1 30  ? 12.633  -8.361  -6.580  1.000 41.628 ? 30  ILE BBB C   1 
ATOM   239  O O   . ILE A 1 30  ? 13.702  -8.867  -6.184  1.000 41.070 ? 30  ILE BBB O   1 
ATOM   240  C CB  . ILE A 1 30  ? 11.409  -10.571 -6.925  1.000 43.496 ? 30  ILE BBB CB  1 
ATOM   241  C CG1 . ILE A 1 30  ? 10.950  -10.474 -5.467  1.000 43.871 ? 30  ILE BBB CG1 1 
ATOM   242  C CG2 . ILE A 1 30  ? 12.587  -11.520 -7.081  1.000 43.827 ? 30  ILE BBB CG2 1 
ATOM   243  C CD1 . ILE A 1 30  ? 9.683   -9.673  -5.277  1.000 44.071 ? 30  ILE BBB CD1 1 
ATOM   244  N N   . LEU A 1 31  ? 12.203  -7.138  -6.250  1.000 40.159 ? 31  LEU BBB N   1 
ATOM   245  C CA  . LEU A 1 31  ? 12.952  -6.171  -5.403  1.000 39.260 ? 31  LEU BBB CA  1 
ATOM   246  C C   . LEU A 1 31  ? 12.714  -6.493  -3.924  1.000 38.120 ? 31  LEU BBB C   1 
ATOM   247  O O   . LEU A 1 31  ? 13.702  -6.567  -3.167  1.000 38.065 ? 31  LEU BBB O   1 
ATOM   248  C CB  . LEU A 1 31  ? 12.483  -4.750  -5.729  1.000 39.511 ? 31  LEU BBB CB  1 
ATOM   249  C CG  . LEU A 1 31  ? 12.716  -4.297  -7.169  1.000 39.849 ? 31  LEU BBB CG  1 
ATOM   250  C CD1 . LEU A 1 31  ? 11.869  -3.076  -7.496  1.000 40.146 ? 31  LEU BBB CD1 1 
ATOM   251  C CD2 . LEU A 1 31  ? 14.188  -4.009  -7.415  1.000 39.823 ? 31  LEU BBB CD2 1 
ATOM   252  N N   . TRP A 1 32  ? 11.445  -6.651  -3.535  1.000 36.719 ? 32  TRP BBB N   1 
ATOM   253  C CA  . TRP A 1 32  ? 11.008  -6.824  -2.124  1.000 35.798 ? 32  TRP BBB CA  1 
ATOM   254  C C   . TRP A 1 32  ? 9.810   -7.777  -2.067  1.000 35.265 ? 32  TRP BBB C   1 
ATOM   255  O O   . TRP A 1 32  ? 8.872   -7.600  -2.870  1.000 34.590 ? 32  TRP BBB O   1 
ATOM   256  C CB  . TRP A 1 32  ? 10.678  -5.464  -1.497  1.000 35.534 ? 32  TRP BBB CB  1 
ATOM   257  C CG  . TRP A 1 32  ? 10.362  -5.525  -0.034  1.000 35.238 ? 32  TRP BBB CG  1 
ATOM   258  C CD1 . TRP A 1 32  ? 11.232  -5.351  1.003   1.000 35.106 ? 32  TRP BBB CD1 1 
ATOM   259  C CD2 . TRP A 1 32  ? 9.075   -5.770  0.561   1.000 35.127 ? 32  TRP BBB CD2 1 
ATOM   260  N NE1 . TRP A 1 32  ? 10.578  -5.475  2.199   1.000 35.028 ? 32  TRP BBB NE1 1 
ATOM   261  C CE2 . TRP A 1 32  ? 9.255   -5.732  1.961   1.000 35.129 ? 32  TRP BBB CE2 1 
ATOM   262  C CE3 . TRP A 1 32  ? 7.795   -6.019  0.054   1.000 35.269 ? 32  TRP BBB CE3 1 
ATOM   263  C CZ2 . TRP A 1 32  ? 8.201   -5.934  2.852   1.000 35.245 ? 32  TRP BBB CZ2 1 
ATOM   264  C CZ3 . TRP A 1 32  ? 6.756   -6.218  0.935   1.000 35.304 ? 32  TRP BBB CZ3 1 
ATOM   265  C CH2 . TRP A 1 32  ? 6.958   -6.176  2.314   1.000 35.224 ? 32  TRP BBB CH2 1 
ATOM   266  N N   . GLN A 1 33  ? 9.862   -8.754  -1.159  1.000 34.997 ? 33  GLN BBB N   1 
ATOM   267  C CA  . GLN A 1 33  ? 8.721   -9.634  -0.794  1.000 35.025 ? 33  GLN BBB CA  1 
ATOM   268  C C   . GLN A 1 33  ? 8.383   -9.416  0.683   1.000 34.316 ? 33  GLN BBB C   1 
ATOM   269  O O   . GLN A 1 33  ? 9.142   -8.702  1.367   1.000 34.726 ? 33  GLN BBB O   1 
ATOM   270  C CB  . GLN A 1 33  ? 9.066   -11.101 -1.055  1.000 35.615 ? 33  GLN BBB CB  1 
ATOM   271  C CG  . GLN A 1 33  ? 9.244   -11.434 -2.529  1.000 36.218 ? 33  GLN BBB CG  1 
ATOM   272  C CD  . GLN A 1 33  ? 9.452   -12.912 -2.749  1.000 36.613 ? 33  GLN BBB CD  1 
ATOM   273  O OE1 . GLN A 1 33  ? 8.947   -13.492 -3.708  1.000 37.219 ? 33  GLN BBB OE1 1 
ATOM   274  N NE2 . GLN A 1 33  ? 10.191  -13.536 -1.847  1.000 36.777 ? 33  GLN BBB NE2 1 
ATOM   275  N N   . GLY A 1 34  ? 7.289   -10.025 1.145   1.000 33.279 ? 34  GLY BBB N   1 
ATOM   276  C CA  . GLY A 1 34  ? 6.821   -9.969  2.541   1.000 32.658 ? 34  GLY BBB CA  1 
ATOM   277  C C   . GLY A 1 34  ? 5.409   -10.511 2.656   1.000 32.170 ? 34  GLY BBB C   1 
ATOM   278  O O   . GLY A 1 34  ? 4.637   -10.348 1.690   1.000 31.943 ? 34  GLY BBB O   1 
ATOM   279  N N   . THR A 1 35  ? 5.089   -11.157 3.778   1.000 31.721 ? 35  THR BBB N   1 
ATOM   280  C CA  . THR A 1 35  ? 3.746   -11.725 4.066   1.000 31.307 ? 35  THR BBB CA  1 
ATOM   281  C C   . THR A 1 35  ? 3.167   -11.045 5.311   1.000 30.924 ? 35  THR BBB C   1 
ATOM   282  O O   . THR A 1 35  ? 2.076   -11.453 5.752   1.000 30.584 ? 35  THR BBB O   1 
ATOM   283  C CB  . THR A 1 35  ? 3.814   -13.250 4.219   1.000 31.228 ? 35  THR BBB CB  1 
ATOM   284  O OG1 . THR A 1 35  ? 4.741   -13.555 5.260   1.000 31.134 ? 35  THR BBB OG1 1 
ATOM   285  C CG2 . THR A 1 35  ? 4.229   -13.947 2.941   1.000 31.241 ? 35  THR BBB CG2 1 
ATOM   286  N N   . GLU A 1 36  ? 3.875   -10.043 5.840   1.000 30.887 ? 36  GLU BBB N   1 
ATOM   287  C CA  . GLU A 1 36  ? 3.405   -9.181  6.957   1.000 30.909 ? 36  GLU BBB CA  1 
ATOM   288  C C   . GLU A 1 36  ? 2.270   -8.290  6.442   1.000 30.314 ? 36  GLU BBB C   1 
ATOM   289  O O   . GLU A 1 36  ? 2.477   -7.609  5.418   1.000 30.514 ? 36  GLU BBB O   1 
ATOM   290  C CB  . GLU A 1 36  ? 4.562   -8.344  7.507   1.000 31.573 ? 36  GLU BBB CB  1 
ATOM   291  C CG  . GLU A 1 36  ? 4.120   -7.243  8.455   1.000 32.310 ? 36  GLU BBB CG  1 
ATOM   292  C CD  . GLU A 1 36  ? 5.248   -6.556  9.205   1.000 32.839 ? 36  GLU BBB CD  1 
ATOM   293  O OE1 . GLU A 1 36  ? 6.365   -7.113  9.234   1.000 33.112 ? 36  GLU BBB OE1 1 
ATOM   294  O OE2 . GLU A 1 36  ? 5.008   -5.462  9.755   1.000 33.233 ? 36  GLU BBB OE2 1 
ATOM   295  N N   . ASP A 1 37  ? 1.110   -8.323  7.104   1.000 29.639 ? 37  ASP BBB N   1 
ATOM   296  C CA  . ASP A 1 37  ? -0.076  -7.504  6.735   1.000 29.084 ? 37  ASP BBB CA  1 
ATOM   297  C C   . ASP A 1 37  ? 0.197   -6.050  7.134   1.000 28.339 ? 37  ASP BBB C   1 
ATOM   298  O O   . ASP A 1 37  ? -0.058  -5.700  8.303   1.000 28.223 ? 37  ASP BBB O   1 
ATOM   299  C CB  . ASP A 1 37  ? -1.356  -8.053  7.371   1.000 29.105 ? 37  ASP BBB CB  1 
ATOM   300  C CG  . ASP A 1 37  ? -2.621  -7.367  6.883   1.000 29.516 ? 37  ASP BBB CG  1 
ATOM   301  O OD1 . ASP A 1 37  ? -2.506  -6.264  6.308   1.000 29.407 ? 37  ASP BBB OD1 1 
ATOM   302  O OD2 . ASP A 1 37  ? -3.711  -7.940  7.081   1.000 29.788 ? 37  ASP BBB OD2 1 
ATOM   303  N N   . LEU A 1 38  ? 0.719   -5.251  6.197   1.000 27.651 ? 38  LEU BBB N   1 
ATOM   304  C CA  . LEU A 1 38  ? 1.199   -3.864  6.443   1.000 27.259 ? 38  LEU BBB CA  1 
ATOM   305  C C   . LEU A 1 38  ? 0.010   -2.897  6.445   1.000 26.735 ? 38  LEU BBB C   1 
ATOM   306  O O   . LEU A 1 38  ? 0.228   -1.705  6.736   1.000 27.038 ? 38  LEU BBB O   1 
ATOM   307  C CB  . LEU A 1 38  ? 2.215   -3.476  5.364   1.000 27.302 ? 38  LEU BBB CB  1 
ATOM   308  C CG  . LEU A 1 38  ? 3.477   -4.334  5.293   1.000 27.369 ? 38  LEU BBB CG  1 
ATOM   309  C CD1 . LEU A 1 38  ? 4.250   -4.052  4.014   1.000 27.479 ? 38  LEU BBB CD1 1 
ATOM   310  C CD2 . LEU A 1 38  ? 4.363   -4.108  6.509   1.000 27.285 ? 38  LEU BBB CD2 1 
ATOM   311  N N   . SER A 1 39  ? -1.193  -3.385  6.129   1.000 26.296 ? 39  SER BBB N   1 
ATOM   312  C CA  . SER A 1 39  ? -2.436  -2.572  6.047   1.000 25.987 ? 39  SER BBB CA  1 
ATOM   313  C C   . SER A 1 39  ? -3.085  -2.459  7.431   1.000 25.521 ? 39  SER BBB C   1 
ATOM   314  O O   . SER A 1 39  ? -4.020  -1.647  7.575   1.000 25.238 ? 39  SER BBB O   1 
ATOM   315  C CB  . SER A 1 39  ? -3.400  -3.141  5.039   1.000 25.993 ? 39  SER BBB CB  1 
ATOM   316  O OG  . SER A 1 39  ? -3.896  -4.399  5.468   1.000 25.887 ? 39  SER BBB OG  1 
ATOM   317  N N   . VAL A 1 40  ? -2.608  -3.240  8.406   1.000 25.351 ? 40  VAL BBB N   1 
ATOM   318  C CA  . VAL A 1 40  ? -3.152  -3.266  9.798   1.000 25.233 ? 40  VAL BBB CA  1 
ATOM   319  C C   . VAL A 1 40  ? -2.932  -1.895  10.432  1.000 25.177 ? 40  VAL BBB C   1 
ATOM   320  O O   . VAL A 1 40  ? -1.795  -1.482  10.651  1.000 25.282 ? 40  VAL BBB O   1 
ATOM   321  C CB  . VAL A 1 40  ? -2.516  -4.384  10.646  1.000 25.102 ? 40  VAL BBB CB  1 
ATOM   322  C CG1 . VAL A 1 40  ? -2.949  -4.297  12.102  1.000 25.027 ? 40  VAL BBB CG1 1 
ATOM   323  C CG2 . VAL A 1 40  ? -2.820  -5.762  10.080  1.000 25.070 ? 40  VAL BBB CG2 1 
ATOM   324  N N   . PRO A 1 41  ? -4.017  -1.146  10.730  1.000 25.129 ? 41  PRO BBB N   1 
ATOM   325  C CA  . PRO A 1 41  ? -3.900  0.181   11.335  1.000 25.338 ? 41  PRO BBB CA  1 
ATOM   326  C C   . PRO A 1 41  ? -3.437  0.141   12.800  1.000 25.572 ? 41  PRO BBB C   1 
ATOM   327  O O   . PRO A 1 41  ? -3.499  -0.911  13.407  1.000 25.192 ? 41  PRO BBB O   1 
ATOM   328  C CB  . PRO A 1 41  ? -5.327  0.744   11.243  1.000 25.222 ? 41  PRO BBB CB  1 
ATOM   329  C CG  . PRO A 1 41  ? -6.214  -0.484  11.216  1.000 25.145 ? 41  PRO BBB CG  1 
ATOM   330  C CD  . PRO A 1 41  ? -5.413  -1.530  10.470  1.000 25.091 ? 41  PRO BBB CD  1 
ATOM   331  N N   . GLY A 1 42  ? -2.975  1.286   13.315  1.000 26.288 ? 42  GLY BBB N   1 
ATOM   332  C CA  . GLY A 1 42  ? -2.738  1.522   14.753  1.000 26.983 ? 42  GLY BBB CA  1 
ATOM   333  C C   . GLY A 1 42  ? -1.324  1.155   15.169  1.000 27.688 ? 42  GLY BBB C   1 
ATOM   334  O O   . GLY A 1 42  ? -0.974  1.397   16.341  1.000 28.147 ? 42  GLY BBB O   1 
ATOM   335  N N   . VAL A 1 43  ? -0.544  0.579   14.250  1.000 28.431 ? 43  VAL BBB N   1 
ATOM   336  C CA  . VAL A 1 43  ? 0.881   0.188   14.472  1.000 29.032 ? 43  VAL BBB CA  1 
ATOM   337  C C   . VAL A 1 43  ? 1.715   0.699   13.293  1.000 29.182 ? 43  VAL BBB C   1 
ATOM   338  O O   . VAL A 1 43  ? 1.221   0.632   12.149  1.000 29.190 ? 43  VAL BBB O   1 
ATOM   339  C CB  . VAL A 1 43  ? 1.029   -1.336  14.648  1.000 29.417 ? 43  VAL BBB CB  1 
ATOM   340  C CG1 . VAL A 1 43  ? 0.441   -2.101  13.471  1.000 29.483 ? 43  VAL BBB CG1 1 
ATOM   341  C CG2 . VAL A 1 43  ? 2.476   -1.738  14.880  1.000 29.626 ? 43  VAL BBB CG2 1 
ATOM   342  N N   . GLU A 1 44  ? 2.921   1.203   13.569  1.000 29.460 ? 44  GLU BBB N   1 
ATOM   343  C CA  . GLU A 1 44  ? 3.881   1.686   12.540  1.000 29.633 ? 44  GLU BBB CA  1 
ATOM   344  C C   . GLU A 1 44  ? 4.680   0.493   12.005  1.000 29.455 ? 44  GLU BBB C   1 
ATOM   345  O O   . GLU A 1 44  ? 5.552   -0.011  12.739  1.000 29.894 ? 44  GLU BBB O   1 
ATOM   346  C CB  . GLU A 1 44  ? 4.812   2.753   13.117  1.000 29.933 ? 44  GLU BBB CB  1 
ATOM   347  C CG  . GLU A 1 44  ? 5.295   3.750   12.078  1.000 30.094 ? 44  GLU BBB CG  1 
ATOM   348  C CD  . GLU A 1 44  ? 6.538   4.530   12.465  1.000 30.339 ? 44  GLU BBB CD  1 
ATOM   349  O OE1 . GLU A 1 44  ? 7.570   3.892   12.755  1.000 30.427 ? 44  GLU BBB OE1 1 
ATOM   350  O OE2 . GLU A 1 44  ? 6.474   5.776   12.472  1.000 30.899 ? 44  GLU BBB OE2 1 
ATOM   351  N N   . HIS A 1 45  ? 4.373   0.059   10.779  1.000 29.026 ? 45  HIS BBB N   1 
ATOM   352  C CA  . HIS A 1 45  ? 5.069   -1.039  10.057  1.000 28.711 ? 45  HIS BBB CA  1 
ATOM   353  C C   . HIS A 1 45  ? 6.430   -0.537  9.557   1.000 28.823 ? 45  HIS BBB C   1 
ATOM   354  O O   . HIS A 1 45  ? 6.565   0.682   9.334   1.000 28.909 ? 45  HIS BBB O   1 
ATOM   355  C CB  . HIS A 1 45  ? 4.194   -1.563  8.910   1.000 28.345 ? 45  HIS BBB CB  1 
ATOM   356  C CG  . HIS A 1 45  ? 2.836   -1.999  9.342   1.000 28.127 ? 45  HIS BBB CG  1 
ATOM   357  N ND1 . HIS A 1 45  ? 2.599   -3.243  9.894   1.000 27.871 ? 45  HIS BBB ND1 1 
ATOM   358  C CD2 . HIS A 1 45  ? 1.643   -1.364  9.313   1.000 27.898 ? 45  HIS BBB CD2 1 
ATOM   359  C CE1 . HIS A 1 45  ? 1.320   -3.357  10.184  1.000 27.793 ? 45  HIS BBB CE1 1 
ATOM   360  N NE2 . HIS A 1 45  ? 0.711   -2.218  9.836   1.000 27.822 ? 45  HIS BBB NE2 1 
ATOM   361  N N   . GLU A 1 46  ? 7.394   -1.449  9.406   1.000 29.058 ? 46  GLU BBB N   1 
ATOM   362  C CA  . GLU A 1 46  ? 8.734   -1.174  8.823   1.000 29.268 ? 46  GLU BBB CA  1 
ATOM   363  C C   . GLU A 1 46  ? 8.932   -2.059  7.588   1.000 29.347 ? 46  GLU BBB C   1 
ATOM   364  O O   . GLU A 1 46  ? 8.441   -3.203  7.596   1.000 29.412 ? 46  GLU BBB O   1 
ATOM   365  C CB  . GLU A 1 46  ? 9.834   -1.435  9.855   1.000 29.545 ? 46  GLU BBB CB  1 
ATOM   366  C CG  . GLU A 1 46  ? 9.747   -0.538  11.074  1.000 29.929 ? 46  GLU BBB CG  1 
ATOM   367  C CD  . GLU A 1 46  ? 10.763  -0.852  12.159  1.000 30.219 ? 46  GLU BBB CD  1 
ATOM   368  O OE1 . GLU A 1 46  ? 11.078  0.057   12.953  1.000 30.635 ? 46  GLU BBB OE1 1 
ATOM   369  O OE2 . GLU A 1 46  ? 11.237  -2.005  12.206  1.000 30.360 ? 46  GLU BBB OE2 1 
ATOM   370  N N   . ALA A 1 47  ? 9.622   -1.537  6.570   1.000 29.360 ? 47  ALA BBB N   1 
ATOM   371  C CA  . ALA A 1 47  ? 10.006  -2.264  5.339   1.000 29.358 ? 47  ALA BBB CA  1 
ATOM   372  C C   . ALA A 1 47  ? 11.410  -1.830  4.907   1.000 29.630 ? 47  ALA BBB C   1 
ATOM   373  O O   . ALA A 1 47  ? 11.609  -0.625  4.653   1.000 29.273 ? 47  ALA BBB O   1 
ATOM   374  C CB  . ALA A 1 47  ? 8.990   -2.016  4.252   1.000 29.255 ? 47  ALA BBB CB  1 
ATOM   375  N N   . ARG A 1 48  ? 12.347  -2.781  4.853   1.000 30.250 ? 48  ARG BBB N   1 
ATOM   376  C CA  . ARG A 1 48  ? 13.728  -2.582  4.337   1.000 30.674 ? 48  ARG BBB CA  1 
ATOM   377  C C   . ARG A 1 48  ? 13.747  -2.918  2.842   1.000 30.300 ? 48  ARG BBB C   1 
ATOM   378  O O   . ARG A 1 48  ? 13.722  -4.116  2.505   1.000 30.343 ? 48  ARG BBB O   1 
ATOM   379  C CB  . ARG A 1 48  ? 14.716  -3.451  5.123   1.000 31.341 ? 48  ARG BBB CB  1 
ATOM   380  C CG  . ARG A 1 48  ? 14.632  -3.274  6.632   1.000 32.010 ? 48  ARG BBB CG  1 
ATOM   381  C CD  . ARG A 1 48  ? 14.954  -4.552  7.384   1.000 32.566 ? 48  ARG BBB CD  1 
ATOM   382  N NE  . ARG A 1 48  ? 16.344  -4.954  7.219   1.000 33.185 ? 48  ARG BBB NE  1 
ATOM   383  C CZ  . ARG A 1 48  ? 16.804  -6.181  7.438   1.000 33.678 ? 48  ARG BBB CZ  1 
ATOM   384  N NH1 . ARG A 1 48  ? 18.087  -6.447  7.259   1.000 33.894 ? 48  ARG BBB NH1 1 
ATOM   385  N NH2 . ARG A 1 48  ? 15.981  -7.139  7.827   1.000 34.031 ? 48  ARG BBB NH2 1 
ATOM   386  N N   . VAL A 1 49  ? 13.760  -1.890  1.987   1.000 30.163 ? 49  VAL BBB N   1 
ATOM   387  C CA  . VAL A 1 49  ? 13.701  -2.019  0.500   1.000 30.466 ? 49  VAL BBB CA  1 
ATOM   388  C C   . VAL A 1 49  ? 15.076  -1.698  -0.077  1.000 30.626 ? 49  VAL BBB C   1 
ATOM   389  O O   . VAL A 1 49  ? 15.807  -0.875  0.470   1.000 30.627 ? 49  VAL BBB O   1 
ATOM   390  C CB  . VAL A 1 49  ? 12.617  -1.103  -0.101  1.000 30.358 ? 49  VAL BBB CB  1 
ATOM   391  C CG1 . VAL A 1 49  ? 11.217  -1.574  0.260   1.000 30.319 ? 49  VAL BBB CG1 1 
ATOM   392  C CG2 . VAL A 1 49  ? 12.817  0.349   0.306   1.000 30.504 ? 49  VAL BBB CG2 1 
ATOM   393  N N   . PRO A 1 50  ? 15.467  -2.336  -1.203  1.000 31.085 ? 50  PRO BBB N   1 
ATOM   394  C CA  . PRO A 1 50  ? 16.734  -2.030  -1.864  1.000 31.392 ? 50  PRO BBB CA  1 
ATOM   395  C C   . PRO A 1 50  ? 16.706  -0.608  -2.443  1.000 31.842 ? 50  PRO BBB C   1 
ATOM   396  O O   . PRO A 1 50  ? 15.697  -0.238  -3.016  1.000 31.603 ? 50  PRO BBB O   1 
ATOM   397  C CB  . PRO A 1 50  ? 16.854  -3.079  -2.983  1.000 31.315 ? 50  PRO BBB CB  1 
ATOM   398  C CG  . PRO A 1 50  ? 15.782  -4.114  -2.675  1.000 31.313 ? 50  PRO BBB CG  1 
ATOM   399  C CD  . PRO A 1 50  ? 14.705  -3.373  -1.910  1.000 31.265 ? 50  PRO BBB CD  1 
ATOM   400  N N   . LYS A 1 51  ? 17.794  0.146   -2.271  1.000 32.666 ? 51  LYS BBB N   1 
ATOM   401  C CA  . LYS A 1 51  ? 17.876  1.589   -2.627  1.000 33.409 ? 51  LYS BBB CA  1 
ATOM   402  C C   . LYS A 1 51  ? 17.908  1.736   -4.153  1.000 33.849 ? 51  LYS BBB C   1 
ATOM   403  O O   . LYS A 1 51  ? 17.957  2.885   -4.633  1.000 34.245 ? 51  LYS BBB O   1 
ATOM   404  C CB  . LYS A 1 51  ? 19.101  2.239   -1.977  1.000 33.731 ? 51  LYS BBB CB  1 
ATOM   405  C CG  . LYS A 1 51  ? 20.452  1.776   -2.507  1.000 33.982 ? 51  LYS BBB CG  1 
ATOM   406  C CD  . LYS A 1 51  ? 21.584  2.722   -2.158  1.000 34.387 ? 51  LYS BBB CD  1 
ATOM   407  C CE  . LYS A 1 51  ? 22.956  2.113   -2.350  1.000 34.611 ? 51  LYS BBB CE  1 
ATOM   408  N NZ  . LYS A 1 51  ? 23.265  1.890   -3.782  1.000 34.681 ? 51  LYS BBB NZ  1 
ATOM   409  N N   . LYS A 1 52  ? 17.853  0.615   -4.881  1.000 34.186 ? 52  LYS BBB N   1 
ATOM   410  C CA  . LYS A 1 52  ? 17.878  0.581   -6.369  1.000 34.782 ? 52  LYS BBB CA  1 
ATOM   411  C C   . LYS A 1 52  ? 16.471  0.870   -6.906  1.000 34.846 ? 52  LYS BBB C   1 
ATOM   412  O O   . LYS A 1 52  ? 16.348  1.260   -8.085  1.000 34.897 ? 52  LYS BBB O   1 
ATOM   413  C CB  . LYS A 1 52  ? 18.396  -0.772  -6.870  1.000 35.260 ? 52  LYS BBB CB  1 
ATOM   414  C CG  . LYS A 1 52  ? 17.367  -1.894  -6.893  1.000 35.813 ? 52  LYS BBB CG  1 
ATOM   415  C CD  . LYS A 1 52  ? 17.832  -3.124  -7.645  1.000 36.256 ? 52  LYS BBB CD  1 
ATOM   416  C CE  . LYS A 1 52  ? 19.127  -3.695  -7.105  1.000 36.535 ? 52  LYS BBB CE  1 
ATOM   417  N NZ  . LYS A 1 52  ? 19.032  -3.992  -5.657  1.000 36.817 ? 52  LYS BBB NZ  1 
ATOM   418  N N   A ILE A 1 53  ? 15.446  0.696   -6.066  0.500 34.899 ? 53  ILE BBB N   1 
ATOM   419  N N   B ILE A 1 53  ? 15.453  0.678   -6.062  0.500 34.735 ? 53  ILE BBB N   1 
ATOM   420  C CA  A ILE A 1 53  ? 14.016  0.949   -6.418  0.500 35.009 ? 53  ILE BBB CA  1 
ATOM   421  C CA  B ILE A 1 53  ? 14.016  0.949   -6.373  0.500 34.744 ? 53  ILE BBB CA  1 
ATOM   422  C C   A ILE A 1 53  ? 13.823  2.453   -6.645  0.500 35.123 ? 53  ILE BBB C   1 
ATOM   423  C C   B ILE A 1 53  ? 13.852  2.442   -6.672  0.500 34.975 ? 53  ILE BBB C   1 
ATOM   424  O O   A ILE A 1 53  ? 12.864  2.824   -7.349  0.500 35.233 ? 53  ILE BBB O   1 
ATOM   425  O O   B ILE A 1 53  ? 12.945  2.795   -7.452  0.500 35.125 ? 53  ILE BBB O   1 
ATOM   426  C CB  A ILE A 1 53  ? 13.068  0.408   -5.330  0.500 35.052 ? 53  ILE BBB CB  1 
ATOM   427  C CB  B ILE A 1 53  ? 13.108  0.499   -5.210  0.500 34.585 ? 53  ILE BBB CB  1 
ATOM   428  C CG1 A ILE A 1 53  ? 13.172  1.212   -4.031  0.500 34.986 ? 53  ILE BBB CG1 1 
ATOM   429  C CG1 B ILE A 1 53  ? 11.627  0.552   -5.594  0.500 34.432 ? 53  ILE BBB CG1 1 
ATOM   430  C CG2 A ILE A 1 53  ? 13.303  -1.076  -5.096  0.500 35.168 ? 53  ILE BBB CG2 1 
ATOM   431  C CG2 B ILE A 1 53  ? 13.394  1.313   -3.958  0.500 34.528 ? 53  ILE BBB CG2 1 
ATOM   432  C CD1 A ILE A 1 53  ? 12.083  0.905   -3.031  0.500 34.983 ? 53  ILE BBB CD1 1 
ATOM   433  C CD1 B ILE A 1 53  ? 10.693  0.096   -4.497  0.500 34.341 ? 53  ILE BBB CD1 1 
ATOM   434  N N   . LEU A 1 54  ? 14.700  3.277   -6.062  1.000 35.260 ? 54  LEU BBB N   1 
ATOM   435  C CA  . LEU A 1 54  ? 14.683  4.755   -6.230  1.000 35.803 ? 54  LEU BBB CA  1 
ATOM   436  C C   . LEU A 1 54  ? 15.139  5.110   -7.650  1.000 36.425 ? 54  LEU BBB C   1 
ATOM   437  O O   . LEU A 1 54  ? 14.849  6.236   -8.099  1.000 36.534 ? 54  LEU BBB O   1 
ATOM   438  C CB  . LEU A 1 54  ? 15.598  5.388   -5.177  1.000 35.814 ? 54  LEU BBB CB  1 
ATOM   439  C CG  . LEU A 1 54  ? 15.110  5.283   -3.733  1.000 35.799 ? 54  LEU BBB CG  1 
ATOM   440  C CD1 . LEU A 1 54  ? 16.227  5.613   -2.755  1.000 35.632 ? 54  LEU BBB CD1 1 
ATOM   441  C CD2 . LEU A 1 54  ? 13.908  6.186   -3.497  1.000 35.717 ? 54  LEU BBB CD2 1 
ATOM   442  N N   . LYS A 1 55  ? 15.820  4.176   -8.322  1.000 37.339 ? 55  LYS BBB N   1 
ATOM   443  C CA  . LYS A 1 55  ? 16.377  4.354   -9.691  1.000 38.216 ? 55  LYS BBB CA  1 
ATOM   444  C C   . LYS A 1 55  ? 15.362  3.848   -10.723 1.000 38.428 ? 55  LYS BBB C   1 
ATOM   445  O O   . LYS A 1 55  ? 15.333  4.399   -11.840 1.000 38.666 ? 55  LYS BBB O   1 
ATOM   446  C CB  . LYS A 1 55  ? 17.711  3.612   -9.826  1.000 38.685 ? 55  LYS BBB CB  1 
ATOM   447  C CG  . LYS A 1 55  ? 18.761  3.975   -8.785  1.000 39.095 ? 55  LYS BBB CG  1 
ATOM   448  C CD  . LYS A 1 55  ? 19.180  5.429   -8.827  1.000 39.452 ? 55  LYS BBB CD  1 
ATOM   449  C CE  . LYS A 1 55  ? 20.186  5.786   -7.754  1.000 39.873 ? 55  LYS BBB CE  1 
ATOM   450  N NZ  . LYS A 1 55  ? 20.737  7.148   -7.948  1.000 40.162 ? 55  LYS BBB NZ  1 
ATOM   451  N N   . CYS A 1 56  ? 14.570  2.833   -10.357 1.000 38.703 ? 56  CYS BBB N   1 
ATOM   452  C CA  . CYS A 1 56  ? 13.465  2.271   -11.179 1.000 38.969 ? 56  CYS BBB CA  1 
ATOM   453  C C   . CYS A 1 56  ? 12.533  3.402   -11.628 1.000 39.306 ? 56  CYS BBB C   1 
ATOM   454  O O   . CYS A 1 56  ? 12.042  4.140   -10.751 1.000 39.486 ? 56  CYS BBB O   1 
ATOM   455  C CB  . CYS A 1 56  ? 12.669  1.231   -10.399 1.000 38.712 ? 56  CYS BBB CB  1 
ATOM   456  S SG  . CYS A 1 56  ? 13.629  -0.243  -9.969  1.000 38.843 ? 56  CYS BBB SG  1 
ATOM   457  N N   . LYS A 1 57  ? 12.303  3.526   -12.939 1.000 39.978 ? 57  LYS BBB N   1 
ATOM   458  C CA  . LYS A 1 57  ? 11.367  4.517   -13.533 1.000 40.536 ? 57  LYS BBB CA  1 
ATOM   459  C C   . LYS A 1 57  ? 9.929   4.111   -13.190 1.000 40.029 ? 57  LYS BBB C   1 
ATOM   460  O O   . LYS A 1 57  ? 9.078   5.012   -13.048 1.000 39.756 ? 57  LYS BBB O   1 
ATOM   461  C CB  . LYS A 1 57  ? 11.566  4.613   -15.049 1.000 41.390 ? 57  LYS BBB CB  1 
ATOM   462  C CG  . LYS A 1 57  ? 11.015  5.883   -15.686 1.000 42.125 ? 57  LYS BBB CG  1 
ATOM   463  C CD  . LYS A 1 57  ? 11.027  5.861   -17.200 1.000 42.725 ? 57  LYS BBB CD  1 
ATOM   464  C CE  . LYS A 1 57  ? 10.225  6.992   -17.810 1.000 43.285 ? 57  LYS BBB CE  1 
ATOM   465  N NZ  . LYS A 1 57  ? 8.798   6.928   -17.414 1.000 43.600 ? 57  LYS BBB NZ  1 
ATOM   466  N N   . ALA A 1 58  ? 9.682   2.803   -13.055 1.000 39.598 ? 58  ALA BBB N   1 
ATOM   467  C CA  . ALA A 1 58  ? 8.383   2.213   -12.656 1.000 39.370 ? 58  ALA BBB CA  1 
ATOM   468  C C   . ALA A 1 58  ? 8.625   0.897   -11.905 1.000 39.014 ? 58  ALA BBB C   1 
ATOM   469  O O   . ALA A 1 58  ? 9.504   0.124   -12.335 1.000 38.769 ? 58  ALA BBB O   1 
ATOM   470  C CB  . ALA A 1 58  ? 7.518   2.000   -13.873 1.000 39.481 ? 58  ALA BBB CB  1 
ATOM   471  N N   . VAL A 1 59  ? 7.874   0.665   -10.823 1.000 38.683 ? 59  VAL BBB N   1 
ATOM   472  C CA  . VAL A 1 59  ? 7.878   -0.611  -10.047 1.000 38.354 ? 59  VAL BBB CA  1 
ATOM   473  C C   . VAL A 1 59  ? 6.486   -1.246  -10.143 1.000 37.556 ? 59  VAL BBB C   1 
ATOM   474  O O   . VAL A 1 59  ? 5.489   -0.517  -9.969  1.000 37.726 ? 59  VAL BBB O   1 
ATOM   475  C CB  . VAL A 1 59  ? 8.286   -0.385  -8.578  1.000 38.645 ? 59  VAL BBB CB  1 
ATOM   476  C CG1 . VAL A 1 59  ? 9.420   0.621   -8.454  1.000 38.686 ? 59  VAL BBB CG1 1 
ATOM   477  C CG2 . VAL A 1 59  ? 7.102   0.033   -7.719  1.000 38.835 ? 59  VAL BBB CG2 1 
ATOM   478  N N   . SER A 1 60  ? 6.433   -2.552  -10.419 1.000 36.580 ? 60  SER BBB N   1 
ATOM   479  C CA  . SER A 1 60  ? 5.194   -3.374  -10.459 1.000 35.913 ? 60  SER BBB CA  1 
ATOM   480  C C   . SER A 1 60  ? 4.938   -3.983  -9.076  1.000 34.890 ? 60  SER BBB C   1 
ATOM   481  O O   . SER A 1 60  ? 5.789   -4.766  -8.608  1.000 34.447 ? 60  SER BBB O   1 
ATOM   482  C CB  . SER A 1 60  ? 5.289   -4.441  -11.520 1.000 35.979 ? 60  SER BBB CB  1 
ATOM   483  O OG  . SER A 1 60  ? 4.111   -5.233  -11.551 1.000 36.272 ? 60  SER BBB OG  1 
ATOM   484  N N   . ARG A 1 61  ? 3.811   -3.628  -8.451  1.000 33.989 ? 61  ARG BBB N   1 
ATOM   485  C CA  . ARG A 1 61  ? 3.410   -4.108  -7.100  1.000 33.467 ? 61  ARG BBB CA  1 
ATOM   486  C C   . ARG A 1 61  ? 2.281   -5.135  -7.235  1.000 32.828 ? 61  ARG BBB C   1 
ATOM   487  O O   . ARG A 1 61  ? 1.338   -4.882  -8.011  1.000 32.671 ? 61  ARG BBB O   1 
ATOM   488  C CB  . ARG A 1 61  ? 2.964   -2.937  -6.219  1.000 33.498 ? 61  ARG BBB CB  1 
ATOM   489  C CG  . ARG A 1 61  ? 2.544   -3.345  -4.814  1.000 33.561 ? 61  ARG BBB CG  1 
ATOM   490  C CD  . ARG A 1 61  ? 2.053   -2.169  -3.994  1.000 33.599 ? 61  ARG BBB CD  1 
ATOM   491  N NE  . ARG A 1 61  ? 0.796   -1.633  -4.499  1.000 33.636 ? 61  ARG BBB NE  1 
ATOM   492  C CZ  . ARG A 1 61  ? 0.377   -0.389  -4.307  1.000 33.698 ? 61  ARG BBB CZ  1 
ATOM   493  N NH1 . ARG A 1 61  ? 1.125   0.463   -3.624  1.000 33.485 ? 61  ARG BBB NH1 1 
ATOM   494  N NH2 . ARG A 1 61  ? -0.781  0.005   -4.807  1.000 33.737 ? 61  ARG BBB NH2 1 
ATOM   495  N N   . GLU A 1 62  ? 2.376   -6.240  -6.490  1.000 32.159 ? 62  GLU BBB N   1 
ATOM   496  C CA  . GLU A 1 62  ? 1.320   -7.282  -6.383  1.000 31.802 ? 62  GLU BBB CA  1 
ATOM   497  C C   . GLU A 1 62  ? 0.797   -7.318  -4.943  1.000 30.989 ? 62  GLU BBB C   1 
ATOM   498  O O   . GLU A 1 62  ? 1.601   -7.588  -4.031  1.000 31.402 ? 62  GLU BBB O   1 
ATOM   499  C CB  . GLU A 1 62  ? 1.870   -8.648  -6.794  1.000 32.233 ? 62  GLU BBB CB  1 
ATOM   500  C CG  . GLU A 1 62  ? 2.024   -8.814  -8.295  1.000 32.524 ? 62  GLU BBB CG  1 
ATOM   501  C CD  . GLU A 1 62  ? 2.340   -10.232 -8.738  1.000 32.982 ? 62  GLU BBB CD  1 
ATOM   502  O OE1 . GLU A 1 62  ? 3.451   -10.711 -8.434  1.000 33.309 ? 62  GLU BBB OE1 1 
ATOM   503  O OE2 . GLU A 1 62  ? 1.468   -10.860 -9.372  1.000 33.334 ? 62  GLU BBB OE2 1 
ATOM   504  N N   . LEU A 1 63  ? -0.497  -7.037  -4.757  1.000 29.895 ? 63  LEU BBB N   1 
ATOM   505  C CA  . LEU A 1 63  ? -1.214  -7.170  -3.461  1.000 28.909 ? 63  LEU BBB CA  1 
ATOM   506  C C   . LEU A 1 63  ? -2.124  -8.402  -3.515  1.000 28.121 ? 63  LEU BBB C   1 
ATOM   507  O O   . LEU A 1 63  ? -2.996  -8.451  -4.404  1.000 28.475 ? 63  LEU BBB O   1 
ATOM   508  C CB  . LEU A 1 63  ? -2.031  -5.901  -3.201  1.000 29.026 ? 63  LEU BBB CB  1 
ATOM   509  C CG  . LEU A 1 63  ? -1.224  -4.615  -3.030  1.000 29.091 ? 63  LEU BBB CG  1 
ATOM   510  C CD1 . LEU A 1 63  ? -2.146  -3.413  -2.894  1.000 29.161 ? 63  LEU BBB CD1 1 
ATOM   511  C CD2 . LEU A 1 63  ? -0.295  -4.711  -1.830  1.000 29.145 ? 63  LEU BBB CD2 1 
ATOM   512  N N   . ASN A 1 64  ? -1.917  -9.355  -2.602  1.000 26.863 ? 64  ASN BBB N   1 
ATOM   513  C CA  . ASN A 1 64  ? -2.805  -10.534 -2.408  1.000 26.085 ? 64  ASN BBB CA  1 
ATOM   514  C C   . ASN A 1 64  ? -3.594  -10.346 -1.108  1.000 25.276 ? 64  ASN BBB C   1 
ATOM   515  O O   . ASN A 1 64  ? -2.984  -10.454 -0.025  1.000 25.368 ? 64  ASN BBB O   1 
ATOM   516  C CB  . ASN A 1 64  ? -2.019  -11.847 -2.400  1.000 26.089 ? 64  ASN BBB CB  1 
ATOM   517  C CG  . ASN A 1 64  ? -2.917  -13.065 -2.356  1.000 25.974 ? 64  ASN BBB CG  1 
ATOM   518  O OD1 . ASN A 1 64  ? -3.443  -13.416 -1.303  1.000 26.077 ? 64  ASN BBB OD1 1 
ATOM   519  N ND2 . ASN A 1 64  ? -3.100  -13.714 -3.494  1.000 25.749 ? 64  ASN BBB ND2 1 
ATOM   520  N N   . PHE A 1 65  ? -4.897  -10.066 -1.222  1.000 24.187 ? 65  PHE BBB N   1 
ATOM   521  C CA  . PHE A 1 65  ? -5.795  -9.722  -0.089  1.000 23.603 ? 65  PHE BBB CA  1 
ATOM   522  C C   . PHE A 1 65  ? -7.026  -10.633 -0.107  1.000 23.224 ? 65  PHE BBB C   1 
ATOM   523  O O   . PHE A 1 65  ? -7.515  -10.975 -1.202  1.000 23.100 ? 65  PHE BBB O   1 
ATOM   524  C CB  . PHE A 1 65  ? -6.200  -8.247  -0.157  1.000 23.393 ? 65  PHE BBB CB  1 
ATOM   525  C CG  . PHE A 1 65  ? -7.025  -7.874  -1.363  1.000 23.240 ? 65  PHE BBB CG  1 
ATOM   526  C CD1 . PHE A 1 65  ? -6.419  -7.533  -2.561  1.000 23.125 ? 65  PHE BBB CD1 1 
ATOM   527  C CD2 . PHE A 1 65  ? -8.410  -7.857  -1.297  1.000 23.228 ? 65  PHE BBB CD2 1 
ATOM   528  C CE1 . PHE A 1 65  ? -7.178  -7.186  -3.668  1.000 23.071 ? 65  PHE BBB CE1 1 
ATOM   529  C CE2 . PHE A 1 65  ? -9.167  -7.509  -2.405  1.000 23.106 ? 65  PHE BBB CE2 1 
ATOM   530  C CZ  . PHE A 1 65  ? -8.551  -7.176  -3.587  1.000 23.048 ? 65  PHE BBB CZ  1 
ATOM   531  N N   . SER A 1 66  ? -7.495  -11.022 1.083   1.000 22.859 ? 66  SER BBB N   1 
ATOM   532  C CA  . SER A 1 66  ? -8.792  -11.708 1.317   1.000 22.506 ? 66  SER BBB CA  1 
ATOM   533  C C   . SER A 1 66  ? -9.792  -10.713 1.916   1.000 22.197 ? 66  SER BBB C   1 
ATOM   534  O O   . SER A 1 66  ? -9.353  -9.802  2.647   1.000 22.073 ? 66  SER BBB O   1 
ATOM   535  C CB  . SER A 1 66  ? -8.616  -12.911 2.205   1.000 22.498 ? 66  SER BBB CB  1 
ATOM   536  O OG  . SER A 1 66  ? -7.718  -13.843 1.622   1.000 22.547 ? 66  SER BBB OG  1 
ATOM   537  N N   . SER A 1 67  ? -11.080 -10.879 1.602   1.000 21.835 ? 67  SER BBB N   1 
ATOM   538  C CA  . SER A 1 67  ? -12.198 -10.028 2.088   1.000 21.647 ? 67  SER BBB CA  1 
ATOM   539  C C   . SER A 1 67  ? -13.470 -10.872 2.220   1.000 21.538 ? 67  SER BBB C   1 
ATOM   540  O O   . SER A 1 67  ? -13.963 -11.364 1.186   1.000 21.635 ? 67  SER BBB O   1 
ATOM   541  C CB  . SER A 1 67  ? -12.415 -8.850  1.173   1.000 21.607 ? 67  SER BBB CB  1 
ATOM   542  O OG  . SER A 1 67  ? -13.533 -8.081  1.591   1.000 21.542 ? 67  SER BBB OG  1 
ATOM   543  N N   . THR A 1 68  ? -13.969 -11.039 3.449   1.000 21.320 ? 68  THR BBB N   1 
ATOM   544  C CA  . THR A 1 68  ? -15.284 -11.663 3.753   1.000 21.273 ? 68  THR BBB CA  1 
ATOM   545  C C   . THR A 1 68  ? -16.395 -10.776 3.178   1.000 21.185 ? 68  THR BBB C   1 
ATOM   546  O O   . THR A 1 68  ? -17.375 -11.328 2.643   1.000 20.994 ? 68  THR BBB O   1 
ATOM   547  C CB  . THR A 1 68  ? -15.473 -11.877 5.260   1.000 21.218 ? 68  THR BBB CB  1 
ATOM   548  O OG1 . THR A 1 68  ? -15.616 -10.599 5.881   1.000 21.180 ? 68  THR BBB OG1 1 
ATOM   549  C CG2 . THR A 1 68  ? -14.328 -12.633 5.899   1.000 21.151 ? 68  THR BBB CG2 1 
ATOM   550  N N   . GLU A 1 69  ? -16.221 -9.454  3.268   1.000 21.191 ? 69  GLU BBB N   1 
ATOM   551  C CA  . GLU A 1 69  ? -17.241 -8.441  2.890   1.000 21.354 ? 69  GLU BBB CA  1 
ATOM   552  C C   . GLU A 1 69  ? -17.141 -8.141  1.391   1.000 21.484 ? 69  GLU BBB C   1 
ATOM   553  O O   . GLU A 1 69  ? -16.008 -8.041  0.878   1.000 21.482 ? 69  GLU BBB O   1 
ATOM   554  C CB  . GLU A 1 69  ? -17.053 -7.162  3.708   1.000 21.304 ? 69  GLU BBB CB  1 
ATOM   555  C CG  . GLU A 1 69  ? -17.262 -7.366  5.197   1.000 21.188 ? 69  GLU BBB CG  1 
ATOM   556  C CD  . GLU A 1 69  ? -18.407 -8.303  5.538   1.000 21.112 ? 69  GLU BBB CD  1 
ATOM   557  O OE1 . GLU A 1 69  ? -19.574 -7.897  5.363   1.000 20.921 ? 69  GLU BBB OE1 1 
ATOM   558  O OE2 . GLU A 1 69  ? -18.129 -9.444  5.953   1.000 20.986 ? 69  GLU BBB OE2 1 
ATOM   559  N N   . GLN A 1 70  ? -18.291 -8.007  0.726   1.000 21.714 ? 70  GLN BBB N   1 
ATOM   560  C CA  . GLN A 1 70  ? -18.414 -7.423  -0.635  1.000 21.937 ? 70  GLN BBB CA  1 
ATOM   561  C C   . GLN A 1 70  ? -18.016 -5.945  -0.571  1.000 22.332 ? 70  GLN BBB C   1 
ATOM   562  O O   . GLN A 1 70  ? -18.359 -5.286  0.431   1.000 21.933 ? 70  GLN BBB O   1 
ATOM   563  C CB  . GLN A 1 70  ? -19.843 -7.588  -1.156  1.000 21.667 ? 70  GLN BBB CB  1 
ATOM   564  C CG  . GLN A 1 70  ? -20.086 -6.917  -2.501  1.000 21.499 ? 70  GLN BBB CG  1 
ATOM   565  C CD  . GLN A 1 70  ? -21.406 -7.322  -3.106  1.000 21.252 ? 70  GLN BBB CD  1 
ATOM   566  O OE1 . GLN A 1 70  ? -21.682 -8.502  -3.309  1.000 20.883 ? 70  GLN BBB OE1 1 
ATOM   567  N NE2 . GLN A 1 70  ? -22.241 -6.336  -3.399  1.000 21.201 ? 70  GLN BBB NE2 1 
ATOM   568  N N   . MET A 1 71  ? -17.297 -5.460  -1.586  1.000 23.106 ? 71  MET BBB N   1 
ATOM   569  C CA  . MET A 1 71  ? -16.941 -4.025  -1.748  1.000 23.868 ? 71  MET BBB CA  1 
ATOM   570  C C   . MET A 1 71  ? -17.316 -3.570  -3.163  1.000 24.569 ? 71  MET BBB C   1 
ATOM   571  O O   . MET A 1 71  ? -16.973 -4.284  -4.126  1.000 24.484 ? 71  MET BBB O   1 
ATOM   572  C CB  . MET A 1 71  ? -15.444 -3.797  -1.507  1.000 23.801 ? 71  MET BBB CB  1 
ATOM   573  C CG  . MET A 1 71  ? -15.056 -3.872  -0.040  1.000 23.737 ? 71  MET BBB CG  1 
ATOM   574  S SD  . MET A 1 71  ? -13.379 -3.270  0.284   1.000 23.684 ? 71  MET BBB SD  1 
ATOM   575  C CE  . MET A 1 71  ? -12.432 -4.767  0.017   1.000 23.742 ? 71  MET BBB CE  1 
ATOM   576  N N   . GLU A 1 72  ? -18.022 -2.441  -3.266  1.000 25.765 ? 72  GLU BBB N   1 
ATOM   577  C CA  . GLU A 1 72  ? -18.500 -1.854  -4.547  1.000 26.633 ? 72  GLU BBB CA  1 
ATOM   578  C C   . GLU A 1 72  ? -17.296 -1.346  -5.349  1.000 26.851 ? 72  GLU BBB C   1 
ATOM   579  O O   . GLU A 1 72  ? -17.124 -1.789  -6.501  1.000 27.121 ? 72  GLU BBB O   1 
ATOM   580  C CB  . GLU A 1 72  ? -19.491 -0.720  -4.277  1.000 27.311 ? 72  GLU BBB CB  1 
ATOM   581  C CG  . GLU A 1 72  ? -20.586 -1.091  -3.292  1.000 28.027 ? 72  GLU BBB CG  1 
ATOM   582  C CD  . GLU A 1 72  ? -21.529 -2.181  -3.773  1.000 28.522 ? 72  GLU BBB CD  1 
ATOM   583  O OE1 . GLU A 1 72  ? -21.124 -3.361  -3.760  1.000 28.598 ? 72  GLU BBB OE1 1 
ATOM   584  O OE2 . GLU A 1 72  ? -22.666 -1.846  -4.164  1.000 29.289 ? 72  GLU BBB OE2 1 
ATOM   585  N N   . LYS A 1 73  ? -16.497 -0.457  -4.751  1.000 26.943 ? 73  LYS BBB N   1 
ATOM   586  C CA  . LYS A 1 73  ? -15.341 0.213   -5.408  1.000 27.062 ? 73  LYS BBB CA  1 
ATOM   587  C C   . LYS A 1 73  ? -14.156 0.256   -4.436  1.000 26.512 ? 73  LYS BBB C   1 
ATOM   588  O O   . LYS A 1 73  ? -13.906 1.332   -3.858  1.000 26.428 ? 73  LYS BBB O   1 
ATOM   589  C CB  . LYS A 1 73  ? -15.728 1.625   -5.854  1.000 27.500 ? 73  LYS BBB CB  1 
ATOM   590  C CG  . LYS A 1 73  ? -14.925 2.176   -7.025  1.000 27.976 ? 73  LYS BBB CG  1 
ATOM   591  C CD  . LYS A 1 73  ? -15.305 3.590   -7.406  1.000 28.385 ? 73  LYS BBB CD  1 
ATOM   592  C CE  . LYS A 1 73  ? -15.027 3.908   -8.860  1.000 28.795 ? 73  LYS BBB CE  1 
ATOM   593  N NZ  . LYS A 1 73  ? -15.462 5.280   -9.213  1.000 29.102 ? 73  LYS BBB NZ  1 
ATOM   594  N N   . PHE A 1 74  ? -13.456 -0.870  -4.275  1.000 25.967 ? 74  PHE BBB N   1 
ATOM   595  C CA  . PHE A 1 74  ? -12.221 -0.995  -3.457  1.000 25.527 ? 74  PHE BBB CA  1 
ATOM   596  C C   . PHE A 1 74  ? -11.077 -0.257  -4.162  1.000 25.460 ? 74  PHE BBB C   1 
ATOM   597  O O   . PHE A 1 74  ? -10.747 -0.612  -5.311  1.000 25.658 ? 74  PHE BBB O   1 
ATOM   598  C CB  . PHE A 1 74  ? -11.880 -2.468  -3.217  1.000 25.192 ? 74  PHE BBB CB  1 
ATOM   599  C CG  . PHE A 1 74  ? -10.593 -2.702  -2.467  1.000 25.050 ? 74  PHE BBB CG  1 
ATOM   600  C CD1 . PHE A 1 74  ? -10.348 -2.067  -1.260  1.000 24.863 ? 74  PHE BBB CD1 1 
ATOM   601  C CD2 . PHE A 1 74  ? -9.629  -3.565  -2.965  1.000 25.021 ? 74  PHE BBB CD2 1 
ATOM   602  C CE1 . PHE A 1 74  ? -9.165  -2.284  -0.571  1.000 24.806 ? 74  PHE BBB CE1 1 
ATOM   603  C CE2 . PHE A 1 74  ? -8.447  -3.781  -2.273  1.000 25.016 ? 74  PHE BBB CE2 1 
ATOM   604  C CZ  . PHE A 1 74  ? -8.218  -3.142  -1.078  1.000 24.898 ? 74  PHE BBB CZ  1 
ATOM   605  N N   . ARG A 1 75  ? -10.511 0.755   -3.498  1.000 25.325 ? 75  ARG BBB N   1 
ATOM   606  C CA  . ARG A 1 75  ? -9.439  1.629   -4.048  1.000 25.180 ? 75  ARG BBB CA  1 
ATOM   607  C C   . ARG A 1 75  ? -8.496  2.051   -2.916  1.000 25.276 ? 75  ARG BBB C   1 
ATOM   608  O O   . ARG A 1 75  ? -8.889  1.925   -1.740  1.000 25.364 ? 75  ARG BBB O   1 
ATOM   609  C CB  . ARG A 1 75  ? -10.052 2.851   -4.739  1.000 25.066 ? 75  ARG BBB CB  1 
ATOM   610  C CG  . ARG A 1 75  ? -10.776 3.802   -3.796  1.000 25.018 ? 75  ARG BBB CG  1 
ATOM   611  C CD  . ARG A 1 75  ? -11.310 5.028   -4.513  1.000 25.005 ? 75  ARG BBB CD  1 
ATOM   612  N NE  . ARG A 1 75  ? -11.955 5.957   -3.597  1.000 24.973 ? 75  ARG BBB NE  1 
ATOM   613  C CZ  . ARG A 1 75  ? -11.338 6.967   -2.992  1.000 25.087 ? 75  ARG BBB CZ  1 
ATOM   614  N NH1 . ARG A 1 75  ? -10.053 7.186   -3.212  1.000 25.185 ? 75  ARG BBB NH1 1 
ATOM   615  N NH2 . ARG A 1 75  ? -12.009 7.754   -2.171  1.000 25.105 ? 75  ARG BBB NH2 1 
ATOM   616  N N   . LEU A 1 76  ? -7.301  2.533   -3.271  1.000 25.238 ? 76  LEU BBB N   1 
ATOM   617  C CA  . LEU A 1 76  ? -6.246  2.974   -2.318  1.000 25.277 ? 76  LEU BBB CA  1 
ATOM   618  C C   . LEU A 1 76  ? -5.844  4.419   -2.628  1.000 25.159 ? 76  LEU BBB C   1 
ATOM   619  O O   . LEU A 1 76  ? -5.797  4.778   -3.821  1.000 25.106 ? 76  LEU BBB O   1 
ATOM   620  C CB  . LEU A 1 76  ? -5.039  2.037   -2.434  1.000 25.423 ? 76  LEU BBB CB  1 
ATOM   621  C CG  . LEU A 1 76  ? -5.290  0.581   -2.049  1.000 25.579 ? 76  LEU BBB CG  1 
ATOM   622  C CD1 . LEU A 1 76  ? -4.025  -0.248  -2.213  1.000 25.594 ? 76  LEU BBB CD1 1 
ATOM   623  C CD2 . LEU A 1 76  ? -5.816  0.475   -0.626  1.000 25.612 ? 76  LEU BBB CD2 1 
ATOM   624  N N   . GLU A 1 77  ? -5.566  5.206   -1.585  1.000 25.237 ? 77  GLU BBB N   1 
ATOM   625  C CA  . GLU A 1 77  ? -4.845  6.504   -1.666  1.000 25.304 ? 77  GLU BBB CA  1 
ATOM   626  C C   . GLU A 1 77  ? -3.576  6.414   -0.813  1.000 25.469 ? 77  GLU BBB C   1 
ATOM   627  O O   . GLU A 1 77  ? -3.702  6.226   0.413   1.000 25.456 ? 77  GLU BBB O   1 
ATOM   628  C CB  . GLU A 1 77  ? -5.739  7.651   -1.191  1.000 25.314 ? 77  GLU BBB CB  1 
ATOM   629  C CG  . GLU A 1 77  ? -7.022  7.796   -1.988  1.000 25.408 ? 77  GLU BBB CG  1 
ATOM   630  C CD  . GLU A 1 77  ? -7.857  9.009   -1.617  1.000 25.342 ? 77  GLU BBB CD  1 
ATOM   631  O OE1 . GLU A 1 77  ? -8.771  9.356   -2.391  1.000 25.389 ? 77  GLU BBB OE1 1 
ATOM   632  O OE2 . GLU A 1 77  ? -7.594  9.604   -0.553  1.000 25.282 ? 77  GLU BBB OE2 1 
ATOM   633  N N   . GLN A 1 78  ? -2.403  6.523   -1.446  1.000 25.535 ? 78  GLN BBB N   1 
ATOM   634  C CA  . GLN A 1 78  ? -1.079  6.417   -0.778  1.000 25.644 ? 78  GLN BBB CA  1 
ATOM   635  C C   . GLN A 1 78  ? -0.345  7.757   -0.896  1.000 25.708 ? 78  GLN BBB C   1 
ATOM   636  O O   . GLN A 1 78  ? -0.089  8.194   -2.035  1.000 25.910 ? 78  GLN BBB O   1 
ATOM   637  C CB  . GLN A 1 78  ? -0.265  5.277   -1.393  1.000 25.685 ? 78  GLN BBB CB  1 
ATOM   638  C CG  . GLN A 1 78  ? -0.907  3.910   -1.207  1.000 25.803 ? 78  GLN BBB CG  1 
ATOM   639  C CD  . GLN A 1 78  ? 0.020   2.785   -1.596  1.000 25.883 ? 78  GLN BBB CD  1 
ATOM   640  O OE1 . GLN A 1 78  ? 0.514   2.722   -2.720  1.000 26.174 ? 78  GLN BBB OE1 1 
ATOM   641  N NE2 . GLN A 1 78  ? 0.260   1.877   -0.662  1.000 25.849 ? 78  GLN BBB NE2 1 
ATOM   642  N N   . LYS A 1 79  ? -0.037  8.382   0.244   1.000 25.877 ? 79  LYS BBB N   1 
ATOM   643  C CA  . LYS A 1 79  ? 0.720   9.660   0.328   1.000 26.039 ? 79  LYS BBB CA  1 
ATOM   644  C C   . LYS A 1 79  ? 2.130   9.374   0.855   1.000 26.102 ? 79  LYS BBB C   1 
ATOM   645  O O   . LYS A 1 79  ? 2.247   8.802   1.957   1.000 26.473 ? 79  LYS BBB O   1 
ATOM   646  C CB  . LYS A 1 79  ? -0.019  10.661  1.220   1.000 26.218 ? 79  LYS BBB CB  1 
ATOM   647  C CG  . LYS A 1 79  ? -1.368  11.122  0.682   1.000 26.462 ? 79  LYS BBB CG  1 
ATOM   648  C CD  . LYS A 1 79  ? -1.702  12.561  1.014   1.000 26.617 ? 79  LYS BBB CD  1 
ATOM   649  C CE  . LYS A 1 79  ? -2.553  12.703  2.257   1.000 26.726 ? 79  LYS BBB CE  1 
ATOM   650  N NZ  . LYS A 1 79  ? -3.429  13.897  2.185   1.000 26.752 ? 79  LYS BBB NZ  1 
ATOM   651  N N   . VAL A 1 80  ? 3.153   9.739   0.075   1.000 25.888 ? 80  VAL BBB N   1 
ATOM   652  C CA  . VAL A 1 80  ? 4.596   9.594   0.434   1.000 25.664 ? 80  VAL BBB CA  1 
ATOM   653  C C   . VAL A 1 80  ? 5.007   10.798  1.288   1.000 25.396 ? 80  VAL BBB C   1 
ATOM   654  O O   . VAL A 1 80  ? 5.103   11.910  0.733   1.000 25.525 ? 80  VAL BBB O   1 
ATOM   655  C CB  . VAL A 1 80  ? 5.478   9.474   -0.824  1.000 25.753 ? 80  VAL BBB CB  1 
ATOM   656  C CG1 . VAL A 1 80  ? 6.931   9.198   -0.469  1.000 25.712 ? 80  VAL BBB CG1 1 
ATOM   657  C CG2 . VAL A 1 80  ? 4.950   8.418   -1.783  1.000 25.780 ? 80  VAL BBB CG2 1 
ATOM   658  N N   . TYR A 1 81  ? 5.222   10.578  2.588   1.000 25.240 ? 81  TYR BBB N   1 
ATOM   659  C CA  . TYR A 1 81  ? 5.606   11.618  3.577   1.000 25.178 ? 81  TYR BBB CA  1 
ATOM   660  C C   . TYR A 1 81  ? 7.112   11.535  3.852   1.000 24.931 ? 81  TYR BBB C   1 
ATOM   661  O O   . TYR A 1 81  ? 7.594   10.460  4.260   1.000 24.985 ? 81  TYR BBB O   1 
ATOM   662  C CB  . TYR A 1 81  ? 4.804   11.454  4.871   1.000 25.402 ? 81  TYR BBB CB  1 
ATOM   663  C CG  . TYR A 1 81  ? 3.373   11.924  4.789   1.000 25.672 ? 81  TYR BBB CG  1 
ATOM   664  C CD1 . TYR A 1 81  ? 3.058   13.270  4.856   1.000 25.899 ? 81  TYR BBB CD1 1 
ATOM   665  C CD2 . TYR A 1 81  ? 2.331   11.021  4.653   1.000 25.721 ? 81  TYR BBB CD2 1 
ATOM   666  C CE1 . TYR A 1 81  ? 1.746   13.710  4.785   1.000 26.002 ? 81  TYR BBB CE1 1 
ATOM   667  C CE2 . TYR A 1 81  ? 1.013   11.443  4.583   1.000 25.803 ? 81  TYR BBB CE2 1 
ATOM   668  C CZ  . TYR A 1 81  ? 0.720   12.793  4.648   1.000 25.984 ? 81  TYR BBB CZ  1 
ATOM   669  O OH  . TYR A 1 81  ? -0.576  13.218  4.579   1.000 26.438 ? 81  TYR BBB OH  1 
ATOM   670  N N   . PHE A 1 82  ? 7.827   12.641  3.625   1.000 24.634 ? 82  PHE BBB N   1 
ATOM   671  C CA  . PHE A 1 82  ? 9.232   12.853  4.060   1.000 24.428 ? 82  PHE BBB CA  1 
ATOM   672  C C   . PHE A 1 82  ? 9.253   13.858  5.218   1.000 24.409 ? 82  PHE BBB C   1 
ATOM   673  O O   . PHE A 1 82  ? 8.923   15.040  4.997   1.000 24.434 ? 82  PHE BBB O   1 
ATOM   674  C CB  . PHE A 1 82  ? 10.098  13.339  2.896   1.000 24.152 ? 82  PHE BBB CB  1 
ATOM   675  C CG  . PHE A 1 82  ? 11.520  13.668  3.276   1.000 24.044 ? 82  PHE BBB CG  1 
ATOM   676  C CD1 . PHE A 1 82  ? 12.464  12.666  3.428   1.000 23.973 ? 82  PHE BBB CD1 1 
ATOM   677  C CD2 . PHE A 1 82  ? 11.909  14.979  3.500   1.000 23.985 ? 82  PHE BBB CD2 1 
ATOM   678  C CE1 . PHE A 1 82  ? 13.768  12.968  3.785   1.000 24.008 ? 82  PHE BBB CE1 1 
ATOM   679  C CE2 . PHE A 1 82  ? 13.214  15.281  3.856   1.000 23.921 ? 82  PHE BBB CE2 1 
ATOM   680  C CZ  . PHE A 1 82  ? 14.141  14.275  3.998   1.000 23.951 ? 82  PHE BBB CZ  1 
ATOM   681  N N   . LYS A 1 83  ? 9.622   13.390  6.413   1.000 24.460 ? 83  LYS BBB N   1 
ATOM   682  C CA  . LYS A 1 83  ? 9.673   14.199  7.661   1.000 24.706 ? 83  LYS BBB CA  1 
ATOM   683  C C   . LYS A 1 83  ? 8.354   14.962  7.825   1.000 24.978 ? 83  LYS BBB C   1 
ATOM   684  O O   . LYS A 1 83  ? 8.402   16.151  8.193   1.000 24.823 ? 83  LYS BBB O   1 
ATOM   685  C CB  . LYS A 1 83  ? 10.860  15.166  7.625   1.000 24.638 ? 83  LYS BBB CB  1 
ATOM   686  C CG  . LYS A 1 83  ? 12.233  14.507  7.564   1.000 24.609 ? 83  LYS BBB CG  1 
ATOM   687  C CD  . LYS A 1 83  ? 13.343  15.384  8.100   1.000 24.632 ? 83  LYS BBB CD  1 
ATOM   688  C CE  . LYS A 1 83  ? 14.721  14.930  7.668   1.000 24.650 ? 83  LYS BBB CE  1 
ATOM   689  N NZ  . LYS A 1 83  ? 15.773  15.863  8.135   1.000 24.660 ? 83  LYS BBB NZ  1 
ATOM   690  N N   . GLY A 1 84  ? 7.226   14.299  7.547   1.000 25.643 ? 84  GLY BBB N   1 
ATOM   691  C CA  . GLY A 1 84  ? 5.869   14.819  7.801   1.000 26.255 ? 84  GLY BBB CA  1 
ATOM   692  C C   . GLY A 1 84  ? 5.345   15.645  6.640   1.000 26.960 ? 84  GLY BBB C   1 
ATOM   693  O O   . GLY A 1 84  ? 4.198   16.126  6.730   1.000 27.280 ? 84  GLY BBB O   1 
ATOM   694  N N   . GLN A 1 85  ? 6.150   15.807  5.584   1.000 27.671 ? 85  GLN BBB N   1 
ATOM   695  C CA  . GLN A 1 85  ? 5.789   16.581  4.365   1.000 28.244 ? 85  GLN BBB CA  1 
ATOM   696  C C   . GLN A 1 85  ? 5.435   15.609  3.235   1.000 28.567 ? 85  GLN BBB C   1 
ATOM   697  O O   . GLN A 1 85  ? 6.298   14.786  2.871   1.000 28.573 ? 85  GLN BBB O   1 
ATOM   698  C CB  . GLN A 1 85  ? 6.938   17.501  3.950   1.000 28.529 ? 85  GLN BBB CB  1 
ATOM   699  C CG  . GLN A 1 85  ? 6.485   18.695  3.121   1.000 28.788 ? 85  GLN BBB CG  1 
ATOM   700  C CD  . GLN A 1 85  ? 7.631   19.372  2.410   1.000 29.012 ? 85  GLN BBB CD  1 
ATOM   701  O OE1 . GLN A 1 85  ? 7.483   19.886  1.305   1.000 29.238 ? 85  GLN BBB OE1 1 
ATOM   702  N NE2 . GLN A 1 85  ? 8.791   19.375  3.046   1.000 29.272 ? 85  GLN BBB NE2 1 
ATOM   703  N N   . CYS A 1 86  ? 4.213   15.715  2.701   1.000 29.126 ? 86  CYS BBB N   1 
ATOM   704  C CA  . CYS A 1 86  ? 3.706   14.910  1.557   1.000 29.409 ? 86  CYS BBB CA  1 
ATOM   705  C C   . CYS A 1 86  ? 4.376   15.380  0.261   1.000 29.702 ? 86  CYS BBB C   1 
ATOM   706  O O   . CYS A 1 86  ? 4.154   16.541  -0.131  1.000 29.510 ? 86  CYS BBB O   1 
ATOM   707  C CB  . CYS A 1 86  ? 2.192   15.019  1.435   1.000 29.224 ? 86  CYS BBB CB  1 
ATOM   708  S SG  . CYS A 1 86  ? 1.510   14.044  0.069   1.000 29.196 ? 86  CYS BBB SG  1 
ATOM   709  N N   . LEU A 1 87  ? 5.166   14.505  -0.369  1.000 30.499 ? 87  LEU BBB N   1 
ATOM   710  C CA  . LEU A 1 87  ? 5.919   14.794  -1.620  1.000 31.251 ? 87  LEU BBB CA  1 
ATOM   711  C C   . LEU A 1 87  ? 5.143   14.246  -2.822  1.000 32.201 ? 87  LEU BBB C   1 
ATOM   712  O O   . LEU A 1 87  ? 5.318   14.783  -3.934  1.000 32.702 ? 87  LEU BBB O   1 
ATOM   713  C CB  . LEU A 1 87  ? 7.307   14.152  -1.533  1.000 31.094 ? 87  LEU BBB CB  1 
ATOM   714  C CG  . LEU A 1 87  ? 8.156   14.573  -0.335  1.000 30.972 ? 87  LEU BBB CG  1 
ATOM   715  C CD1 . LEU A 1 87  ? 9.539   13.945  -0.405  1.000 30.968 ? 87  LEU BBB CD1 1 
ATOM   716  C CD2 . LEU A 1 87  ? 8.261   16.088  -0.251  1.000 31.090 ? 87  LEU BBB CD2 1 
ATOM   717  N N   . GLU A 1 88  ? 4.335   13.204  -2.602  1.000 33.026 ? 88  GLU BBB N   1 
ATOM   718  C CA  . GLU A 1 88  ? 3.640   12.439  -3.671  1.000 33.490 ? 88  GLU BBB CA  1 
ATOM   719  C C   . GLU A 1 88  ? 2.300   11.915  -3.144  1.000 33.520 ? 88  GLU BBB C   1 
ATOM   720  O O   . GLU A 1 88  ? 2.153   11.794  -1.911  1.000 33.234 ? 88  GLU BBB O   1 
ATOM   721  C CB  . GLU A 1 88  ? 4.516   11.281  -4.150  1.000 34.065 ? 88  GLU BBB CB  1 
ATOM   722  C CG  . GLU A 1 88  ? 5.517   11.678  -5.218  1.000 34.710 ? 88  GLU BBB CG  1 
ATOM   723  C CD  . GLU A 1 88  ? 6.149   10.506  -5.947  1.000 35.268 ? 88  GLU BBB CD  1 
ATOM   724  O OE1 . GLU A 1 88  ? 6.672   9.601   -5.267  1.000 35.491 ? 88  GLU BBB OE1 1 
ATOM   725  O OE2 . GLU A 1 88  ? 6.101   10.492  -7.194  1.000 36.254 ? 88  GLU BBB OE2 1 
ATOM   726  N N   . GLU A 1 89  ? 1.372   11.616  -4.056  1.000 33.537 ? 89  GLU BBB N   1 
ATOM   727  C CA  . GLU A 1 89  ? 0.077   10.944  -3.767  1.000 33.667 ? 89  GLU BBB CA  1 
ATOM   728  C C   . GLU A 1 89  ? -0.295  10.050  -4.955  1.000 33.863 ? 89  GLU BBB C   1 
ATOM   729  O O   . GLU A 1 89  ? -0.518  10.595  -6.054  1.000 33.984 ? 89  GLU BBB O   1 
ATOM   730  C CB  . GLU A 1 89  ? -1.017  11.978  -3.499  1.000 33.632 ? 89  GLU BBB CB  1 
ATOM   731  C CG  . GLU A 1 89  ? -2.326  11.366  -3.031  1.000 33.804 ? 89  GLU BBB CG  1 
ATOM   732  C CD  . GLU A 1 89  ? -3.356  12.370  -2.542  1.000 33.760 ? 89  GLU BBB CD  1 
ATOM   733  O OE1 . GLU A 1 89  ? -3.167  13.577  -2.791  1.000 34.181 ? 89  GLU BBB OE1 1 
ATOM   734  O OE2 . GLU A 1 89  ? -4.342  11.943  -1.911  1.000 33.568 ? 89  GLU BBB OE2 1 
ATOM   735  N N   . TRP A 1 90  ? -0.329  8.731   -4.742  1.000 34.170 ? 90  TRP BBB N   1 
ATOM   736  C CA  . TRP A 1 90  ? -0.763  7.723   -5.747  1.000 34.338 ? 90  TRP BBB CA  1 
ATOM   737  C C   . TRP A 1 90  ? -2.230  7.355   -5.503  1.000 33.753 ? 90  TRP BBB C   1 
ATOM   738  O O   . TRP A 1 90  ? -2.654  7.355   -4.331  1.000 33.701 ? 90  TRP BBB O   1 
ATOM   739  C CB  . TRP A 1 90  ? 0.134   6.481   -5.702  1.000 35.048 ? 90  TRP BBB CB  1 
ATOM   740  C CG  . TRP A 1 90  ? 1.600   6.780   -5.642  1.000 35.949 ? 90  TRP BBB CG  1 
ATOM   741  C CD1 . TRP A 1 90  ? 2.264   7.785   -6.284  1.000 36.177 ? 90  TRP BBB CD1 1 
ATOM   742  C CD2 . TRP A 1 90  ? 2.598   6.040   -4.918  1.000 36.475 ? 90  TRP BBB CD2 1 
ATOM   743  N NE1 . TRP A 1 90  ? 3.601   7.732   -5.995  1.000 36.446 ? 90  TRP BBB NE1 1 
ATOM   744  C CE2 . TRP A 1 90  ? 3.836   6.670   -5.161  1.000 36.541 ? 90  TRP BBB CE2 1 
ATOM   745  C CE3 . TRP A 1 90  ? 2.564   4.916   -4.087  1.000 36.537 ? 90  TRP BBB CE3 1 
ATOM   746  C CZ2 . TRP A 1 90  ? 5.026   6.210   -4.600  1.000 36.774 ? 90  TRP BBB CZ2 1 
ATOM   747  C CZ3 . TRP A 1 90  ? 3.740   4.462   -3.533  1.000 36.771 ? 90  TRP BBB CZ3 1 
ATOM   748  C CH2 . TRP A 1 90  ? 4.953   5.101   -3.787  1.000 36.864 ? 90  TRP BBB CH2 1 
ATOM   749  N N   . PHE A 1 91  ? -2.959  7.036   -6.576  1.000 33.219 ? 91  PHE BBB N   1 
ATOM   750  C CA  . PHE A 1 91  ? -4.358  6.533   -6.543  1.000 32.678 ? 91  PHE BBB CA  1 
ATOM   751  C C   . PHE A 1 91  ? -4.429  5.211   -7.313  1.000 32.534 ? 91  PHE BBB C   1 
ATOM   752  O O   . PHE A 1 91  ? -3.943  5.154   -8.459  1.000 32.824 ? 91  PHE BBB O   1 
ATOM   753  C CB  . PHE A 1 91  ? -5.317  7.577   -7.122  1.000 32.374 ? 91  PHE BBB CB  1 
ATOM   754  C CG  . PHE A 1 91  ? -5.286  8.913   -6.423  1.000 32.265 ? 91  PHE BBB CG  1 
ATOM   755  C CD1 . PHE A 1 91  ? -4.309  9.848   -6.723  1.000 32.133 ? 91  PHE BBB CD1 1 
ATOM   756  C CD2 . PHE A 1 91  ? -6.236  9.235   -5.467  1.000 32.220 ? 91  PHE BBB CD2 1 
ATOM   757  C CE1 . PHE A 1 91  ? -4.282  11.076  -6.081  1.000 32.111 ? 91  PHE BBB CE1 1 
ATOM   758  C CE2 . PHE A 1 91  ? -6.207  10.463  -4.826  1.000 32.134 ? 91  PHE BBB CE2 1 
ATOM   759  C CZ  . PHE A 1 91  ? -5.231  11.382  -5.134  1.000 32.143 ? 91  PHE BBB CZ  1 
ATOM   760  N N   . PHE A 1 92  ? -4.994  4.178   -6.683  1.000 32.319 ? 92  PHE BBB N   1 
ATOM   761  C CA  . PHE A 1 92  ? -5.164  2.817   -7.255  1.000 32.293 ? 92  PHE BBB CA  1 
ATOM   762  C C   . PHE A 1 92  ? -6.610  2.357   -7.042  1.000 32.356 ? 92  PHE BBB C   1 
ATOM   763  O O   . PHE A 1 92  ? -7.127  2.488   -5.916  1.000 32.095 ? 92  PHE BBB O   1 
ATOM   764  C CB  . PHE A 1 92  ? -4.167  1.841   -6.625  1.000 32.265 ? 92  PHE BBB CB  1 
ATOM   765  C CG  . PHE A 1 92  ? -2.728  2.285   -6.690  1.000 32.292 ? 92  PHE BBB CG  1 
ATOM   766  C CD1 . PHE A 1 92  ? -1.976  2.089   -7.837  1.000 32.351 ? 92  PHE BBB CD1 1 
ATOM   767  C CD2 . PHE A 1 92  ? -2.126  2.903   -5.605  1.000 32.222 ? 92  PHE BBB CD2 1 
ATOM   768  C CE1 . PHE A 1 92  ? -0.653  2.499   -7.897  1.000 32.316 ? 92  PHE BBB CE1 1 
ATOM   769  C CE2 . PHE A 1 92  ? -0.803  3.312   -5.668  1.000 32.284 ? 92  PHE BBB CE2 1 
ATOM   770  C CZ  . PHE A 1 92  ? -0.070  3.109   -6.812  1.000 32.150 ? 92  PHE BBB CZ  1 
ATOM   771  N N   . GLU A 1 93  ? -7.239  1.849   -8.107  1.000 32.424 ? 93  GLU BBB N   1 
ATOM   772  C CA  . GLU A 1 93  ? -8.633  1.332   -8.098  1.000 32.393 ? 93  GLU BBB CA  1 
ATOM   773  C C   . GLU A 1 93  ? -8.614  -0.153  -8.479  1.000 31.936 ? 93  GLU BBB C   1 
ATOM   774  O O   . GLU A 1 93  ? -8.113  -0.474  -9.573  1.000 31.879 ? 93  GLU BBB O   1 
ATOM   775  C CB  . GLU A 1 93  ? -9.505  2.139   -9.062  1.000 32.948 ? 93  GLU BBB CB  1 
ATOM   776  C CG  . GLU A 1 93  ? -10.990 1.848   -8.933  1.000 33.608 ? 93  GLU BBB CG  1 
ATOM   777  C CD  . GLU A 1 93  ? -11.532 0.839   -9.930  1.000 34.398 ? 93  GLU BBB CD  1 
ATOM   778  O OE1 . GLU A 1 93  ? -10.776 -0.075  -10.319 1.000 34.738 ? 93  GLU BBB OE1 1 
ATOM   779  O OE2 . GLU A 1 93  ? -12.709 0.970   -10.321 1.000 35.299 ? 93  GLU BBB OE2 1 
ATOM   780  N N   . PHE A 1 94  ? -9.114  -1.018  -7.590  1.000 31.212 ? 94  PHE BBB N   1 
ATOM   781  C CA  . PHE A 1 94  ? -9.342  -2.463  -7.854  1.000 30.636 ? 94  PHE BBB CA  1 
ATOM   782  C C   . PHE A 1 94  ? -10.767 -2.660  -8.379  1.000 30.167 ? 94  PHE BBB C   1 
ATOM   783  O O   . PHE A 1 94  ? -10.961 -3.474  -9.302  1.000 30.479 ? 94  PHE BBB O   1 
ATOM   784  C CB  . PHE A 1 94  ? -9.107  -3.300  -6.594  1.000 30.390 ? 94  PHE BBB CB  1 
ATOM   785  C CG  . PHE A 1 94  ? -9.253  -4.784  -6.816  1.000 30.388 ? 94  PHE BBB CG  1 
ATOM   786  C CD1 . PHE A 1 94  ? -8.174  -5.549  -7.229  1.000 30.361 ? 94  PHE BBB CD1 1 
ATOM   787  C CD2 . PHE A 1 94  ? -10.482 -5.407  -6.664  1.000 30.491 ? 94  PHE BBB CD2 1 
ATOM   788  C CE1 . PHE A 1 94  ? -8.314  -6.909  -7.456  1.000 30.358 ? 94  PHE BBB CE1 1 
ATOM   789  C CE2 . PHE A 1 94  ? -10.621 -6.767  -6.892  1.000 30.593 ? 94  PHE BBB CE2 1 
ATOM   790  C CZ  . PHE A 1 94  ? -9.537  -7.516  -7.286  1.000 30.459 ? 94  PHE BBB CZ  1 
ATOM   791  N N   . GLY A 1 95  ? -11.728 -1.935  -7.797  1.000 29.535 ? 95  GLY BBB N   1 
ATOM   792  C CA  . GLY A 1 95  ? -13.154 -1.986  -8.173  1.000 29.015 ? 95  GLY BBB CA  1 
ATOM   793  C C   . GLY A 1 95  ? -13.930 -2.957  -7.298  1.000 28.486 ? 95  GLY BBB C   1 
ATOM   794  O O   . GLY A 1 95  ? -13.636 -3.026  -6.089  1.000 28.316 ? 95  GLY BBB O   1 
ATOM   795  N N   . PHE A 1 96  ? -14.883 -3.684  -7.891  1.000 27.665 ? 96  PHE BBB N   1 
ATOM   796  C CA  . PHE A 1 96  ? -15.791 -4.633  -7.194  1.000 26.914 ? 96  PHE BBB CA  1 
ATOM   797  C C   . PHE A 1 96  ? -14.973 -5.789  -6.609  1.000 26.361 ? 96  PHE BBB C   1 
ATOM   798  O O   . PHE A 1 96  ? -14.125 -6.356  -7.327  1.000 26.157 ? 96  PHE BBB O   1 
ATOM   799  C CB  . PHE A 1 96  ? -16.868 -5.158  -8.147  1.000 26.622 ? 96  PHE BBB CB  1 
ATOM   800  C CG  . PHE A 1 96  ? -17.891 -6.051  -7.489  1.000 26.453 ? 96  PHE BBB CG  1 
ATOM   801  C CD1 . PHE A 1 96  ? -18.956 -5.509  -6.788  1.000 26.422 ? 96  PHE BBB CD1 1 
ATOM   802  C CD2 . PHE A 1 96  ? -17.774 -7.431  -7.548  1.000 26.256 ? 96  PHE BBB CD2 1 
ATOM   803  C CE1 . PHE A 1 96  ? -19.890 -6.329  -6.174  1.000 26.353 ? 96  PHE BBB CE1 1 
ATOM   804  C CE2 . PHE A 1 96  ? -18.709 -8.248  -6.933  1.000 26.191 ? 96  PHE BBB CE2 1 
ATOM   805  C CZ  . PHE A 1 96  ? -19.765 -7.696  -6.247  1.000 26.322 ? 96  PHE BBB CZ  1 
ATOM   806  N N   . VAL A 1 97  ? -15.235 -6.126  -5.342  1.000 25.714 ? 97  VAL BBB N   1 
ATOM   807  C CA  . VAL A 1 97  ? -14.641 -7.300  -4.635  1.000 25.327 ? 97  VAL BBB CA  1 
ATOM   808  C C   . VAL A 1 97  ? -15.771 -8.255  -4.238  1.000 25.096 ? 97  VAL BBB C   1 
ATOM   809  O O   . VAL A 1 97  ? -16.717 -7.804  -3.560  1.000 25.018 ? 97  VAL BBB O   1 
ATOM   810  C CB  . VAL A 1 97  ? -13.819 -6.867  -3.405  1.000 25.239 ? 97  VAL BBB CB  1 
ATOM   811  C CG1 . VAL A 1 97  ? -13.253 -8.065  -2.659  1.000 25.113 ? 97  VAL BBB CG1 1 
ATOM   812  C CG2 . VAL A 1 97  ? -12.711 -5.894  -3.780  1.000 25.281 ? 97  VAL BBB CG2 1 
ATOM   813  N N   . ILE A 1 98  ? -15.668 -9.522  -4.650  1.000 24.904 ? 98  ILE BBB N   1 
ATOM   814  C CA  . ILE A 1 98  ? -16.635 -10.609 -4.313  1.000 24.822 ? 98  ILE BBB CA  1 
ATOM   815  C C   . ILE A 1 98  ? -16.449 -10.993 -2.849  1.000 24.623 ? 98  ILE BBB C   1 
ATOM   816  O O   . ILE A 1 98  ? -15.325 -11.194 -2.393  1.000 24.630 ? 98  ILE BBB O   1 
ATOM   817  C CB  . ILE A 1 98  ? -16.446 -11.816 -5.254  1.000 24.845 ? 98  ILE BBB CB  1 
ATOM   818  C CG1 . ILE A 1 98  ? -16.848 -11.479 -6.691  1.000 24.901 ? 98  ILE BBB CG1 1 
ATOM   819  C CG2 . ILE A 1 98  ? -17.193 -13.031 -4.728  1.000 24.931 ? 98  ILE BBB CG2 1 
ATOM   820  C CD1 . ILE A 1 98  ? -16.454 -12.531 -7.702  1.000 24.967 ? 98  ILE BBB CD1 1 
ATOM   821  N N   . PRO A 1 99  ? -17.546 -11.102 -2.066  1.000 24.359 ? 99  PRO BBB N   1 
ATOM   822  C CA  . PRO A 1 99  ? -17.452 -11.484 -0.657  1.000 24.300 ? 99  PRO BBB CA  1 
ATOM   823  C C   . PRO A 1 99  ? -16.838 -12.881 -0.481  1.000 24.281 ? 99  PRO BBB C   1 
ATOM   824  O O   . PRO A 1 99  ? -17.238 -13.789 -1.188  1.000 24.293 ? 99  PRO BBB O   1 
ATOM   825  C CB  . PRO A 1 99  ? -18.908 -11.448 -0.162  1.000 24.291 ? 99  PRO BBB CB  1 
ATOM   826  C CG  . PRO A 1 99  ? -19.745 -11.566 -1.422  1.000 24.290 ? 99  PRO BBB CG  1 
ATOM   827  C CD  . PRO A 1 99  ? -18.933 -10.881 -2.501  1.000 24.316 ? 99  PRO BBB CD  1 
ATOM   828  N N   . ASN A 1 100 ? -15.874 -13.003 0.437   1.000 24.307 ? 100 ASN BBB N   1 
ATOM   829  C CA  . ASN A 1 100 ? -15.186 -14.277 0.780   1.000 24.368 ? 100 ASN BBB CA  1 
ATOM   830  C C   . ASN A 1 100 ? -14.285 -14.695 -0.387  1.000 24.634 ? 100 ASN BBB C   1 
ATOM   831  O O   . ASN A 1 100 ? -14.106 -15.911 -0.589  1.000 24.698 ? 100 ASN BBB O   1 
ATOM   832  C CB  . ASN A 1 100 ? -16.189 -15.379 1.131   1.000 24.318 ? 100 ASN BBB CB  1 
ATOM   833  C CG  . ASN A 1 100 ? -16.986 -15.069 2.379   1.000 24.243 ? 100 ASN BBB CG  1 
ATOM   834  O OD1 . ASN A 1 100 ? -16.424 -14.938 3.464   1.000 24.280 ? 100 ASN BBB OD1 1 
ATOM   835  N ND2 . ASN A 1 100 ? -18.296 -14.946 2.237   1.000 23.922 ? 100 ASN BBB ND2 1 
ATOM   836  N N   . SER A 1 101 ? -13.734 -13.716 -1.113  1.000 24.966 ? 101 SER BBB N   1 
ATOM   837  C CA  . SER A 1 101 ? -12.822 -13.915 -2.269  1.000 25.254 ? 101 SER BBB CA  1 
ATOM   838  C C   . SER A 1 101 ? -11.381 -13.589 -1.860  1.000 25.811 ? 101 SER BBB C   1 
ATOM   839  O O   . SER A 1 101 ? -11.194 -12.697 -1.008  1.000 25.830 ? 101 SER BBB O   1 
ATOM   840  C CB  . SER A 1 101 ? -13.256 -13.079 -3.445  1.000 25.207 ? 101 SER BBB CB  1 
ATOM   841  O OG  . SER A 1 101 ? -13.173 -11.695 -3.141  1.000 25.081 ? 101 SER BBB OG  1 
ATOM   842  N N   . THR A 1 102 ? -10.411 -14.300 -2.442  1.000 26.352 ? 102 THR BBB N   1 
ATOM   843  C CA  . THR A 1 102 ? -8.962  -13.966 -2.404  1.000 26.777 ? 102 THR BBB CA  1 
ATOM   844  C C   . THR A 1 102 ? -8.546  -13.437 -3.782  1.000 27.349 ? 102 THR BBB C   1 
ATOM   845  O O   . THR A 1 102 ? -8.920  -14.068 -4.789  1.000 27.476 ? 102 THR BBB O   1 
ATOM   846  C CB  . THR A 1 102 ? -8.123  -15.177 -1.977  1.000 26.714 ? 102 THR BBB CB  1 
ATOM   847  O OG1 . THR A 1 102 ? -8.562  -15.582 -0.680  1.000 26.577 ? 102 THR BBB OG1 1 
ATOM   848  C CG2 . THR A 1 102 ? -6.640  -14.885 -1.946  1.000 26.752 ? 102 THR BBB CG2 1 
ATOM   849  N N   . ASN A 1 103 ? -7.826  -12.312 -3.817  1.000 28.060 ? 103 ASN BBB N   1 
ATOM   850  C CA  . ASN A 1 103 ? -7.585  -11.513 -5.047  1.000 28.509 ? 103 ASN BBB CA  1 
ATOM   851  C C   . ASN A 1 103 ? -6.119  -11.069 -5.094  1.000 28.944 ? 103 ASN BBB C   1 
ATOM   852  O O   . ASN A 1 103 ? -5.586  -10.668 -4.041  1.000 29.261 ? 103 ASN BBB O   1 
ATOM   853  C CB  . ASN A 1 103 ? -8.520  -10.304 -5.121  1.000 28.630 ? 103 ASN BBB CB  1 
ATOM   854  C CG  . ASN A 1 103 ? -9.982  -10.686 -5.034  1.000 28.805 ? 103 ASN BBB CG  1 
ATOM   855  O OD1 . ASN A 1 103 ? -10.578 -11.110 -6.022  1.000 28.874 ? 103 ASN BBB OD1 1 
ATOM   856  N ND2 . ASN A 1 103 ? -10.571 -10.535 -3.859  1.000 28.858 ? 103 ASN BBB ND2 1 
ATOM   857  N N   . THR A 1 104 ? -5.504  -11.135 -6.280  1.000 29.599 ? 104 THR BBB N   1 
ATOM   858  C CA  . THR A 1 104 ? -4.175  -10.545 -6.592  1.000 29.766 ? 104 THR BBB CA  1 
ATOM   859  C C   . THR A 1 104 ? -4.380  -9.263  -7.404  1.000 30.183 ? 104 THR BBB C   1 
ATOM   860  O O   . THR A 1 104 ? -5.065  -9.327  -8.442  1.000 30.277 ? 104 THR BBB O   1 
ATOM   861  C CB  . THR A 1 104 ? -3.281  -11.546 -7.334  1.000 29.726 ? 104 THR BBB CB  1 
ATOM   862  O OG1 . THR A 1 104 ? -3.087  -12.678 -6.486  1.000 29.677 ? 104 THR BBB OG1 1 
ATOM   863  C CG2 . THR A 1 104 ? -1.942  -10.959 -7.722  1.000 29.866 ? 104 THR BBB CG2 1 
ATOM   864  N N   . TRP A 1 105 ? -3.809  -8.150  -6.934  1.000 30.838 ? 105 TRP BBB N   1 
ATOM   865  C CA  . TRP A 1 105 ? -4.049  -6.780  -7.461  1.000 31.369 ? 105 TRP BBB CA  1 
ATOM   866  C C   . TRP A 1 105 ? -2.726  -6.180  -7.951  1.000 32.933 ? 105 TRP BBB C   1 
ATOM   867  O O   . TRP A 1 105 ? -1.943  -5.705  -7.104  1.000 32.984 ? 105 TRP BBB O   1 
ATOM   868  C CB  . TRP A 1 105 ? -4.710  -5.912  -6.383  1.000 30.645 ? 105 TRP BBB CB  1 
ATOM   869  C CG  . TRP A 1 105 ? -4.968  -4.495  -6.793  1.000 30.098 ? 105 TRP BBB CG  1 
ATOM   870  C CD1 . TRP A 1 105 ? -4.849  -3.959  -8.043  1.000 29.867 ? 105 TRP BBB CD1 1 
ATOM   871  C CD2 . TRP A 1 105 ? -5.433  -3.431  -5.944  1.000 29.688 ? 105 TRP BBB CD2 1 
ATOM   872  N NE1 . TRP A 1 105 ? -5.189  -2.634  -8.026  1.000 29.548 ? 105 TRP BBB NE1 1 
ATOM   873  C CE2 . TRP A 1 105 ? -5.554  -2.281  -6.753  1.000 29.506 ? 105 TRP BBB CE2 1 
ATOM   874  C CE3 . TRP A 1 105 ? -5.752  -3.337  -4.585  1.000 29.635 ? 105 TRP BBB CE3 1 
ATOM   875  C CZ2 . TRP A 1 105 ? -5.979  -1.055  -6.243  1.000 29.494 ? 105 TRP BBB CZ2 1 
ATOM   876  C CZ3 . TRP A 1 105 ? -6.171  -2.125  -4.083  1.000 29.620 ? 105 TRP BBB CZ3 1 
ATOM   877  C CH2 . TRP A 1 105 ? -6.282  -1.002  -4.902  1.000 29.547 ? 105 TRP BBB CH2 1 
ATOM   878  N N   . GLN A 1 106 ? -2.488  -6.224  -9.265  1.000 34.908 ? 106 GLN BBB N   1 
ATOM   879  C CA  . GLN A 1 106 ? -1.256  -5.704  -9.918  1.000 36.445 ? 106 GLN BBB CA  1 
ATOM   880  C C   . GLN A 1 106 ? -1.434  -4.210  -10.205 1.000 37.283 ? 106 GLN BBB C   1 
ATOM   881  O O   . GLN A 1 106 ? -2.351  -3.858  -10.973 1.000 37.067 ? 106 GLN BBB O   1 
ATOM   882  C CB  . GLN A 1 106 ? -0.959  -6.477  -11.206 1.000 37.350 ? 106 GLN BBB CB  1 
ATOM   883  C CG  . GLN A 1 106 ? 0.353   -6.077  -11.866 1.000 38.184 ? 106 GLN BBB CG  1 
ATOM   884  C CD  . GLN A 1 106 ? 0.235   -4.798  -12.660 1.000 38.962 ? 106 GLN BBB CD  1 
ATOM   885  O OE1 . GLN A 1 106 ? -0.847  -4.410  -13.093 1.000 39.423 ? 106 GLN BBB OE1 1 
ATOM   886  N NE2 . GLN A 1 106 ? 1.362   -4.134  -12.866 1.000 39.148 ? 106 GLN BBB NE2 1 
ATOM   887  N N   . SER A 1 107 ? -0.594  -3.371  -9.591  1.000 38.557 ? 107 SER BBB N   1 
ATOM   888  C CA  . SER A 1 107 ? -0.540  -1.902  -9.802  1.000 39.876 ? 107 SER BBB CA  1 
ATOM   889  C C   . SER A 1 107 ? 0.871   -1.500  -10.243 1.000 41.487 ? 107 SER BBB C   1 
ATOM   890  O O   . SER A 1 107 ? 1.844   -2.014  -9.656  1.000 41.846 ? 107 SER BBB O   1 
ATOM   891  C CB  . SER A 1 107 ? -0.960  -1.161  -8.559  1.000 39.555 ? 107 SER BBB CB  1 
ATOM   892  O OG  . SER A 1 107 ? -2.331  -1.391  -8.271  1.000 39.284 ? 107 SER BBB OG  1 
ATOM   893  N N   . LEU A 1 108 ? 0.969   -0.630  -11.253 1.000 43.480 ? 108 LEU BBB N   1 
ATOM   894  C CA  . LEU A 1 108 ? 2.253   -0.076  -11.760 1.000 45.266 ? 108 LEU BBB CA  1 
ATOM   895  C C   . LEU A 1 108 ? 2.454   1.330   -11.183 1.000 46.923 ? 108 LEU BBB C   1 
ATOM   896  O O   . LEU A 1 108 ? 1.645   2.224   -11.504 1.000 46.949 ? 108 LEU BBB O   1 
ATOM   897  C CB  . LEU A 1 108 ? 2.223   -0.049  -13.292 1.000 45.578 ? 108 LEU BBB CB  1 
ATOM   898  C CG  . LEU A 1 108 ? 3.578   0.157   -13.966 1.000 45.719 ? 108 LEU BBB CG  1 
ATOM   899  C CD1 . LEU A 1 108 ? 4.568   -0.914  -13.533 1.000 45.770 ? 108 LEU BBB CD1 1 
ATOM   900  C CD2 . LEU A 1 108 ? 3.437   0.174   -15.480 1.000 45.765 ? 108 LEU BBB CD2 1 
ATOM   901  N N   . ILE A 1 109 ? 3.484   1.501   -10.349 1.000 48.755 ? 109 ILE BBB N   1 
ATOM   902  C CA  . ILE A 1 109 ? 3.845   2.794   -9.695  1.000 50.537 ? 109 ILE BBB CA  1 
ATOM   903  C C   . ILE A 1 109 ? 4.929   3.479   -10.536 1.000 52.765 ? 109 ILE BBB C   1 
ATOM   904  O O   . ILE A 1 109 ? 5.991   2.862   -10.747 1.000 52.394 ? 109 ILE BBB O   1 
ATOM   905  C CB  . ILE A 1 109 ? 4.301   2.562   -8.241  1.000 50.118 ? 109 ILE BBB CB  1 
ATOM   906  C CG1 . ILE A 1 109 ? 3.346   1.629   -7.492  1.000 50.151 ? 109 ILE BBB CG1 1 
ATOM   907  C CG2 . ILE A 1 109 ? 4.482   3.886   -7.515  1.000 49.942 ? 109 ILE BBB CG2 1 
ATOM   908  C CD1 . ILE A 1 109 ? 3.934   1.020   -6.241  1.000 50.182 ? 109 ILE BBB CD1 1 
ATOM   909  N N   . GLU A 1 110 ? 4.652   4.699   -11.005 1.000 55.686 ? 110 GLU BBB N   1 
ATOM   910  C CA  . GLU A 1 110 ? 5.547   5.492   -11.889 1.000 58.359 ? 110 GLU BBB CA  1 
ATOM   911  C C   . GLU A 1 110 ? 6.380   6.450   -11.030 1.000 59.877 ? 110 GLU BBB C   1 
ATOM   912  O O   . GLU A 1 110 ? 5.818   7.038   -10.085 1.000 59.576 ? 110 GLU BBB O   1 
ATOM   913  C CB  . GLU A 1 110 ? 4.724   6.242   -12.937 1.000 59.398 ? 110 GLU BBB CB  1 
ATOM   914  C CG  . GLU A 1 110 ? 4.010   5.324   -13.914 1.000 60.516 ? 110 GLU BBB CG  1 
ATOM   915  C CD  . GLU A 1 110 ? 4.786   5.023   -15.185 1.000 61.542 ? 110 GLU BBB CD  1 
ATOM   916  O OE1 . GLU A 1 110 ? 4.866   3.836   -15.560 1.000 62.234 ? 110 GLU BBB OE1 1 
ATOM   917  O OE2 . GLU A 1 110 ? 5.301   5.978   -15.801 1.000 62.452 ? 110 GLU BBB OE2 1 
ATOM   918  N N   . ALA A 1 111 ? 7.669   6.594   -11.356 1.000 62.214 ? 111 ALA BBB N   1 
ATOM   919  C CA  . ALA A 1 111 ? 8.689   7.295   -10.540 1.000 63.877 ? 111 ALA BBB CA  1 
ATOM   920  C C   . ALA A 1 111 ? 8.420   8.804   -10.545 1.000 65.449 ? 111 ALA BBB C   1 
ATOM   921  O O   . ALA A 1 111 ? 7.649   9.269   -11.408 1.000 65.234 ? 111 ALA BBB O   1 
ATOM   922  C CB  . ALA A 1 111 ? 10.068  6.981   -11.066 1.000 63.890 ? 111 ALA BBB CB  1 
ATOM   923  N N   . ALA A 1 112 ? 9.042   9.530   -9.610  1.000 67.548 ? 112 ALA BBB N   1 
ATOM   924  C CA  . ALA A 1 112 ? 8.985   11.006  -9.491  1.000 68.845 ? 112 ALA BBB CA  1 
ATOM   925  C C   . ALA A 1 112 ? 9.864   11.638  -10.567 1.000 69.724 ? 112 ALA BBB C   1 
ATOM   926  O O   . ALA A 1 112 ? 9.410   12.500  -11.316 1.000 69.529 ? 112 ALA BBB O   1 
ATOM   927  C CB  . ALA A 1 112 ? 9.415   11.427  -8.106  1.000 68.752 ? 112 ALA BBB CB  1 
ATOM   928  N N   . PRO A 1 113 ? 11.148  11.229  -10.672 1.000 71.027 ? 113 PRO BBB N   1 
ATOM   929  C CA  . PRO A 1 113 ? 12.061  11.792  -11.665 1.000 71.537 ? 113 PRO BBB CA  1 
ATOM   930  C C   . PRO A 1 113 ? 12.033  11.028  -12.997 1.000 71.939 ? 113 PRO BBB C   1 
ATOM   931  O O   . PRO A 1 113 ? 11.902  9.817   -12.938 1.000 72.068 ? 113 PRO BBB O   1 
ATOM   932  C CB  . PRO A 1 113 ? 13.420  11.647  -10.966 1.000 71.440 ? 113 PRO BBB CB  1 
ATOM   933  C CG  . PRO A 1 113 ? 13.285  10.381  -10.134 1.000 71.311 ? 113 PRO BBB CG  1 
ATOM   934  C CD  . PRO A 1 113 ? 11.809  10.239  -9.810  1.000 71.123 ? 113 PRO BBB CD  1 
ATOM   935  N N   . MET A 1 117 ? 14.842  12.800  -7.134  1.000 35.429 ? 117 MET BBB N   1 
ATOM   936  C CA  . MET A 1 117 ? 14.896  11.995  -5.885  1.000 35.353 ? 117 MET BBB CA  1 
ATOM   937  C C   . MET A 1 117 ? 16.106  12.432  -5.052  1.000 33.646 ? 117 MET BBB C   1 
ATOM   938  O O   . MET A 1 117 ? 17.216  12.498  -5.615  1.000 33.725 ? 117 MET BBB O   1 
ATOM   939  C CB  . MET A 1 117 ? 15.019  10.500  -6.197  1.000 36.985 ? 117 MET BBB CB  1 
ATOM   940  C CG  . MET A 1 117 ? 14.300  9.610   -5.201  1.000 38.181 ? 117 MET BBB CG  1 
ATOM   941  S SD  . MET A 1 117 ? 12.525  9.490   -5.538  1.000 40.422 ? 117 MET BBB SD  1 
ATOM   942  C CE  . MET A 1 117 ? 12.544  8.529   -7.051  1.000 40.515 ? 117 MET BBB CE  1 
ATOM   943  N N   . MET A 1 118 ? 15.890  12.723  -3.765  1.000 31.241 ? 118 MET BBB N   1 
ATOM   944  C CA  . MET A 1 118 ? 16.959  12.793  -2.734  1.000 29.422 ? 118 MET BBB CA  1 
ATOM   945  C C   . MET A 1 118 ? 17.619  11.420  -2.631  1.000 27.968 ? 118 MET BBB C   1 
ATOM   946  O O   . MET A 1 118 ? 16.965  10.399  -2.829  1.000 27.757 ? 118 MET BBB O   1 
ATOM   947  C CB  . MET A 1 118 ? 16.384  13.186  -1.369  1.000 29.191 ? 118 MET BBB CB  1 
ATOM   948  C CG  . MET A 1 118 ? 16.106  14.670  -1.234  1.000 28.970 ? 118 MET BBB CG  1 
ATOM   949  S SD  . MET A 1 118 ? 15.354  15.084  0.360   1.000 28.878 ? 118 MET BBB SD  1 
ATOM   950  C CE  . MET A 1 118 ? 13.671  14.535  0.084   1.000 28.800 ? 118 MET BBB CE  1 
ATOM   951  N N   . PRO A 1 119 ? 18.937  11.351  -2.342  1.000 26.343 ? 119 PRO BBB N   1 
ATOM   952  C CA  . PRO A 1 119 ? 19.630  10.067  -2.240  1.000 25.557 ? 119 PRO BBB CA  1 
ATOM   953  C C   . PRO A 1 119 ? 19.068  9.196   -1.106  1.000 24.712 ? 119 PRO BBB C   1 
ATOM   954  O O   . PRO A 1 119 ? 18.507  9.739   -0.171  1.000 24.338 ? 119 PRO BBB O   1 
ATOM   955  C CB  . PRO A 1 119 ? 21.096  10.450  -1.979  1.000 25.541 ? 119 PRO BBB CB  1 
ATOM   956  C CG  . PRO A 1 119 ? 21.033  11.866  -1.440  1.000 25.721 ? 119 PRO BBB CG  1 
ATOM   957  C CD  . PRO A 1 119 ? 19.827  12.496  -2.103  1.000 25.983 ? 119 PRO BBB CD  1 
ATOM   958  N N   . ALA A 1 120 ? 19.222  7.875   -1.232  1.000 23.900 ? 120 ALA BBB N   1 
ATOM   959  C CA  . ALA A 1 120 ? 18.689  6.849   -0.304  1.000 23.201 ? 120 ALA BBB CA  1 
ATOM   960  C C   . ALA A 1 120 ? 19.117  7.174   1.132   1.000 22.596 ? 120 ALA BBB C   1 
ATOM   961  O O   . ALA A 1 120 ? 18.288  7.007   2.049   1.000 22.554 ? 120 ALA BBB O   1 
ATOM   962  C CB  . ALA A 1 120 ? 19.172  5.483   -0.722  1.000 23.317 ? 120 ALA BBB CB  1 
ATOM   963  N N   . SER A 1 121 ? 20.366  7.615   1.310   1.000 21.749 ? 121 SER BBB N   1 
ATOM   964  C CA  . SER A 1 121 ? 21.014  7.855   2.626   1.000 21.121 ? 121 SER BBB CA  1 
ATOM   965  C C   . SER A 1 121 ? 20.242  8.927   3.404   1.000 20.640 ? 121 SER BBB C   1 
ATOM   966  O O   . SER A 1 121 ? 20.196  8.838   4.647   1.000 20.402 ? 121 SER BBB O   1 
ATOM   967  C CB  . SER A 1 121 ? 22.460  8.237   2.452   1.000 20.935 ? 121 SER BBB CB  1 
ATOM   968  O OG  . SER A 1 121 ? 22.578  9.477   1.774   1.000 20.964 ? 121 SER BBB OG  1 
ATOM   969  N N   . VAL A 1 122 ? 19.667  9.902   2.693   1.000 20.275 ? 122 VAL BBB N   1 
ATOM   970  C CA  . VAL A 1 122 ? 18.890  11.034  3.280   1.000 20.011 ? 122 VAL BBB CA  1 
ATOM   971  C C   . VAL A 1 122 ? 17.465  10.553  3.575   1.000 19.867 ? 122 VAL BBB C   1 
ATOM   972  O O   . VAL A 1 122 ? 16.924  10.918  4.638   1.000 19.837 ? 122 VAL BBB O   1 
ATOM   973  C CB  . VAL A 1 122 ? 18.886  12.257  2.341   1.000 19.969 ? 122 VAL BBB CB  1 
ATOM   974  C CG1 . VAL A 1 122 ? 18.036  13.390  2.894   1.000 20.019 ? 122 VAL BBB CG1 1 
ATOM   975  C CG2 . VAL A 1 122 ? 20.297  12.741  2.042   1.000 20.013 ? 122 VAL BBB CG2 1 
ATOM   976  N N   . LEU A 1 123 ? 16.896  9.747   2.674   1.000 19.668 ? 123 LEU BBB N   1 
ATOM   977  C CA  . LEU A 1 123 ? 15.472  9.318   2.697   1.000 19.600 ? 123 LEU BBB CA  1 
ATOM   978  C C   . LEU A 1 123 ? 15.269  8.238   3.766   1.000 19.567 ? 123 LEU BBB C   1 
ATOM   979  O O   . LEU A 1 123 ? 14.200  8.238   4.408   1.000 19.511 ? 123 LEU BBB O   1 
ATOM   980  C CB  . LEU A 1 123 ? 15.087  8.795   1.310   1.000 19.572 ? 123 LEU BBB CB  1 
ATOM   981  C CG  . LEU A 1 123 ? 14.859  9.865   0.244   1.000 19.518 ? 123 LEU BBB CG  1 
ATOM   982  C CD1 . LEU A 1 123 ? 14.488  9.233   -1.089  1.000 19.464 ? 123 LEU BBB CD1 1 
ATOM   983  C CD2 . LEU A 1 123 ? 13.787  10.851  0.685   1.000 19.455 ? 123 LEU BBB CD2 1 
ATOM   984  N N   . THR A 1 124 ? 16.251  7.348   3.933   1.000 19.529 ? 124 THR BBB N   1 
ATOM   985  C CA  . THR A 1 124 ? 16.142  6.100   4.737   1.000 19.477 ? 124 THR BBB CA  1 
ATOM   986  C C   . THR A 1 124 ? 15.655  6.443   6.150   1.000 19.321 ? 124 THR BBB C   1 
ATOM   987  O O   . THR A 1 124 ? 16.329  7.241   6.830   1.000 19.294 ? 124 THR BBB O   1 
ATOM   988  C CB  . THR A 1 124 ? 17.472  5.335   4.766   1.000 19.457 ? 124 THR BBB CB  1 
ATOM   989  O OG1 . THR A 1 124 ? 17.186  3.978   5.102   1.000 19.412 ? 124 THR BBB OG1 1 
ATOM   990  C CG2 . THR A 1 124 ? 18.470  5.911   5.747   1.000 19.445 ? 124 THR BBB CG2 1 
ATOM   991  N N   . GLY A 1 125 ? 14.517  5.870   6.555   1.000 19.252 ? 125 GLY BBB N   1 
ATOM   992  C CA  . GLY A 1 125 ? 13.954  5.994   7.914   1.000 19.249 ? 125 GLY BBB CA  1 
ATOM   993  C C   . GLY A 1 125 ? 13.198  7.298   8.100   1.000 19.203 ? 125 GLY BBB C   1 
ATOM   994  O O   . GLY A 1 125 ? 12.670  7.517   9.208   1.000 19.086 ? 125 GLY BBB O   1 
ATOM   995  N N   . ASN A 1 126 ? 13.139  8.128   7.056   1.000 19.240 ? 126 ASN BBB N   1 
ATOM   996  C CA  . ASN A 1 126 ? 12.509  9.476   7.087   1.000 19.394 ? 126 ASN BBB CA  1 
ATOM   997  C C   . ASN A 1 126 ? 11.288  9.494   6.161   1.000 19.565 ? 126 ASN BBB C   1 
ATOM   998  O O   . ASN A 1 126 ? 10.635  10.551  6.070   1.000 19.445 ? 126 ASN BBB O   1 
ATOM   999  C CB  . ASN A 1 126 ? 13.506  10.573  6.703   1.000 19.269 ? 126 ASN BBB CB  1 
ATOM   1000 C CG  . ASN A 1 126 ? 14.479  10.895  7.817   1.000 19.198 ? 126 ASN BBB CG  1 
ATOM   1001 O OD1 . ASN A 1 126 ? 14.104  10.922  8.987   1.000 19.143 ? 126 ASN BBB OD1 1 
ATOM   1002 N ND2 . ASN A 1 126 ? 15.731  11.142  7.464   1.000 19.073 ? 126 ASN BBB ND2 1 
ATOM   1003 N N   . VAL A 1 127 ? 10.996  8.366   5.506   1.000 19.861 ? 127 VAL BBB N   1 
ATOM   1004 C CA  . VAL A 1 127 ? 9.852   8.213   4.558   1.000 20.177 ? 127 VAL BBB CA  1 
ATOM   1005 C C   . VAL A 1 127 ? 8.782   7.330   5.210   1.000 20.613 ? 127 VAL BBB C   1 
ATOM   1006 O O   . VAL A 1 127 ? 9.099   6.175   5.561   1.000 20.719 ? 127 VAL BBB O   1 
ATOM   1007 C CB  . VAL A 1 127 ? 10.310  7.633   3.206   1.000 20.031 ? 127 VAL BBB CB  1 
ATOM   1008 C CG1 . VAL A 1 127 ? 9.127   7.221   2.342   1.000 19.954 ? 127 VAL BBB CG1 1 
ATOM   1009 C CG2 . VAL A 1 127 ? 11.211  8.600   2.453   1.000 19.969 ? 127 VAL BBB CG2 1 
ATOM   1010 N N   . ILE A 1 128 ? 7.570   7.868   5.370   1.000 21.135 ? 128 ILE BBB N   1 
ATOM   1011 C CA  . ILE A 1 128 ? 6.349   7.115   5.785   1.000 21.563 ? 128 ILE BBB CA  1 
ATOM   1012 C C   . ILE A 1 128 ? 5.375   7.078   4.603   1.000 22.055 ? 128 ILE BBB C   1 
ATOM   1013 O O   . ILE A 1 128 ? 5.029   8.160   4.088   1.000 22.009 ? 128 ILE BBB O   1 
ATOM   1014 C CB  . ILE A 1 128 ? 5.701   7.755   7.030   1.000 21.507 ? 128 ILE BBB CB  1 
ATOM   1015 C CG1 . ILE A 1 128 ? 6.639   7.730   8.239   1.000 21.597 ? 128 ILE BBB CG1 1 
ATOM   1016 C CG2 . ILE A 1 128 ? 4.367   7.093   7.340   1.000 21.613 ? 128 ILE BBB CG2 1 
ATOM   1017 C CD1 . ILE A 1 128 ? 6.536   6.472   9.071   1.000 21.786 ? 128 ILE BBB CD1 1 
ATOM   1018 N N   . ILE A 1 129 ? 4.963   5.877   4.186   1.000 22.621 ? 129 ILE BBB N   1 
ATOM   1019 C CA  . ILE A 1 129 ? 3.869   5.662   3.193   1.000 23.038 ? 129 ILE BBB CA  1 
ATOM   1020 C C   . ILE A 1 129 ? 2.543   5.555   3.952   1.000 23.300 ? 129 ILE BBB C   1 
ATOM   1021 O O   . ILE A 1 129 ? 2.352   4.552   4.667   1.000 23.533 ? 129 ILE BBB O   1 
ATOM   1022 C CB  . ILE A 1 129 ? 4.132   4.413   2.328   1.000 23.160 ? 129 ILE BBB CB  1 
ATOM   1023 C CG1 . ILE A 1 129 ? 5.570   4.370   1.807   1.000 23.219 ? 129 ILE BBB CG1 1 
ATOM   1024 C CG2 . ILE A 1 129 ? 3.120   4.328   1.196   1.000 23.188 ? 129 ILE BBB CG2 1 
ATOM   1025 C CD1 . ILE A 1 129 ? 5.750   5.004   0.447   1.000 23.385 ? 129 ILE BBB CD1 1 
ATOM   1026 N N   . GLU A 1 130 ? 1.676   6.563   3.810   1.000 23.560 ? 130 GLU BBB N   1 
ATOM   1027 C CA  . GLU A 1 130 ? 0.333   6.614   4.446   1.000 23.685 ? 130 GLU BBB CA  1 
ATOM   1028 C C   . GLU A 1 130 ? -0.707  6.063   3.465   1.000 23.833 ? 130 GLU BBB C   1 
ATOM   1029 O O   . GLU A 1 130 ? -1.101  6.804   2.544   1.000 23.853 ? 130 GLU BBB O   1 
ATOM   1030 C CB  . GLU A 1 130 ? -0.011  8.046   4.856   1.000 23.781 ? 130 GLU BBB CB  1 
ATOM   1031 C CG  . GLU A 1 130 ? -1.155  8.127   5.851   1.000 23.929 ? 130 GLU BBB CG  1 
ATOM   1032 C CD  . GLU A 1 130 ? -1.921  9.438   5.830   1.000 24.085 ? 130 GLU BBB CD  1 
ATOM   1033 O OE1 . GLU A 1 130 ? -2.330  9.865   4.731   1.000 24.279 ? 130 GLU BBB OE1 1 
ATOM   1034 O OE2 . GLU A 1 130 ? -2.104  10.029  6.912   1.000 24.322 ? 130 GLU BBB OE2 1 
ATOM   1035 N N   . THR A 1 131 ? -1.119  4.806   3.657   1.000 24.001 ? 131 THR BBB N   1 
ATOM   1036 C CA  . THR A 1 131 ? -2.123  4.102   2.816   1.000 24.273 ? 131 THR BBB CA  1 
ATOM   1037 C C   . THR A 1 131 ? -3.512  4.258   3.442   1.000 24.462 ? 131 THR BBB C   1 
ATOM   1038 O O   . THR A 1 131 ? -3.679  3.869   4.615   1.000 24.380 ? 131 THR BBB O   1 
ATOM   1039 C CB  . THR A 1 131 ? -1.761  2.622   2.639   1.000 24.257 ? 131 THR BBB CB  1 
ATOM   1040 O OG1 . THR A 1 131 ? -0.525  2.552   1.928   1.000 24.176 ? 131 THR BBB OG1 1 
ATOM   1041 C CG2 . THR A 1 131 ? -2.825  1.843   1.895   1.000 24.295 ? 131 THR BBB CG2 1 
ATOM   1042 N N   . LYS A 1 132 ? -4.461  4.815   2.683   1.000 24.920 ? 132 LYS BBB N   1 
ATOM   1043 C CA  . LYS A 1 132 ? -5.893  4.923   3.070   1.000 25.288 ? 132 LYS BBB CA  1 
ATOM   1044 C C   . LYS A 1 132 ? -6.708  3.921   2.247   1.000 25.572 ? 132 LYS BBB C   1 
ATOM   1045 O O   . LYS A 1 132 ? -6.643  3.978   1.003   1.000 25.534 ? 132 LYS BBB O   1 
ATOM   1046 C CB  . LYS A 1 132 ? -6.397  6.357   2.877   1.000 25.504 ? 132 LYS BBB CB  1 
ATOM   1047 C CG  . LYS A 1 132 ? -6.089  7.300   4.032   1.000 25.657 ? 132 LYS BBB CG  1 
ATOM   1048 C CD  . LYS A 1 132 ? -6.585  8.713   3.814   1.000 25.818 ? 132 LYS BBB CD  1 
ATOM   1049 C CE  . LYS A 1 132 ? -6.297  9.623   4.988   1.000 26.052 ? 132 LYS BBB CE  1 
ATOM   1050 N NZ  . LYS A 1 132 ? -6.634  11.034  4.681   1.000 26.432 ? 132 LYS BBB NZ  1 
ATOM   1051 N N   . PHE A 1 133 ? -7.433  3.036   2.936   1.000 25.935 ? 133 PHE BBB N   1 
ATOM   1052 C CA  . PHE A 1 133 ? -8.184  1.889   2.363   1.000 26.161 ? 133 PHE BBB CA  1 
ATOM   1053 C C   . PHE A 1 133 ? -9.663  2.273   2.251   1.000 26.123 ? 133 PHE BBB C   1 
ATOM   1054 O O   . PHE A 1 133 ? -10.324 2.429   3.298   1.000 26.237 ? 133 PHE BBB O   1 
ATOM   1055 C CB  . PHE A 1 133 ? -7.971  0.653   3.239   1.000 26.509 ? 133 PHE BBB CB  1 
ATOM   1056 C CG  . PHE A 1 133 ? -8.864  -0.523  2.937   1.000 26.889 ? 133 PHE BBB CG  1 
ATOM   1057 C CD1 . PHE A 1 133 ? -10.040 -0.367  2.219   1.000 27.235 ? 133 PHE BBB CD1 1 
ATOM   1058 C CD2 . PHE A 1 133 ? -8.546  -1.786  3.412   1.000 27.239 ? 133 PHE BBB CD2 1 
ATOM   1059 C CE1 . PHE A 1 133 ? -10.861 -1.454  1.959   1.000 27.336 ? 133 PHE BBB CE1 1 
ATOM   1060 C CE2 . PHE A 1 133 ? -9.369  -2.871  3.153   1.000 27.261 ? 133 PHE BBB CE2 1 
ATOM   1061 C CZ  . PHE A 1 133 ? -10.524 -2.703  2.427   1.000 27.323 ? 133 PHE BBB CZ  1 
ATOM   1062 N N   . PHE A 1 134 ? -10.150 2.463   1.021   1.000 26.000 ? 134 PHE BBB N   1 
ATOM   1063 C CA  . PHE A 1 134 ? -11.534 2.912   0.716   1.000 25.998 ? 134 PHE BBB CA  1 
ATOM   1064 C C   . PHE A 1 134 ? -12.324 1.791   0.038   1.000 26.244 ? 134 PHE BBB C   1 
ATOM   1065 O O   . PHE A 1 134 ? -11.745 1.024   -0.757  1.000 26.009 ? 134 PHE BBB O   1 
ATOM   1066 C CB  . PHE A 1 134 ? -11.530 4.138   -0.201  1.000 25.859 ? 134 PHE BBB CB  1 
ATOM   1067 C CG  . PHE A 1 134 ? -11.077 5.414   0.457   1.000 25.738 ? 134 PHE BBB CG  1 
ATOM   1068 C CD1 . PHE A 1 134 ? -11.960 6.182   1.199   1.000 25.689 ? 134 PHE BBB CD1 1 
ATOM   1069 C CD2 . PHE A 1 134 ? -9.767  5.845   0.335   1.000 25.695 ? 134 PHE BBB CD2 1 
ATOM   1070 C CE1 . PHE A 1 134 ? -11.539 7.356   1.804   1.000 25.698 ? 134 PHE BBB CE1 1 
ATOM   1071 C CE2 . PHE A 1 134 ? -9.348  7.018   0.941   1.000 25.746 ? 134 PHE BBB CE2 1 
ATOM   1072 C CZ  . PHE A 1 134 ? -10.234 7.771   1.674   1.000 25.721 ? 134 PHE BBB CZ  1 
ATOM   1073 N N   . ASP A 1 135 ? -13.623 1.732   0.336   1.000 26.696 ? 135 ASP BBB N   1 
ATOM   1074 C CA  . ASP A 1 135 ? -14.676 1.221   -0.580  1.000 27.074 ? 135 ASP BBB CA  1 
ATOM   1075 C C   . ASP A 1 135 ? -15.501 2.414   -1.072  1.000 27.267 ? 135 ASP BBB C   1 
ATOM   1076 O O   . ASP A 1 135 ? -16.252 2.988   -0.257  1.000 27.284 ? 135 ASP BBB O   1 
ATOM   1077 C CB  . ASP A 1 135 ? -15.556 0.174   0.106   1.000 27.073 ? 135 ASP BBB CB  1 
ATOM   1078 C CG  . ASP A 1 135 ? -16.599 -0.429  -0.819  1.000 27.126 ? 135 ASP BBB CG  1 
ATOM   1079 O OD1 . ASP A 1 135 ? -16.584 -0.086  -2.018  1.000 26.940 ? 135 ASP BBB OD1 1 
ATOM   1080 O OD2 . ASP A 1 135 ? -17.418 -1.233  -0.334  1.000 27.473 ? 135 ASP BBB OD2 1 
ATOM   1081 N N   . ASP A 1 136 ? -15.333 2.790   -2.342  1.000 27.677 ? 136 ASP BBB N   1 
ATOM   1082 C CA  . ASP A 1 136 ? -15.854 4.061   -2.915  1.000 28.401 ? 136 ASP BBB CA  1 
ATOM   1083 C C   . ASP A 1 136 ? -15.326 5.222   -2.065  1.000 28.292 ? 136 ASP BBB C   1 
ATOM   1084 O O   . ASP A 1 136 ? -14.097 5.429   -2.066  1.000 28.309 ? 136 ASP BBB O   1 
ATOM   1085 C CB  . ASP A 1 136 ? -17.381 4.032   -3.023  1.000 28.891 ? 136 ASP BBB CB  1 
ATOM   1086 C CG  . ASP A 1 136 ? -17.940 5.072   -3.978  1.000 29.367 ? 136 ASP BBB CG  1 
ATOM   1087 O OD1 . ASP A 1 136 ? -17.459 5.129   -5.128  1.000 29.504 ? 136 ASP BBB OD1 1 
ATOM   1088 O OD2 . ASP A 1 136 ? -18.845 5.824   -3.563  1.000 30.041 ? 136 ASP BBB OD2 1 
ATOM   1089 N N   . ASP A 1 137 ? -16.203 5.940   -1.356  1.000 28.368 ? 137 ASP BBB N   1 
ATOM   1090 C CA  . ASP A 1 137 ? -15.821 7.144   -0.567  1.000 28.469 ? 137 ASP BBB CA  1 
ATOM   1091 C C   . ASP A 1 137 ? -15.889 6.825   0.931   1.000 28.005 ? 137 ASP BBB C   1 
ATOM   1092 O O   . ASP A 1 137 ? -15.692 7.755   1.738   1.000 28.052 ? 137 ASP BBB O   1 
ATOM   1093 C CB  . ASP A 1 137 ? -16.681 8.354   -0.938  1.000 28.964 ? 137 ASP BBB CB  1 
ATOM   1094 C CG  . ASP A 1 137 ? -16.258 9.019   -2.238  1.000 29.514 ? 137 ASP BBB CG  1 
ATOM   1095 O OD1 . ASP A 1 137 ? -15.036 9.096   -2.485  1.000 29.791 ? 137 ASP BBB OD1 1 
ATOM   1096 O OD2 . ASP A 1 137 ? -17.151 9.443   -2.998  1.000 30.003 ? 137 ASP BBB OD2 1 
ATOM   1097 N N   . LEU A 1 138 ? -16.120 5.557   1.288   1.000 27.379 ? 138 LEU BBB N   1 
ATOM   1098 C CA  . LEU A 1 138 ? -16.082 5.073   2.694   1.000 27.006 ? 138 LEU BBB CA  1 
ATOM   1099 C C   . LEU A 1 138 ? -14.642 4.695   3.060   1.000 26.736 ? 138 LEU BBB C   1 
ATOM   1100 O O   . LEU A 1 138 ? -14.108 3.746   2.454   1.000 26.827 ? 138 LEU BBB O   1 
ATOM   1101 C CB  . LEU A 1 138 ? -17.023 3.875   2.856   1.000 26.952 ? 138 LEU BBB CB  1 
ATOM   1102 C CG  . LEU A 1 138 ? -17.130 3.324   4.277   1.000 26.962 ? 138 LEU BBB CG  1 
ATOM   1103 C CD1 . LEU A 1 138 ? -17.836 4.314   5.192   1.000 26.859 ? 138 LEU BBB CD1 1 
ATOM   1104 C CD2 . LEU A 1 138 ? -17.845 1.982   4.292   1.000 26.975 ? 138 LEU BBB CD2 1 
ATOM   1105 N N   . LEU A 1 139 ? -14.045 5.423   4.008   1.000 26.386 ? 139 LEU BBB N   1 
ATOM   1106 C CA  . LEU A 1 139 ? -12.708 5.121   4.587   1.000 26.202 ? 139 LEU BBB CA  1 
ATOM   1107 C C   . LEU A 1 139 ? -12.823 3.896   5.501   1.000 26.054 ? 139 LEU BBB C   1 
ATOM   1108 O O   . LEU A 1 139 ? -13.605 3.956   6.470   1.000 26.067 ? 139 LEU BBB O   1 
ATOM   1109 C CB  . LEU A 1 139 ? -12.205 6.343   5.362   1.000 26.112 ? 139 LEU BBB CB  1 
ATOM   1110 C CG  . LEU A 1 139 ? -10.842 6.176   6.032   1.000 26.173 ? 139 LEU BBB CG  1 
ATOM   1111 C CD1 . LEU A 1 139 ? -9.735  6.072   4.992   1.000 26.097 ? 139 LEU BBB CD1 1 
ATOM   1112 C CD2 . LEU A 1 139 ? -10.565 7.319   6.995   1.000 26.203 ? 139 LEU BBB CD2 1 
ATOM   1113 N N   . VAL A 1 140 ? -12.077 2.832   5.194   1.000 25.773 ? 140 VAL BBB N   1 
ATOM   1114 C CA  . VAL A 1 140 ? -12.137 1.523   5.911   1.000 25.809 ? 140 VAL BBB CA  1 
ATOM   1115 C C   . VAL A 1 140 ? -11.023 1.480   6.964   1.000 25.822 ? 140 VAL BBB C   1 
ATOM   1116 O O   . VAL A 1 140 ? -11.303 1.041   8.097   1.000 26.319 ? 140 VAL BBB O   1 
ATOM   1117 C CB  . VAL A 1 140 ? -12.032 0.337   4.933   1.000 25.752 ? 140 VAL BBB CB  1 
ATOM   1118 C CG1 . VAL A 1 140 ? -11.817 -0.977  5.666   1.000 25.666 ? 140 VAL BBB CG1 1 
ATOM   1119 C CG2 . VAL A 1 140 ? -13.246 0.253   4.020   1.000 25.822 ? 140 VAL BBB CG2 1 
ATOM   1120 N N   . SER A 1 141 ? -9.812  1.910   6.599   1.000 25.461 ? 141 SER BBB N   1 
ATOM   1121 C CA  . SER A 1 141 ? -8.612  1.891   7.476   1.000 25.186 ? 141 SER BBB CA  1 
ATOM   1122 C C   . SER A 1 141 ? -7.552  2.870   6.960   1.000 24.807 ? 141 SER BBB C   1 
ATOM   1123 O O   . SER A 1 141 ? -7.481  3.078   5.732   1.000 24.782 ? 141 SER BBB O   1 
ATOM   1124 C CB  . SER A 1 141 ? -8.051  0.498   7.590   1.000 25.258 ? 141 SER BBB CB  1 
ATOM   1125 O OG  . SER A 1 141 ? -7.348  0.138   6.409   1.000 25.116 ? 141 SER BBB OG  1 
ATOM   1126 N N   . THR A 1 142 ? -6.759  3.432   7.877   1.000 24.296 ? 142 THR BBB N   1 
ATOM   1127 C CA  . THR A 1 142 ? -5.516  4.198   7.596   1.000 23.810 ? 142 THR BBB CA  1 
ATOM   1128 C C   . THR A 1 142 ? -4.329  3.477   8.243   1.000 23.473 ? 142 THR BBB C   1 
ATOM   1129 O O   . THR A 1 142 ? -4.340  3.318   9.480   1.000 23.227 ? 142 THR BBB O   1 
ATOM   1130 C CB  . THR A 1 142 ? -5.629  5.641   8.100   1.000 23.744 ? 142 THR BBB CB  1 
ATOM   1131 O OG1 . THR A 1 142 ? -6.825  6.207   7.563   1.000 23.766 ? 142 THR BBB OG1 1 
ATOM   1132 C CG2 . THR A 1 142 ? -4.439  6.494   7.718   1.000 23.825 ? 142 THR BBB CG2 1 
ATOM   1133 N N   . SER A 1 143 ? -3.357  3.047   7.432   1.000 23.164 ? 143 SER BBB N   1 
ATOM   1134 C CA  . SER A 1 143 ? -2.125  2.339   7.869   1.000 22.887 ? 143 SER BBB CA  1 
ATOM   1135 C C   . SER A 1 143 ? -0.889  3.108   7.389   1.000 22.683 ? 143 SER BBB C   1 
ATOM   1136 O O   . SER A 1 143 ? -1.014  3.889   6.427   1.000 22.309 ? 143 SER BBB O   1 
ATOM   1137 C CB  . SER A 1 143 ? -2.115  0.916   7.374   1.000 22.843 ? 143 SER BBB CB  1 
ATOM   1138 O OG  . SER A 1 143 ? -2.222  0.872   5.960   1.000 22.808 ? 143 SER BBB OG  1 
ATOM   1139 N N   . ARG A 1 144 ? 0.259   2.881   8.038   1.000 22.654 ? 144 ARG BBB N   1 
ATOM   1140 C CA  . ARG A 1 144 ? 1.535   3.595   7.770   1.000 22.718 ? 144 ARG BBB CA  1 
ATOM   1141 C C   . ARG A 1 144 ? 2.691   2.589   7.758   1.000 22.279 ? 144 ARG BBB C   1 
ATOM   1142 O O   . ARG A 1 144 ? 2.685   1.672   8.603   1.000 22.417 ? 144 ARG BBB O   1 
ATOM   1143 C CB  . ARG A 1 144 ? 1.754   4.692   8.818   1.000 23.064 ? 144 ARG BBB CB  1 
ATOM   1144 C CG  . ARG A 1 144 ? 1.077   6.013   8.478   1.000 23.504 ? 144 ARG BBB CG  1 
ATOM   1145 C CD  . ARG A 1 144 ? 1.035   6.974   9.652   1.000 23.854 ? 144 ARG BBB CD  1 
ATOM   1146 N NE  . ARG A 1 144 ? -0.246  6.942   10.341  1.000 24.284 ? 144 ARG BBB NE  1 
ATOM   1147 C CZ  . ARG A 1 144 ? -1.263  7.758   10.081  1.000 24.492 ? 144 ARG BBB CZ  1 
ATOM   1148 N NH1 . ARG A 1 144 ? -2.391  7.647   10.761  1.000 24.638 ? 144 ARG BBB NH1 1 
ATOM   1149 N NH2 . ARG A 1 144 ? -1.148  8.684   9.146   1.000 24.700 ? 144 ARG BBB NH2 1 
ATOM   1150 N N   . VAL A 1 145 ? 3.628   2.750   6.821   1.000 21.751 ? 145 VAL BBB N   1 
ATOM   1151 C CA  . VAL A 1 145 ? 4.886   1.950   6.728   1.000 21.361 ? 145 VAL BBB CA  1 
ATOM   1152 C C   . VAL A 1 145 ? 6.073   2.912   6.622   1.000 21.101 ? 145 VAL BBB C   1 
ATOM   1153 O O   . VAL A 1 145 ? 6.096   3.719   5.673   1.000 21.055 ? 145 VAL BBB O   1 
ATOM   1154 C CB  . VAL A 1 145 ? 4.857   0.980   5.531   1.000 21.352 ? 145 VAL BBB CB  1 
ATOM   1155 C CG1 . VAL A 1 145 ? 6.078   0.072   5.516   1.000 21.344 ? 145 VAL BBB CG1 1 
ATOM   1156 C CG2 . VAL A 1 145 ? 3.578   0.158   5.494   1.000 21.368 ? 145 VAL BBB CG2 1 
ATOM   1157 N N   . ARG A 1 146 ? 7.012   2.831   7.571   1.000 20.871 ? 146 ARG BBB N   1 
ATOM   1158 C CA  A ARG A 1 146 ? 8.312   3.552   7.533   0.500 20.827 ? 146 ARG BBB CA  1 
ATOM   1159 C CA  B ARG A 1 146 ? 8.303   3.566   7.508   0.500 20.779 ? 146 ARG BBB CA  1 
ATOM   1160 C C   . ARG A 1 146 ? 9.279   2.774   6.631   1.000 20.782 ? 146 ARG BBB C   1 
ATOM   1161 O O   . ARG A 1 146 ? 9.474   1.573   6.896   1.000 20.605 ? 146 ARG BBB O   1 
ATOM   1162 C CB  A ARG A 1 146 ? 8.864   3.688   8.957   0.500 20.735 ? 146 ARG BBB CB  1 
ATOM   1163 C CB  B ARG A 1 146 ? 8.881   3.799   8.907   0.500 20.622 ? 146 ARG BBB CB  1 
ATOM   1164 C CG  A ARG A 1 146 ? 10.130  4.526   9.073   0.500 20.713 ? 146 ARG BBB CG  1 
ATOM   1165 C CG  B ARG A 1 146 ? 10.029  4.800   8.934   0.500 20.535 ? 146 ARG BBB CG  1 
ATOM   1166 C CD  A ARG A 1 146 ? 10.652  4.542   10.499  0.500 20.701 ? 146 ARG BBB CD  1 
ATOM   1167 C CD  B ARG A 1 146 ? 10.544  5.083   10.332  0.500 20.466 ? 146 ARG BBB CD  1 
ATOM   1168 N NE  A ARG A 1 146 ? 11.890  5.294   10.646  0.500 20.691 ? 146 ARG BBB NE  1 
ATOM   1169 N NE  B ARG A 1 146 ? 9.552   5.746   11.165  0.500 20.403 ? 146 ARG BBB NE  1 
ATOM   1170 C CZ  A ARG A 1 146 ? 12.641  5.299   11.743  0.500 20.618 ? 146 ARG BBB CZ  1 
ATOM   1171 C CZ  B ARG A 1 146 ? 9.285   7.047   11.128  0.500 20.318 ? 146 ARG BBB CZ  1 
ATOM   1172 N NH1 A ARG A 1 146 ? 12.281  4.583   12.794  0.500 20.627 ? 146 ARG BBB NH1 1 
ATOM   1173 N NH1 B ARG A 1 146 ? 8.366   7.557   11.929  0.500 20.340 ? 146 ARG BBB NH1 1 
ATOM   1174 N NH2 A ARG A 1 146 ? 13.750  6.016   11.783  0.500 20.538 ? 146 ARG BBB NH2 1 
ATOM   1175 N NH2 B ARG A 1 146 ? 9.935   7.834   10.287  0.500 20.224 ? 146 ARG BBB NH2 1 
ATOM   1176 N N   . LEU A 1 147 ? 9.835   3.436   5.612   1.000 21.044 ? 147 LEU BBB N   1 
ATOM   1177 C CA  . LEU A 1 147 ? 10.737  2.814   4.605   1.000 21.311 ? 147 LEU BBB CA  1 
ATOM   1178 C C   . LEU A 1 147 ? 12.196  3.021   5.022   1.000 21.415 ? 147 LEU BBB C   1 
ATOM   1179 O O   . LEU A 1 147 ? 12.558  4.160   5.380   1.000 21.174 ? 147 LEU BBB O   1 
ATOM   1180 C CB  . LEU A 1 147 ? 10.460  3.427   3.229   1.000 21.485 ? 147 LEU BBB CB  1 
ATOM   1181 C CG  . LEU A 1 147 ? 9.111   3.065   2.609   1.000 21.669 ? 147 LEU BBB CG  1 
ATOM   1182 C CD1 . LEU A 1 147 ? 9.035   3.533   1.164   1.000 21.821 ? 147 LEU BBB CD1 1 
ATOM   1183 C CD2 . LEU A 1 147 ? 8.856   1.568   2.699   1.000 21.798 ? 147 LEU BBB CD2 1 
ATOM   1184 N N   . PHE A 1 148 ? 12.987  1.945   4.996   1.000 21.813 ? 148 PHE BBB N   1 
ATOM   1185 C CA  . PHE A 1 148 ? 14.471  1.963   5.076   1.000 22.038 ? 148 PHE BBB CA  1 
ATOM   1186 C C   . PHE A 1 148 ? 15.040  1.460   3.747   1.000 22.330 ? 148 PHE BBB C   1 
ATOM   1187 O O   . PHE A 1 148 ? 14.622  0.382   3.285   1.000 22.390 ? 148 PHE BBB O   1 
ATOM   1188 C CB  . PHE A 1 148 ? 14.959  1.112   6.251   1.000 22.042 ? 148 PHE BBB CB  1 
ATOM   1189 C CG  . PHE A 1 148 ? 14.385  1.506   7.589   1.000 22.050 ? 148 PHE BBB CG  1 
ATOM   1190 C CD1 . PHE A 1 148 ? 14.899  2.584   8.290   1.000 21.952 ? 148 PHE BBB CD1 1 
ATOM   1191 C CD2 . PHE A 1 148 ? 13.327  0.804   8.141   1.000 22.048 ? 148 PHE BBB CD2 1 
ATOM   1192 C CE1 . PHE A 1 148 ? 14.368  2.949   9.518   1.000 22.035 ? 148 PHE BBB CE1 1 
ATOM   1193 C CE2 . PHE A 1 148 ? 12.797  1.169   9.369   1.000 22.052 ? 148 PHE BBB CE2 1 
ATOM   1194 C CZ  . PHE A 1 148 ? 13.319  2.241   10.054  1.000 22.076 ? 148 PHE BBB CZ  1 
ATOM   1195 N N   . TYR A 1 149 ? 15.940  2.241   3.143   1.000 22.934 ? 149 TYR BBB N   1 
ATOM   1196 C CA  . TYR A 1 149 ? 16.611  1.928   1.855   1.000 23.415 ? 149 TYR BBB CA  1 
ATOM   1197 C C   . TYR A 1 149 ? 17.997  1.346   2.145   1.000 23.638 ? 149 TYR BBB C   1 
ATOM   1198 O O   . TYR A 1 149 ? 18.833  2.047   2.748   1.000 23.609 ? 149 TYR BBB O   1 
ATOM   1199 C CB  . TYR A 1 149 ? 16.670  3.181   0.977   1.000 23.580 ? 149 TYR BBB CB  1 
ATOM   1200 C CG  . TYR A 1 149 ? 15.327  3.820   0.727   1.000 23.785 ? 149 TYR BBB CG  1 
ATOM   1201 C CD1 . TYR A 1 149 ? 14.494  3.362   -0.280  1.000 24.031 ? 149 TYR BBB CD1 1 
ATOM   1202 C CD2 . TYR A 1 149 ? 14.872  4.860   1.520   1.000 23.930 ? 149 TYR BBB CD2 1 
ATOM   1203 C CE1 . TYR A 1 149 ? 13.254  3.934   -0.508  1.000 24.109 ? 149 TYR BBB CE1 1 
ATOM   1204 C CE2 . TYR A 1 149 ? 13.635  5.446   1.305   1.000 23.989 ? 149 TYR BBB CE2 1 
ATOM   1205 C CZ  . TYR A 1 149 ? 12.823  4.981   0.287   1.000 24.133 ? 149 TYR BBB CZ  1 
ATOM   1206 O OH  . TYR A 1 149 ? 11.600  5.548   0.069   1.000 24.311 ? 149 TYR BBB OH  1 
ATOM   1207 N N   . VAL A 1 150 ? 18.213  0.088   1.748   1.000 24.183 ? 150 VAL BBB N   1 
ATOM   1208 C CA  . VAL A 1 150 ? 19.394  -0.738  2.138   1.000 24.750 ? 150 VAL BBB CA  1 
ATOM   1209 C C   . VAL A 1 150 ? 20.147  -1.158  0.869   1.000 24.905 ? 150 VAL BBB C   1 
ATOM   1210 O O   . VAL A 1 150 ? 19.650  -0.995  -0.246  1.000 25.356 ? 150 VAL BBB O   1 
ATOM   1211 C CB  . VAL A 1 150 ? 18.964  -1.963  2.968   1.000 25.017 ? 150 VAL BBB CB  1 
ATOM   1212 C CG1 . VAL A 1 150 ? 18.175  -1.554  4.203   1.000 25.160 ? 150 VAL BBB CG1 1 
ATOM   1213 C CG2 . VAL A 1 150 ? 18.173  -2.960  2.135   1.000 25.108 ? 150 VAL BBB CG2 1 
HETATM 1214 C C1  . FAR B 2 .   ? 10.002  4.433   -2.354  1.000 59.084 ? 201 FAR BBB C1  1 
HETATM 1215 C C2  . FAR B 2 .   ? 8.930   4.134   -3.356  1.000 59.442 ? 201 FAR BBB C2  1 
HETATM 1216 C C3  . FAR B 2 .   ? 8.279   2.978   -3.450  1.000 59.601 ? 201 FAR BBB C3  1 
HETATM 1217 C C5  . FAR B 2 .   ? 8.060   2.084   -2.260  1.000 59.239 ? 201 FAR BBB C5  1 
HETATM 1218 C C6  . FAR B 2 .   ? 6.725   1.360   -2.297  1.000 58.859 ? 201 FAR BBB C6  1 
HETATM 1219 C C7  . FAR B 2 .   ? 6.304   0.794   -0.973  1.000 58.394 ? 201 FAR BBB C7  1 
HETATM 1220 C C8  . FAR B 2 .   ? 5.207   0.094   -0.696  1.000 57.743 ? 201 FAR BBB C8  1 
HETATM 1221 C C9  . FAR B 2 .   ? 4.804   -0.210  0.719   1.000 57.033 ? 201 FAR BBB C9  1 
HETATM 1222 C C11 . FAR B 2 .   ? 3.402   0.270   1.050   1.000 56.704 ? 201 FAR BBB C11 1 
HETATM 1223 C C12 . FAR B 2 .   ? 2.540   -0.789  1.670   1.000 56.381 ? 201 FAR BBB C12 1 
HETATM 1224 C C13 . FAR B 2 .   ? 1.360   -1.231  1.260   1.000 56.113 ? 201 FAR BBB C13 1 
HETATM 1225 C C14 . FAR B 2 .   ? 0.990   -1.333  -0.189  1.000 56.046 ? 201 FAR BBB C14 1 
HETATM 1226 C C15 . FAR B 2 .   ? 0.266   -1.616  2.211   1.000 55.943 ? 201 FAR BBB C15 1 
HETATM 1227 C C4  . FAR B 2 .   ? 7.735   2.461   -4.747  1.000 59.598 ? 201 FAR BBB C4  1 
HETATM 1228 C C10 . FAR B 2 .   ? 4.275   -0.432  -1.747  1.000 57.883 ? 201 FAR BBB C10 1 
HETATM 1229 C C1  . EDO C 3 .   ? 12.441  -7.493  6.086   1.000 35.361 ? 202 EDO BBB C1  1 
HETATM 1230 O O1  . EDO C 3 .   ? 12.582  -6.801  7.311   1.000 35.418 ? 202 EDO BBB O1  1 
HETATM 1231 C C2  . EDO C 3 .   ? 11.902  -6.640  5.000   1.000 35.201 ? 202 EDO BBB C2  1 
HETATM 1232 O O2  . EDO C 3 .   ? 11.058  -5.611  5.476   1.000 35.058 ? 202 EDO BBB O2  1 
HETATM 1233 C C1  . EDO D 3 .   ? -8.667  3.130   11.496  1.000 40.773 ? 203 EDO BBB C1  1 
HETATM 1234 O O1  . EDO D 3 .   ? -7.752  3.159   10.418  1.000 40.086 ? 203 EDO BBB O1  1 
HETATM 1235 C C2  . EDO D 3 .   ? -9.297  1.801   11.692  1.000 40.972 ? 203 EDO BBB C2  1 
HETATM 1236 O O2  . EDO D 3 .   ? -8.944  1.192   12.919  1.000 41.081 ? 203 EDO BBB O2  1 
HETATM 1237 C C1  . EDO E 3 .   ? -16.866 -11.352 9.588   1.000 45.486 ? 204 EDO BBB C1  1 
HETATM 1238 O O1  . EDO E 3 .   ? -17.226 -11.138 10.938  1.000 45.443 ? 204 EDO BBB O1  1 
HETATM 1239 C C2  . EDO E 3 .   ? -16.063 -10.243 9.019   1.000 45.518 ? 204 EDO BBB C2  1 
HETATM 1240 O O2  . EDO E 3 .   ? -16.694 -8.983  9.140   1.000 45.600 ? 204 EDO BBB O2  1 
HETATM 1241 C C1  . EDO F 3 .   ? -4.411  -1.514  2.104   0.500 28.291 ? 205 EDO BBB C1  1 
HETATM 1242 O O1  . EDO F 3 .   ? -5.805  -1.421  2.320   0.500 28.376 ? 205 EDO BBB O1  1 
HETATM 1243 C C2  . EDO F 3 .   ? -3.958  -2.901  1.838   0.500 28.251 ? 205 EDO BBB C2  1 
HETATM 1244 O O2  . EDO F 3 .   ? -3.714  -3.150  0.468   0.500 28.339 ? 205 EDO BBB O2  1 
HETATM 1245 S S   . SO4 G 4 .   ? -4.466  0.638   -10.735 1.000 36.486 ? 206 SO4 BBB S   1 
HETATM 1246 O O1  . SO4 G 4 .   ? -5.393  1.689   -10.409 1.000 35.847 ? 206 SO4 BBB O1  1 
HETATM 1247 O O2  . SO4 G 4 .   ? -4.937  -0.076  -11.891 1.000 36.501 ? 206 SO4 BBB O2  1 
HETATM 1248 O O3  . SO4 G 4 .   ? -3.175  1.207   -11.015 1.000 36.660 ? 206 SO4 BBB O3  1 
HETATM 1249 O O4  . SO4 G 4 .   ? -4.358  -0.268  -9.624  1.000 36.394 ? 206 SO4 BBB O4  1 
HETATM 1250 S S   . SO4 H 4 .   ? -15.089 -3.759  -11.639 1.000 48.886 ? 207 SO4 BBB S   1 
HETATM 1251 O O1  . SO4 H 4 .   ? -15.955 -4.064  -12.747 1.000 49.190 ? 207 SO4 BBB O1  1 
HETATM 1252 O O2  . SO4 H 4 .   ? -15.858 -3.165  -10.580 1.000 48.355 ? 207 SO4 BBB O2  1 
HETATM 1253 O O3  . SO4 H 4 .   ? -14.071 -2.838  -12.066 1.000 49.310 ? 207 SO4 BBB O3  1 
HETATM 1254 O O4  . SO4 H 4 .   ? -14.473 -4.969  -11.167 1.000 48.451 ? 207 SO4 BBB O4  1 
HETATM 1255 S S   . SO4 I 4 .   ? -15.559 1.582   20.206  1.000 58.441 ? 208 SO4 BBB S   1 
HETATM 1256 O O1  . SO4 I 4 .   ? -16.856 1.903   19.674  1.000 57.814 ? 208 SO4 BBB O1  1 
HETATM 1257 O O2  . SO4 I 4 .   ? -15.414 0.154   20.288  1.000 57.999 ? 208 SO4 BBB O2  1 
HETATM 1258 O O3  . SO4 I 4 .   ? -14.541 2.120   19.343  1.000 58.079 ? 208 SO4 BBB O3  1 
HETATM 1259 O O4  . SO4 I 4 .   ? -15.424 2.154   21.519  1.000 58.835 ? 208 SO4 BBB O4  1 
HETATM 1260 O O   . HOH J 5 .   ? 19.031  4.645   -5.487  1.000 32.408 ? 301 HOH BBB O   1 
HETATM 1261 O O   . HOH J 5 .   ? -12.881 0.462   9.651   1.000 31.526 ? 302 HOH BBB O   1 
HETATM 1262 O O   . HOH J 5 .   ? 6.894   -4.121  10.341  1.000 24.993 ? 303 HOH BBB O   1 
HETATM 1263 O O   . HOH J 5 .   ? 0.005   0.540   5.150   1.000 24.094 ? 304 HOH BBB O   1 
HETATM 1264 O O   . HOH J 5 .   ? 15.373  16.426  10.436  1.000 25.772 ? 305 HOH BBB O   1 
HETATM 1265 O O   . HOH J 5 .   ? -21.230 -4.063  -1.413  1.000 33.854 ? 306 HOH BBB O   1 
HETATM 1266 O O   . HOH J 5 .   ? -2.663  -1.553  -5.826  1.000 29.983 ? 307 HOH BBB O   1 
HETATM 1267 O O   . HOH J 5 .   ? 11.907  11.603  9.923   1.000 26.786 ? 308 HOH BBB O   1 
HETATM 1268 O O   . HOH J 5 .   ? 1.486   2.420   3.714   1.000 23.006 ? 309 HOH BBB O   1 
HETATM 1269 O O   . HOH J 5 .   ? 3.259   -13.008 -7.485  1.000 40.043 ? 310 HOH BBB O   1 
HETATM 1270 O O   . HOH J 5 .   ? -0.504  1.090   10.337  1.000 17.916 ? 311 HOH BBB O   1 
HETATM 1271 O O   . HOH J 5 .   ? 17.679  -6.082  4.770   1.000 33.085 ? 312 HOH BBB O   1 
HETATM 1272 O O   . HOH J 5 .   ? -15.086 7.400   -4.406  1.000 29.148 ? 313 HOH BBB O   1 
HETATM 1273 O O   . HOH J 5 .   ? -19.491 -12.658 3.268   1.000 21.438 ? 314 HOH BBB O   1 
HETATM 1274 O O   . HOH J 5 .   ? -3.035  3.572   11.690  1.000 16.604 ? 315 HOH BBB O   1 
HETATM 1275 O O   . HOH J 5 .   ? -3.240  -15.949 -0.864  1.000 31.876 ? 316 HOH BBB O   1 
HETATM 1276 O O   . HOH J 5 .   ? 21.895  7.457   6.080   1.000 14.765 ? 317 HOH BBB O   1 
HETATM 1277 O O   . HOH J 5 .   ? -10.671 -12.453 5.031   1.000 27.974 ? 318 HOH BBB O   1 
HETATM 1278 O O   . HOH J 5 .   ? -4.867  7.922   11.587  1.000 25.038 ? 319 HOH BBB O   1 
HETATM 1279 O O   . HOH J 5 .   ? -8.690  -7.028  10.007  1.000 24.060 ? 320 HOH BBB O   1 
HETATM 1280 O O   . HOH J 5 .   ? -0.608  -11.658 5.896   1.000 24.363 ? 321 HOH BBB O   1 
HETATM 1281 O O   . HOH J 5 .   ? -15.778 -4.726  13.320  1.000 17.441 ? 322 HOH BBB O   1 
HETATM 1282 O O   . HOH J 5 .   ? -6.367  -2.432  6.590   1.000 31.258 ? 323 HOH BBB O   1 
HETATM 1283 O O   . HOH J 5 .   ? -12.651 -6.416  -9.547  1.000 23.489 ? 324 HOH BBB O   1 
HETATM 1284 O O   . HOH J 5 .   ? -3.749  12.137  4.815   1.000 30.325 ? 325 HOH BBB O   1 
HETATM 1285 O O   . HOH J 5 .   ? -13.798 -7.741  4.366   1.000 22.014 ? 326 HOH BBB O   1 
HETATM 1286 O O   . HOH J 5 .   ? 4.887   -7.907  4.250   1.000 36.088 ? 327 HOH BBB O   1 
HETATM 1287 O O   . HOH J 5 .   ? -4.776  1.209   5.147   1.000 43.079 ? 328 HOH BBB O   1 
HETATM 1288 O O   . HOH J 5 .   ? 9.685   17.745  5.017   1.000 24.485 ? 329 HOH BBB O   1 
HETATM 1289 O O   . HOH J 5 .   ? -3.136  8.582   2.218   1.000 18.595 ? 330 HOH BBB O   1 
HETATM 1290 O O   . HOH J 5 .   ? -0.713  -3.292  -6.083  1.000 34.328 ? 331 HOH BBB O   1 
HETATM 1291 O O   . HOH J 5 .   ? -8.186  6.026   -4.882  1.000 24.709 ? 332 HOH BBB O   1 
HETATM 1292 O O   . HOH J 5 .   ? -8.809  5.494   9.388   1.000 34.047 ? 333 HOH BBB O   1 
HETATM 1293 O O   . HOH J 5 .   ? -11.557 -16.122 0.457   1.000 29.690 ? 334 HOH BBB O   1 
HETATM 1294 O O   . HOH J 5 .   ? -2.726  -14.549 5.344   1.000 25.487 ? 335 HOH BBB O   1 
HETATM 1295 O O   . HOH J 5 .   ? 17.318  12.025  9.578   1.000 18.272 ? 336 HOH BBB O   1 
HETATM 1296 O O   . HOH J 5 .   ? 12.377  -9.101  0.100   1.000 22.661 ? 337 HOH BBB O   1 
HETATM 1297 O O   . HOH J 5 .   ? 25.011  8.698   0.509   1.000 19.088 ? 338 HOH BBB O   1 
HETATM 1298 O O   . HOH J 5 .   ? -21.792 -7.945  7.195   1.000 11.627 ? 339 HOH BBB O   1 
HETATM 1299 O O   . HOH J 5 .   ? -1.494  7.800   -8.933  1.000 27.201 ? 340 HOH BBB O   1 
HETATM 1300 O O   . HOH J 5 .   ? -20.581 -8.097  2.665   1.000 12.924 ? 341 HOH BBB O   1 
HETATM 1301 O O   . HOH J 5 .   ? -11.831 0.870   12.661  1.000 35.655 ? 342 HOH BBB O   1 
HETATM 1302 O O   . HOH J 5 .   ? -5.696  -4.610  7.807   1.000 27.512 ? 343 HOH BBB O   1 
HETATM 1303 O O   . HOH J 5 .   ? 17.920  8.816   -5.165  1.000 28.962 ? 344 HOH BBB O   1 
HETATM 1304 O O   . HOH J 5 .   ? -16.472 -2.035  18.543  1.000 21.186 ? 345 HOH BBB O   1 
HETATM 1305 O O   . HOH J 5 .   ? -11.341 -16.601 -4.185  1.000 24.519 ? 346 HOH BBB O   1 
HETATM 1306 O O   . HOH J 5 .   ? 9.247   10.837  9.544   1.000 27.097 ? 347 HOH BBB O   1 
HETATM 1307 O O   . HOH J 5 .   ? -4.672  -16.619 -3.815  1.000 35.368 ? 348 HOH BBB O   1 
HETATM 1308 O O   . HOH J 5 .   ? 7.800   -12.039 5.824   1.000 35.336 ? 349 HOH BBB O   1 
HETATM 1309 O O   . HOH J 5 .   ? 21.512  -0.892  -4.923  1.000 19.560 ? 350 HOH BBB O   1 
HETATM 1310 O O   . HOH J 5 .   ? -0.813  16.820  4.214   1.000 18.930 ? 351 HOH BBB O   1 
HETATM 1311 O O   . HOH J 5 .   ? -22.963 -5.145  0.600   1.000 17.395 ? 352 HOH BBB O   1 
HETATM 1312 O O   . HOH J 5 .   ? -20.358 8.959   -4.824  1.000 42.857 ? 353 HOH BBB O   1 
HETATM 1313 O O   . HOH J 5 .   ? -8.404  5.644   -7.479  1.000 31.351 ? 354 HOH BBB O   1 
HETATM 1314 O O   . HOH J 5 .   ? 2.365   10.554  8.771   1.000 22.823 ? 355 HOH BBB O   1 
HETATM 1315 O O   . HOH J 5 .   ? -7.523  -4.531  -11.355 1.000 43.863 ? 356 HOH BBB O   1 
HETATM 1316 O O   . HOH J 5 .   ? 3.627   8.881   11.049  1.000 28.891 ? 357 HOH BBB O   1 
HETATM 1317 O O   . HOH J 5 .   ? 12.196  -13.951 -8.339  1.000 45.966 ? 358 HOH BBB O   1 
HETATM 1318 O O   . HOH J 5 .   ? -8.809  8.715   -7.872  1.000 28.139 ? 359 HOH BBB O   1 
# 
